data_1LMN
# 
_entry.id   1LMN 
# 
_audit_conform.dict_name       mmcif_pdbx.dic 
_audit_conform.dict_version    5.398 
_audit_conform.dict_location   http://mmcif.pdb.org/dictionaries/ascii/mmcif_pdbx.dic 
# 
loop_
_database_2.database_id 
_database_2.database_code 
_database_2.pdbx_database_accession 
_database_2.pdbx_DOI 
PDB   1LMN         pdb_00001lmn 10.2210/pdb1lmn/pdb 
WWPDB D_1000174762 ?            ?                   
# 
loop_
_pdbx_audit_revision_history.ordinal 
_pdbx_audit_revision_history.data_content_type 
_pdbx_audit_revision_history.major_revision 
_pdbx_audit_revision_history.minor_revision 
_pdbx_audit_revision_history.revision_date 
1 'Structure model' 1 0 1995-02-07 
2 'Structure model' 1 1 2008-03-24 
3 'Structure model' 1 2 2011-07-13 
4 'Structure model' 2 0 2023-07-26 
5 'Structure model' 2 1 2024-10-30 
# 
loop_
_pdbx_audit_revision_details.ordinal 
_pdbx_audit_revision_details.revision_ordinal 
_pdbx_audit_revision_details.data_content_type 
_pdbx_audit_revision_details.provider 
_pdbx_audit_revision_details.type 
_pdbx_audit_revision_details.description 
_pdbx_audit_revision_details.details 
1 1 'Structure model' repository 'Initial release' ? ? 
2 4 'Structure model' repository Remediation       ? 
'Coordinates and associated ncs operations (if present) transformed into standard crystal frame' 
# 
loop_
_pdbx_audit_revision_group.ordinal 
_pdbx_audit_revision_group.revision_ordinal 
_pdbx_audit_revision_group.data_content_type 
_pdbx_audit_revision_group.group 
1  2 'Structure model' 'Version format compliance' 
2  3 'Structure model' Advisory                    
3  3 'Structure model' 'Version format compliance' 
4  4 'Structure model' Advisory                    
5  4 'Structure model' 'Atomic model'              
6  4 'Structure model' 'Data collection'           
7  4 'Structure model' 'Database references'       
8  4 'Structure model' 'Derived calculations'      
9  4 'Structure model' Other                       
10 5 'Structure model' 'Data collection'           
11 5 'Structure model' 'Structure summary'         
# 
loop_
_pdbx_audit_revision_category.ordinal 
_pdbx_audit_revision_category.revision_ordinal 
_pdbx_audit_revision_category.data_content_type 
_pdbx_audit_revision_category.category 
1  4 'Structure model' atom_site                 
2  4 'Structure model' atom_sites                
3  4 'Structure model' database_2                
4  4 'Structure model' database_PDB_matrix       
5  4 'Structure model' pdbx_database_remark      
6  4 'Structure model' pdbx_validate_rmsd_angle  
7  4 'Structure model' struct_conn               
8  4 'Structure model' struct_ref_seq_dif        
9  5 'Structure model' chem_comp_atom            
10 5 'Structure model' chem_comp_bond            
11 5 'Structure model' pdbx_entry_details        
12 5 'Structure model' pdbx_modification_feature 
# 
loop_
_pdbx_audit_revision_item.ordinal 
_pdbx_audit_revision_item.revision_ordinal 
_pdbx_audit_revision_item.data_content_type 
_pdbx_audit_revision_item.item 
1  4 'Structure model' '_atom_site.Cartn_x'                    
2  4 'Structure model' '_atom_site.Cartn_y'                    
3  4 'Structure model' '_atom_sites.fract_transf_matrix[1][1]' 
4  4 'Structure model' '_atom_sites.fract_transf_matrix[1][2]' 
5  4 'Structure model' '_atom_sites.fract_transf_matrix[2][1]' 
6  4 'Structure model' '_atom_sites.fract_transf_matrix[2][2]' 
7  4 'Structure model' '_database_2.pdbx_DOI'                  
8  4 'Structure model' '_database_2.pdbx_database_accession'   
9  4 'Structure model' '_database_PDB_matrix.origx[1][1]'      
10 4 'Structure model' '_database_PDB_matrix.origx[1][2]'      
11 4 'Structure model' '_database_PDB_matrix.origx[2][1]'      
12 4 'Structure model' '_database_PDB_matrix.origx[2][2]'      
13 4 'Structure model' '_struct_conn.pdbx_dist_value'          
14 4 'Structure model' '_struct_ref_seq_dif.details'           
# 
_pdbx_database_status.status_code                     REL 
_pdbx_database_status.entry_id                        1LMN 
_pdbx_database_status.recvd_initial_deposition_date   1994-10-19 
_pdbx_database_status.deposit_site                    ? 
_pdbx_database_status.process_site                    BNL 
_pdbx_database_status.status_code_sf                  REL 
_pdbx_database_status.status_code_mr                  ? 
_pdbx_database_status.SG_entry                        ? 
_pdbx_database_status.pdb_format_compatible           Y 
_pdbx_database_status.status_code_cs                  ? 
_pdbx_database_status.status_code_nmr_data            ? 
_pdbx_database_status.methods_development_category    ? 
# 
loop_
_audit_author.name 
_audit_author.pdbx_ordinal 
'Karlsen, S.' 1 
'Hough, E.'   2 
# 
loop_
_citation.id 
_citation.title 
_citation.journal_abbrev 
_citation.journal_volume 
_citation.page_first 
_citation.page_last 
_citation.year 
_citation.journal_id_ASTM 
_citation.country 
_citation.journal_id_ISSN 
_citation.journal_id_CSD 
_citation.book_publisher 
_citation.pdbx_database_id_PubMed 
_citation.pdbx_database_id_DOI 
primary 'Refined crystal structure of lysozyme from the rainbow trout (Oncorhynchus mykiss).'     'Acta Crystallogr.,Sect.D' 51  
354 367 1995 ABCRE6 DK 0907-4449 0766 ? 15299303 10.1107/S0907444994010929 
1       'Purification and Characterization of Two Lysozymes from Rainbow Trout (Salmo Gairdneri)' Eur.J.Biochem.             173 
269 ?   1988 EJBCAI IX 0014-2956 0262 ? ?        ?                         
# 
loop_
_citation_author.citation_id 
_citation_author.name 
_citation_author.ordinal 
_citation_author.identifier_ORCID 
primary 'Karlsen, S.'    1  ? 
primary 'Eliassen, B.E.' 2  ? 
primary 'Hansen, L.K.'   3  ? 
primary 'Larsen, R.L.'   4  ? 
primary 'Riise, B.W.'    5  ? 
primary 'Smalas, A.O.'   6  ? 
primary 'Hough, E.'      7  ? 
primary 'Grinde, B.'     8  ? 
1       'Grinde, B.'     9  ? 
1       'Jolles, J.'     10 ? 
1       'Jolles, P.'     11 ? 
# 
loop_
_entity.id 
_entity.type 
_entity.src_method 
_entity.pdbx_description 
_entity.formula_weight 
_entity.pdbx_number_of_molecules 
_entity.pdbx_ec 
_entity.pdbx_mutation 
_entity.pdbx_fragment 
_entity.details 
1 polymer man 'RAINBOW TROUT LYSOZYME' 14303.068 1   3.2.1.17 ? ? ? 
2 water   nat water                    18.015    127 ?        ? ? ? 
# 
_entity_poly.entity_id                      1 
_entity_poly.type                           'polypeptide(L)' 
_entity_poly.nstd_linkage                   no 
_entity_poly.nstd_monomer                   no 
_entity_poly.pdbx_seq_one_letter_code       
;KVYDRCELARALKASGMDGYAGNSLPNWVCLSKWESSYNTQATNRNTDGSTDYGIFQINSRYWCDDGRTPGAKNVCGIRC
SQLLTDDLTVAIRCAKRVVLDPNGIGAWVAWRLHCQNQDLRSYVAGCGV
;
_entity_poly.pdbx_seq_one_letter_code_can   
;KVYDRCELARALKASGMDGYAGNSLPNWVCLSKWESSYNTQATNRNTDGSTDYGIFQINSRYWCDDGRTPGAKNVCGIRC
SQLLTDDLTVAIRCAKRVVLDPNGIGAWVAWRLHCQNQDLRSYVAGCGV
;
_entity_poly.pdbx_strand_id                 A 
_entity_poly.pdbx_target_identifier         ? 
# 
_pdbx_entity_nonpoly.entity_id   2 
_pdbx_entity_nonpoly.name        water 
_pdbx_entity_nonpoly.comp_id     HOH 
# 
loop_
_entity_poly_seq.entity_id 
_entity_poly_seq.num 
_entity_poly_seq.mon_id 
_entity_poly_seq.hetero 
1 1   LYS n 
1 2   VAL n 
1 3   TYR n 
1 4   ASP n 
1 5   ARG n 
1 6   CYS n 
1 7   GLU n 
1 8   LEU n 
1 9   ALA n 
1 10  ARG n 
1 11  ALA n 
1 12  LEU n 
1 13  LYS n 
1 14  ALA n 
1 15  SER n 
1 16  GLY n 
1 17  MET n 
1 18  ASP n 
1 19  GLY n 
1 20  TYR n 
1 21  ALA n 
1 22  GLY n 
1 23  ASN n 
1 24  SER n 
1 25  LEU n 
1 26  PRO n 
1 27  ASN n 
1 28  TRP n 
1 29  VAL n 
1 30  CYS n 
1 31  LEU n 
1 32  SER n 
1 33  LYS n 
1 34  TRP n 
1 35  GLU n 
1 36  SER n 
1 37  SER n 
1 38  TYR n 
1 39  ASN n 
1 40  THR n 
1 41  GLN n 
1 42  ALA n 
1 43  THR n 
1 44  ASN n 
1 45  ARG n 
1 46  ASN n 
1 47  THR n 
1 48  ASP n 
1 49  GLY n 
1 50  SER n 
1 51  THR n 
1 52  ASP n 
1 53  TYR n 
1 54  GLY n 
1 55  ILE n 
1 56  PHE n 
1 57  GLN n 
1 58  ILE n 
1 59  ASN n 
1 60  SER n 
1 61  ARG n 
1 62  TYR n 
1 63  TRP n 
1 64  CYS n 
1 65  ASP n 
1 66  ASP n 
1 67  GLY n 
1 68  ARG n 
1 69  THR n 
1 70  PRO n 
1 71  GLY n 
1 72  ALA n 
1 73  LYS n 
1 74  ASN n 
1 75  VAL n 
1 76  CYS n 
1 77  GLY n 
1 78  ILE n 
1 79  ARG n 
1 80  CYS n 
1 81  SER n 
1 82  GLN n 
1 83  LEU n 
1 84  LEU n 
1 85  THR n 
1 86  ASP n 
1 87  ASP n 
1 88  LEU n 
1 89  THR n 
1 90  VAL n 
1 91  ALA n 
1 92  ILE n 
1 93  ARG n 
1 94  CYS n 
1 95  ALA n 
1 96  LYS n 
1 97  ARG n 
1 98  VAL n 
1 99  VAL n 
1 100 LEU n 
1 101 ASP n 
1 102 PRO n 
1 103 ASN n 
1 104 GLY n 
1 105 ILE n 
1 106 GLY n 
1 107 ALA n 
1 108 TRP n 
1 109 VAL n 
1 110 ALA n 
1 111 TRP n 
1 112 ARG n 
1 113 LEU n 
1 114 HIS n 
1 115 CYS n 
1 116 GLN n 
1 117 ASN n 
1 118 GLN n 
1 119 ASP n 
1 120 LEU n 
1 121 ARG n 
1 122 SER n 
1 123 TYR n 
1 124 VAL n 
1 125 ALA n 
1 126 GLY n 
1 127 CYS n 
1 128 GLY n 
1 129 VAL n 
# 
_entity_src_gen.entity_id                          1 
_entity_src_gen.pdbx_src_id                        1 
_entity_src_gen.pdbx_alt_source_flag               sample 
_entity_src_gen.pdbx_seq_type                      ? 
_entity_src_gen.pdbx_beg_seq_num                   ? 
_entity_src_gen.pdbx_end_seq_num                   ? 
_entity_src_gen.gene_src_common_name               'rainbow trout' 
_entity_src_gen.gene_src_genus                     Oncorhynchus 
_entity_src_gen.pdbx_gene_src_gene                 ? 
_entity_src_gen.gene_src_species                   ? 
_entity_src_gen.gene_src_strain                    ? 
_entity_src_gen.gene_src_tissue                    ? 
_entity_src_gen.gene_src_tissue_fraction           ? 
_entity_src_gen.gene_src_details                   ? 
_entity_src_gen.pdbx_gene_src_fragment             ? 
_entity_src_gen.pdbx_gene_src_scientific_name      'Oncorhynchus mykiss' 
_entity_src_gen.pdbx_gene_src_ncbi_taxonomy_id     8022 
_entity_src_gen.pdbx_gene_src_variant              ? 
_entity_src_gen.pdbx_gene_src_cell_line            ? 
_entity_src_gen.pdbx_gene_src_atcc                 ? 
_entity_src_gen.pdbx_gene_src_organ                ? 
_entity_src_gen.pdbx_gene_src_organelle            ? 
_entity_src_gen.pdbx_gene_src_cell                 ? 
_entity_src_gen.pdbx_gene_src_cellular_location    ? 
_entity_src_gen.host_org_common_name               ? 
_entity_src_gen.pdbx_host_org_scientific_name      ? 
_entity_src_gen.pdbx_host_org_ncbi_taxonomy_id     ? 
_entity_src_gen.host_org_genus                     ? 
_entity_src_gen.pdbx_host_org_gene                 ? 
_entity_src_gen.pdbx_host_org_organ                ? 
_entity_src_gen.host_org_species                   ? 
_entity_src_gen.pdbx_host_org_tissue               ? 
_entity_src_gen.pdbx_host_org_tissue_fraction      ? 
_entity_src_gen.pdbx_host_org_strain               ? 
_entity_src_gen.pdbx_host_org_variant              ? 
_entity_src_gen.pdbx_host_org_cell_line            ? 
_entity_src_gen.pdbx_host_org_atcc                 ? 
_entity_src_gen.pdbx_host_org_culture_collection   ? 
_entity_src_gen.pdbx_host_org_cell                 ? 
_entity_src_gen.pdbx_host_org_organelle            ? 
_entity_src_gen.pdbx_host_org_cellular_location    ? 
_entity_src_gen.pdbx_host_org_vector_type          ? 
_entity_src_gen.pdbx_host_org_vector               ? 
_entity_src_gen.host_org_details                   ? 
_entity_src_gen.expression_system_id               ? 
_entity_src_gen.plasmid_name                       ? 
_entity_src_gen.plasmid_details                    ? 
_entity_src_gen.pdbx_description                   ? 
# 
loop_
_chem_comp.id 
_chem_comp.type 
_chem_comp.mon_nstd_flag 
_chem_comp.name 
_chem_comp.pdbx_synonyms 
_chem_comp.formula 
_chem_comp.formula_weight 
ALA 'L-peptide linking' y ALANINE         ? 'C3 H7 N O2'     89.093  
ARG 'L-peptide linking' y ARGININE        ? 'C6 H15 N4 O2 1' 175.209 
ASN 'L-peptide linking' y ASPARAGINE      ? 'C4 H8 N2 O3'    132.118 
ASP 'L-peptide linking' y 'ASPARTIC ACID' ? 'C4 H7 N O4'     133.103 
CYS 'L-peptide linking' y CYSTEINE        ? 'C3 H7 N O2 S'   121.158 
GLN 'L-peptide linking' y GLUTAMINE       ? 'C5 H10 N2 O3'   146.144 
GLU 'L-peptide linking' y 'GLUTAMIC ACID' ? 'C5 H9 N O4'     147.129 
GLY 'peptide linking'   y GLYCINE         ? 'C2 H5 N O2'     75.067  
HIS 'L-peptide linking' y HISTIDINE       ? 'C6 H10 N3 O2 1' 156.162 
HOH non-polymer         . WATER           ? 'H2 O'           18.015  
ILE 'L-peptide linking' y ISOLEUCINE      ? 'C6 H13 N O2'    131.173 
LEU 'L-peptide linking' y LEUCINE         ? 'C6 H13 N O2'    131.173 
LYS 'L-peptide linking' y LYSINE          ? 'C6 H15 N2 O2 1' 147.195 
MET 'L-peptide linking' y METHIONINE      ? 'C5 H11 N O2 S'  149.211 
PHE 'L-peptide linking' y PHENYLALANINE   ? 'C9 H11 N O2'    165.189 
PRO 'L-peptide linking' y PROLINE         ? 'C5 H9 N O2'     115.130 
SER 'L-peptide linking' y SERINE          ? 'C3 H7 N O3'     105.093 
THR 'L-peptide linking' y THREONINE       ? 'C4 H9 N O3'     119.119 
TRP 'L-peptide linking' y TRYPTOPHAN      ? 'C11 H12 N2 O2'  204.225 
TYR 'L-peptide linking' y TYROSINE        ? 'C9 H11 N O3'    181.189 
VAL 'L-peptide linking' y VALINE          ? 'C5 H11 N O2'    117.146 
# 
loop_
_pdbx_poly_seq_scheme.asym_id 
_pdbx_poly_seq_scheme.entity_id 
_pdbx_poly_seq_scheme.seq_id 
_pdbx_poly_seq_scheme.mon_id 
_pdbx_poly_seq_scheme.ndb_seq_num 
_pdbx_poly_seq_scheme.pdb_seq_num 
_pdbx_poly_seq_scheme.auth_seq_num 
_pdbx_poly_seq_scheme.pdb_mon_id 
_pdbx_poly_seq_scheme.auth_mon_id 
_pdbx_poly_seq_scheme.pdb_strand_id 
_pdbx_poly_seq_scheme.pdb_ins_code 
_pdbx_poly_seq_scheme.hetero 
A 1 1   LYS 1   1   1   LYS LYS A . n 
A 1 2   VAL 2   2   2   VAL VAL A . n 
A 1 3   TYR 3   3   3   TYR TYR A . n 
A 1 4   ASP 4   4   4   ASP ASP A . n 
A 1 5   ARG 5   5   5   ARG ARG A . n 
A 1 6   CYS 6   6   6   CYS CYS A . n 
A 1 7   GLU 7   7   7   GLU GLU A . n 
A 1 8   LEU 8   8   8   LEU LEU A . n 
A 1 9   ALA 9   9   9   ALA ALA A . n 
A 1 10  ARG 10  10  10  ARG ARG A . n 
A 1 11  ALA 11  11  11  ALA ALA A . n 
A 1 12  LEU 12  12  12  LEU LEU A . n 
A 1 13  LYS 13  13  13  LYS LYS A . n 
A 1 14  ALA 14  14  14  ALA ALA A . n 
A 1 15  SER 15  15  15  SER SER A . n 
A 1 16  GLY 16  16  16  GLY GLY A . n 
A 1 17  MET 17  17  17  MET MET A . n 
A 1 18  ASP 18  18  18  ASP ASP A . n 
A 1 19  GLY 19  19  19  GLY GLY A . n 
A 1 20  TYR 20  20  20  TYR TYR A . n 
A 1 21  ALA 21  21  21  ALA ALA A . n 
A 1 22  GLY 22  22  22  GLY GLY A . n 
A 1 23  ASN 23  23  23  ASN ASN A . n 
A 1 24  SER 24  24  24  SER SER A . n 
A 1 25  LEU 25  25  25  LEU LEU A . n 
A 1 26  PRO 26  26  26  PRO PRO A . n 
A 1 27  ASN 27  27  27  ASN ASN A . n 
A 1 28  TRP 28  28  28  TRP TRP A . n 
A 1 29  VAL 29  29  29  VAL VAL A . n 
A 1 30  CYS 30  30  30  CYS CYS A . n 
A 1 31  LEU 31  31  31  LEU LEU A . n 
A 1 32  SER 32  32  32  SER SER A . n 
A 1 33  LYS 33  33  33  LYS LYS A . n 
A 1 34  TRP 34  34  34  TRP TRP A . n 
A 1 35  GLU 35  35  35  GLU GLU A . n 
A 1 36  SER 36  36  36  SER SER A . n 
A 1 37  SER 37  37  37  SER SER A . n 
A 1 38  TYR 38  38  38  TYR TYR A . n 
A 1 39  ASN 39  39  39  ASN ASN A . n 
A 1 40  THR 40  40  40  THR THR A . n 
A 1 41  GLN 41  41  41  GLN GLN A . n 
A 1 42  ALA 42  42  42  ALA ALA A . n 
A 1 43  THR 43  43  43  THR THR A . n 
A 1 44  ASN 44  44  44  ASN ASN A . n 
A 1 45  ARG 45  45  45  ARG ARG A . n 
A 1 46  ASN 46  46  46  ASN ASN A . n 
A 1 47  THR 47  47  47  THR THR A . n 
A 1 48  ASP 48  48  48  ASP ASP A . n 
A 1 49  GLY 49  49  49  GLY GLY A . n 
A 1 50  SER 50  50  50  SER SER A . n 
A 1 51  THR 51  51  51  THR THR A . n 
A 1 52  ASP 52  52  52  ASP ASP A . n 
A 1 53  TYR 53  53  53  TYR TYR A . n 
A 1 54  GLY 54  54  54  GLY GLY A . n 
A 1 55  ILE 55  55  55  ILE ILE A . n 
A 1 56  PHE 56  56  56  PHE PHE A . n 
A 1 57  GLN 57  57  57  GLN GLN A . n 
A 1 58  ILE 58  58  58  ILE ILE A . n 
A 1 59  ASN 59  59  59  ASN ASN A . n 
A 1 60  SER 60  60  60  SER SER A . n 
A 1 61  ARG 61  61  61  ARG ARG A . n 
A 1 62  TYR 62  62  62  TYR TYR A . n 
A 1 63  TRP 63  63  63  TRP TRP A . n 
A 1 64  CYS 64  64  64  CYS CYS A . n 
A 1 65  ASP 65  65  65  ASP ASP A . n 
A 1 66  ASP 66  66  66  ASP ASP A . n 
A 1 67  GLY 67  67  67  GLY GLY A . n 
A 1 68  ARG 68  68  68  ARG ARG A . n 
A 1 69  THR 69  69  69  THR THR A . n 
A 1 70  PRO 70  70  70  PRO PRO A . n 
A 1 71  GLY 71  71  71  GLY GLY A . n 
A 1 72  ALA 72  72  72  ALA ALA A . n 
A 1 73  LYS 73  73  73  LYS LYS A . n 
A 1 74  ASN 74  74  74  ASN ASN A . n 
A 1 75  VAL 75  75  75  VAL VAL A . n 
A 1 76  CYS 76  76  76  CYS CYS A . n 
A 1 77  GLY 77  77  77  GLY GLY A . n 
A 1 78  ILE 78  78  78  ILE ILE A . n 
A 1 79  ARG 79  79  79  ARG ARG A . n 
A 1 80  CYS 80  80  80  CYS CYS A . n 
A 1 81  SER 81  81  81  SER SER A . n 
A 1 82  GLN 82  82  82  GLN GLN A . n 
A 1 83  LEU 83  83  83  LEU LEU A . n 
A 1 84  LEU 84  84  84  LEU LEU A . n 
A 1 85  THR 85  85  85  THR THR A . n 
A 1 86  ASP 86  86  86  ASP ASP A . n 
A 1 87  ASP 87  87  87  ASP ASP A . n 
A 1 88  LEU 88  88  88  LEU LEU A . n 
A 1 89  THR 89  89  89  THR THR A . n 
A 1 90  VAL 90  90  90  VAL VAL A . n 
A 1 91  ALA 91  91  91  ALA ALA A . n 
A 1 92  ILE 92  92  92  ILE ILE A . n 
A 1 93  ARG 93  93  93  ARG ARG A . n 
A 1 94  CYS 94  94  94  CYS CYS A . n 
A 1 95  ALA 95  95  95  ALA ALA A . n 
A 1 96  LYS 96  96  96  LYS LYS A . n 
A 1 97  ARG 97  97  97  ARG ARG A . n 
A 1 98  VAL 98  98  98  VAL VAL A . n 
A 1 99  VAL 99  99  99  VAL VAL A . n 
A 1 100 LEU 100 100 100 LEU LEU A . n 
A 1 101 ASP 101 101 101 ASP ASP A . n 
A 1 102 PRO 102 102 102 PRO PRO A . n 
A 1 103 ASN 103 103 103 ASN ASN A . n 
A 1 104 GLY 104 104 104 GLY GLY A . n 
A 1 105 ILE 105 105 105 ILE ILE A . n 
A 1 106 GLY 106 106 106 GLY GLY A . n 
A 1 107 ALA 107 107 107 ALA ALA A . n 
A 1 108 TRP 108 108 108 TRP TRP A . n 
A 1 109 VAL 109 109 109 VAL VAL A . n 
A 1 110 ALA 110 110 110 ALA ALA A . n 
A 1 111 TRP 111 111 111 TRP TRP A . n 
A 1 112 ARG 112 112 112 ARG ARG A . n 
A 1 113 LEU 113 113 113 LEU LEU A . n 
A 1 114 HIS 114 114 114 HIS HIS A . n 
A 1 115 CYS 115 115 115 CYS CYS A . n 
A 1 116 GLN 116 116 116 GLN GLN A . n 
A 1 117 ASN 117 117 117 ASN ASN A . n 
A 1 118 GLN 118 118 118 GLN GLN A . n 
A 1 119 ASP 119 119 119 ASP ASP A . n 
A 1 120 LEU 120 120 120 LEU LEU A . n 
A 1 121 ARG 121 121 121 ARG ARG A . n 
A 1 122 SER 122 122 122 SER SER A . n 
A 1 123 TYR 123 123 123 TYR TYR A . n 
A 1 124 VAL 124 124 124 VAL VAL A . n 
A 1 125 ALA 125 125 125 ALA ALA A . n 
A 1 126 GLY 126 126 126 GLY GLY A . n 
A 1 127 CYS 127 127 127 CYS CYS A . n 
A 1 128 GLY 128 128 128 GLY GLY A . n 
A 1 129 VAL 129 129 129 VAL VAL A . n 
# 
loop_
_pdbx_nonpoly_scheme.asym_id 
_pdbx_nonpoly_scheme.entity_id 
_pdbx_nonpoly_scheme.mon_id 
_pdbx_nonpoly_scheme.ndb_seq_num 
_pdbx_nonpoly_scheme.pdb_seq_num 
_pdbx_nonpoly_scheme.auth_seq_num 
_pdbx_nonpoly_scheme.pdb_mon_id 
_pdbx_nonpoly_scheme.auth_mon_id 
_pdbx_nonpoly_scheme.pdb_strand_id 
_pdbx_nonpoly_scheme.pdb_ins_code 
B 2 HOH 1   130 130 HOH HOH A . 
B 2 HOH 2   131 131 HOH HOH A . 
B 2 HOH 3   132 132 HOH HOH A . 
B 2 HOH 4   133 133 HOH HOH A . 
B 2 HOH 5   134 134 HOH HOH A . 
B 2 HOH 6   135 135 HOH HOH A . 
B 2 HOH 7   136 136 HOH HOH A . 
B 2 HOH 8   137 137 HOH HOH A . 
B 2 HOH 9   138 138 HOH HOH A . 
B 2 HOH 10  139 139 HOH HOH A . 
B 2 HOH 11  140 140 HOH HOH A . 
B 2 HOH 12  141 141 HOH HOH A . 
B 2 HOH 13  142 142 HOH HOH A . 
B 2 HOH 14  143 143 HOH HOH A . 
B 2 HOH 15  144 144 HOH HOH A . 
B 2 HOH 16  145 145 HOH HOH A . 
B 2 HOH 17  146 146 HOH HOH A . 
B 2 HOH 18  147 147 HOH HOH A . 
B 2 HOH 19  148 148 HOH HOH A . 
B 2 HOH 20  149 149 HOH HOH A . 
B 2 HOH 21  150 150 HOH HOH A . 
B 2 HOH 22  151 151 HOH HOH A . 
B 2 HOH 23  152 152 HOH HOH A . 
B 2 HOH 24  153 153 HOH HOH A . 
B 2 HOH 25  154 154 HOH HOH A . 
B 2 HOH 26  155 155 HOH HOH A . 
B 2 HOH 27  156 156 HOH HOH A . 
B 2 HOH 28  157 157 HOH HOH A . 
B 2 HOH 29  158 158 HOH HOH A . 
B 2 HOH 30  159 159 HOH HOH A . 
B 2 HOH 31  160 160 HOH HOH A . 
B 2 HOH 32  161 161 HOH HOH A . 
B 2 HOH 33  162 162 HOH HOH A . 
B 2 HOH 34  163 163 HOH HOH A . 
B 2 HOH 35  164 164 HOH HOH A . 
B 2 HOH 36  165 165 HOH HOH A . 
B 2 HOH 37  166 166 HOH HOH A . 
B 2 HOH 38  167 167 HOH HOH A . 
B 2 HOH 39  168 168 HOH HOH A . 
B 2 HOH 40  169 169 HOH HOH A . 
B 2 HOH 41  170 170 HOH HOH A . 
B 2 HOH 42  171 171 HOH HOH A . 
B 2 HOH 43  172 172 HOH HOH A . 
B 2 HOH 44  173 173 HOH HOH A . 
B 2 HOH 45  174 174 HOH HOH A . 
B 2 HOH 46  175 175 HOH HOH A . 
B 2 HOH 47  176 176 HOH HOH A . 
B 2 HOH 48  177 177 HOH HOH A . 
B 2 HOH 49  178 178 HOH HOH A . 
B 2 HOH 50  179 179 HOH HOH A . 
B 2 HOH 51  180 180 HOH HOH A . 
B 2 HOH 52  181 181 HOH HOH A . 
B 2 HOH 53  182 182 HOH HOH A . 
B 2 HOH 54  183 183 HOH HOH A . 
B 2 HOH 55  184 184 HOH HOH A . 
B 2 HOH 56  185 185 HOH HOH A . 
B 2 HOH 57  186 186 HOH HOH A . 
B 2 HOH 58  187 187 HOH HOH A . 
B 2 HOH 59  188 188 HOH HOH A . 
B 2 HOH 60  189 189 HOH HOH A . 
B 2 HOH 61  190 190 HOH HOH A . 
B 2 HOH 62  191 191 HOH HOH A . 
B 2 HOH 63  192 192 HOH HOH A . 
B 2 HOH 64  193 193 HOH HOH A . 
B 2 HOH 65  194 194 HOH HOH A . 
B 2 HOH 66  196 196 HOH HOH A . 
B 2 HOH 67  197 197 HOH HOH A . 
B 2 HOH 68  198 198 HOH HOH A . 
B 2 HOH 69  199 199 HOH HOH A . 
B 2 HOH 70  200 200 HOH HOH A . 
B 2 HOH 71  201 201 HOH HOH A . 
B 2 HOH 72  202 202 HOH HOH A . 
B 2 HOH 73  203 203 HOH HOH A . 
B 2 HOH 74  204 204 HOH HOH A . 
B 2 HOH 75  205 205 HOH HOH A . 
B 2 HOH 76  206 206 HOH HOH A . 
B 2 HOH 77  207 207 HOH HOH A . 
B 2 HOH 78  208 208 HOH HOH A . 
B 2 HOH 79  209 209 HOH HOH A . 
B 2 HOH 80  210 210 HOH HOH A . 
B 2 HOH 81  211 211 HOH HOH A . 
B 2 HOH 82  212 212 HOH HOH A . 
B 2 HOH 83  213 213 HOH HOH A . 
B 2 HOH 84  214 214 HOH HOH A . 
B 2 HOH 85  215 215 HOH HOH A . 
B 2 HOH 86  216 216 HOH HOH A . 
B 2 HOH 87  217 217 HOH HOH A . 
B 2 HOH 88  218 218 HOH HOH A . 
B 2 HOH 89  219 219 HOH HOH A . 
B 2 HOH 90  220 220 HOH HOH A . 
B 2 HOH 91  221 221 HOH HOH A . 
B 2 HOH 92  222 222 HOH HOH A . 
B 2 HOH 93  223 223 HOH HOH A . 
B 2 HOH 94  224 224 HOH HOH A . 
B 2 HOH 95  225 225 HOH HOH A . 
B 2 HOH 96  226 226 HOH HOH A . 
B 2 HOH 97  227 227 HOH HOH A . 
B 2 HOH 98  228 228 HOH HOH A . 
B 2 HOH 99  229 229 HOH HOH A . 
B 2 HOH 100 230 230 HOH HOH A . 
B 2 HOH 101 231 231 HOH HOH A . 
B 2 HOH 102 232 232 HOH HOH A . 
B 2 HOH 103 233 233 HOH HOH A . 
B 2 HOH 104 234 234 HOH HOH A . 
B 2 HOH 105 235 235 HOH HOH A . 
B 2 HOH 106 236 236 HOH HOH A . 
B 2 HOH 107 237 237 HOH HOH A . 
B 2 HOH 108 238 238 HOH HOH A . 
B 2 HOH 109 239 239 HOH HOH A . 
B 2 HOH 110 240 240 HOH HOH A . 
B 2 HOH 111 241 241 HOH HOH A . 
B 2 HOH 112 242 242 HOH HOH A . 
B 2 HOH 113 243 243 HOH HOH A . 
B 2 HOH 114 244 244 HOH HOH A . 
B 2 HOH 115 245 245 HOH HOH A . 
B 2 HOH 116 246 246 HOH HOH A . 
B 2 HOH 117 247 247 HOH HOH A . 
B 2 HOH 118 248 248 HOH HOH A . 
B 2 HOH 119 249 249 HOH HOH A . 
B 2 HOH 120 250 250 HOH HOH A . 
B 2 HOH 121 251 251 HOH HOH A . 
B 2 HOH 122 252 252 HOH HOH A . 
B 2 HOH 123 253 253 HOH HOH A . 
B 2 HOH 124 254 254 HOH HOH A . 
B 2 HOH 125 255 255 HOH HOH A . 
B 2 HOH 126 256 256 HOH HOH A . 
B 2 HOH 127 295 295 HOH HOH A . 
# 
loop_
_software.name 
_software.classification 
_software.version 
_software.citation_id 
_software.pdbx_ordinal 
MERLOT phasing    . ? 1 
PROLSQ refinement . ? 2 
# 
_cell.entry_id           1LMN 
_cell.length_a           76.680 
_cell.length_b           76.680 
_cell.length_c           54.460 
_cell.angle_alpha        90.00 
_cell.angle_beta         90.00 
_cell.angle_gamma        120.00 
_cell.Z_PDB              6 
_cell.pdbx_unique_axis   ? 
# 
_symmetry.entry_id                         1LMN 
_symmetry.space_group_name_H-M             'P 31 2 1' 
_symmetry.pdbx_full_space_group_name_H-M   ? 
_symmetry.cell_setting                     ? 
_symmetry.Int_Tables_number                152 
# 
_exptl.entry_id          1LMN 
_exptl.method            'X-RAY DIFFRACTION' 
_exptl.crystals_number   ? 
# 
_exptl_crystal.id                    1 
_exptl_crystal.density_meas          ? 
_exptl_crystal.density_Matthews      3.23 
_exptl_crystal.density_percent_sol   61.93 
_exptl_crystal.description           ? 
# 
_diffrn.id                     1 
_diffrn.ambient_temp           ? 
_diffrn.ambient_temp_details   ? 
_diffrn.crystal_id             1 
# 
_diffrn_radiation.diffrn_id                        1 
_diffrn_radiation.wavelength_id                    1 
_diffrn_radiation.pdbx_monochromatic_or_laue_m_l   ? 
_diffrn_radiation.monochromator                    ? 
_diffrn_radiation.pdbx_diffrn_protocol             ? 
_diffrn_radiation.pdbx_scattering_type             x-ray 
# 
_diffrn_radiation_wavelength.id           1 
_diffrn_radiation_wavelength.wavelength   . 
_diffrn_radiation_wavelength.wt           1.0 
# 
_reflns.entry_id                     1LMN 
_reflns.observed_criterion_sigma_I   3. 
_reflns.observed_criterion_sigma_F   ? 
_reflns.d_resolution_low             ? 
_reflns.d_resolution_high            ? 
_reflns.number_obs                   16305 
_reflns.number_all                   ? 
_reflns.percent_possible_obs         91.2 
_reflns.pdbx_Rmerge_I_obs            ? 
_reflns.pdbx_Rsym_value              ? 
_reflns.pdbx_netI_over_sigmaI        ? 
_reflns.B_iso_Wilson_estimate        ? 
_reflns.pdbx_redundancy              ? 
_reflns.pdbx_ordinal                 1 
_reflns.pdbx_diffrn_id               1 
# 
_refine.entry_id                                 1LMN 
_refine.ls_number_reflns_obs                     16305 
_refine.ls_number_reflns_all                     ? 
_refine.pdbx_ls_sigma_I                          ? 
_refine.pdbx_ls_sigma_F                          3.0 
_refine.pdbx_data_cutoff_high_absF               ? 
_refine.pdbx_data_cutoff_low_absF                ? 
_refine.pdbx_data_cutoff_high_rms_absF           ? 
_refine.ls_d_res_low                             8.0 
_refine.ls_d_res_high                            1.8 
_refine.ls_percent_reflns_obs                    ? 
_refine.ls_R_factor_obs                          0.174 
_refine.ls_R_factor_all                          ? 
_refine.ls_R_factor_R_work                       ? 
_refine.ls_R_factor_R_free                       ? 
_refine.ls_R_factor_R_free_error                 ? 
_refine.ls_R_factor_R_free_error_details         ? 
_refine.ls_percent_reflns_R_free                 ? 
_refine.ls_number_reflns_R_free                  ? 
_refine.ls_number_parameters                     ? 
_refine.ls_number_restraints                     ? 
_refine.occupancy_min                            ? 
_refine.occupancy_max                            ? 
_refine.B_iso_mean                               24.4 
_refine.aniso_B[1][1]                            ? 
_refine.aniso_B[2][2]                            ? 
_refine.aniso_B[3][3]                            ? 
_refine.aniso_B[1][2]                            ? 
_refine.aniso_B[1][3]                            ? 
_refine.aniso_B[2][3]                            ? 
_refine.solvent_model_details                    ? 
_refine.solvent_model_param_ksol                 ? 
_refine.solvent_model_param_bsol                 ? 
_refine.pdbx_ls_cross_valid_method               ? 
_refine.details                                  
;THE STRUCTURE WAS SOLVED BY MOLECULAR REPLACEMENT METHODS
USING THE MERLOT PACKAGE (FITZGERALD, P. (1988) J. APPL.
CRYST. 21, 273-278) AND THE REFINED MODEL OF THE HEN
EGG-WHITE LYSOZYME AS SEARCH MODEL (BROOKHAVEN PROTEIN
DATA BANK, ENTRY 1LZT, HODSON ET AL.,(1990), ACTA. CRYST.
B46, 52-62.
;
_refine.pdbx_starting_model                      ? 
_refine.pdbx_method_to_determine_struct          ? 
_refine.pdbx_isotropic_thermal_model             ? 
_refine.pdbx_stereochemistry_target_values       ? 
_refine.pdbx_stereochem_target_val_spec_case     ? 
_refine.pdbx_R_Free_selection_details            ? 
_refine.pdbx_overall_ESU_R                       ? 
_refine.pdbx_overall_ESU_R_Free                  ? 
_refine.overall_SU_ML                            ? 
_refine.overall_SU_B                             ? 
_refine.pdbx_refine_id                           'X-RAY DIFFRACTION' 
_refine.pdbx_diffrn_id                           1 
_refine.pdbx_TLS_residual_ADP_flag               ? 
_refine.correlation_coeff_Fo_to_Fc               ? 
_refine.correlation_coeff_Fo_to_Fc_free          ? 
_refine.pdbx_solvent_vdw_probe_radii             ? 
_refine.pdbx_solvent_ion_probe_radii             ? 
_refine.pdbx_solvent_shrinkage_radii             ? 
_refine.pdbx_overall_phase_error                 ? 
_refine.overall_SU_R_Cruickshank_DPI             ? 
_refine.pdbx_overall_SU_R_free_Cruickshank_DPI   ? 
_refine.pdbx_overall_SU_R_Blow_DPI               ? 
_refine.pdbx_overall_SU_R_free_Blow_DPI          ? 
# 
_refine_hist.pdbx_refine_id                   'X-RAY DIFFRACTION' 
_refine_hist.cycle_id                         LAST 
_refine_hist.pdbx_number_atoms_protein        999 
_refine_hist.pdbx_number_atoms_nucleic_acid   0 
_refine_hist.pdbx_number_atoms_ligand         0 
_refine_hist.number_atoms_solvent             127 
_refine_hist.number_atoms_total               1126 
_refine_hist.d_res_high                       1.8 
_refine_hist.d_res_low                        8.0 
# 
loop_
_refine_ls_restr.type 
_refine_ls_restr.dev_ideal 
_refine_ls_restr.dev_ideal_target 
_refine_ls_restr.weight 
_refine_ls_restr.number 
_refine_ls_restr.pdbx_refine_id 
_refine_ls_restr.pdbx_restraint_function 
p_bond_d            0.013 0.020 ? ? 'X-RAY DIFFRACTION' ? 
p_angle_d           0.044 0.040 ? ? 'X-RAY DIFFRACTION' ? 
p_angle_deg         ?     ?     ? ? 'X-RAY DIFFRACTION' ? 
p_planar_d          0.047 0.050 ? ? 'X-RAY DIFFRACTION' ? 
p_hb_or_metal_coord ?     ?     ? ? 'X-RAY DIFFRACTION' ? 
p_mcbond_it         ?     ?     ? ? 'X-RAY DIFFRACTION' ? 
p_mcangle_it        ?     ?     ? ? 'X-RAY DIFFRACTION' ? 
p_scbond_it         ?     ?     ? ? 'X-RAY DIFFRACTION' ? 
p_scangle_it        ?     ?     ? ? 'X-RAY DIFFRACTION' ? 
p_plane_restr       0.013 0.020 ? ? 'X-RAY DIFFRACTION' ? 
p_chiral_restr      0.038 0.060 ? ? 'X-RAY DIFFRACTION' ? 
p_singtor_nbd       0.172 0.030 ? ? 'X-RAY DIFFRACTION' ? 
p_multtor_nbd       0.254 0.300 ? ? 'X-RAY DIFFRACTION' ? 
p_xhyhbond_nbd      0.224 0.300 ? ? 'X-RAY DIFFRACTION' ? 
p_xyhbond_nbd       ?     ?     ? ? 'X-RAY DIFFRACTION' ? 
p_planar_tor        6.4   3.0   ? ? 'X-RAY DIFFRACTION' ? 
p_staggered_tor     18.3  15.0  ? ? 'X-RAY DIFFRACTION' ? 
p_orthonormal_tor   18.6  20.0  ? ? 'X-RAY DIFFRACTION' ? 
p_transverse_tor    ?     ?     ? ? 'X-RAY DIFFRACTION' ? 
p_special_tor       ?     ?     ? ? 'X-RAY DIFFRACTION' ? 
# 
_struct.entry_id                  1LMN 
_struct.title                     'THE REFINED CRYSTAL STRUCTURE OF LYSOZYME FROM THE RAINBOW TROUT (ONCORHYNCHUS MYKISS)' 
_struct.pdbx_model_details        ? 
_struct.pdbx_CASP_flag            ? 
_struct.pdbx_model_type_details   ? 
# 
_struct_keywords.entry_id        1LMN 
_struct_keywords.pdbx_keywords   'HYDROLASE (O-GLYCOSYL)' 
_struct_keywords.text            'HYDROLASE (O-GLYCOSYL)' 
# 
loop_
_struct_asym.id 
_struct_asym.pdbx_blank_PDB_chainid_flag 
_struct_asym.pdbx_modified 
_struct_asym.entity_id 
_struct_asym.details 
A N N 1 ? 
B N N 2 ? 
# 
_struct_ref.id                         1 
_struct_ref.db_name                    UNP 
_struct_ref.db_code                    LYSC2_ONCMY 
_struct_ref.entity_id                  1 
_struct_ref.pdbx_db_accession          P11941 
_struct_ref.pdbx_align_begin           1 
_struct_ref.pdbx_seq_one_letter_code   
;MRAVVVLLLVAVASAKVYDRCELARALKASGMDGYAGNSLPNWVCLSKWESSYNTQATNRNTDGSTDYGIFQINSRYWCD
DGRTPGAKNVCGIRCSQLLTADLTVAIRCAKRVVLDPNGIGAWVAWRLHCQNQDLRSYVAGCGV
;
_struct_ref.pdbx_db_isoform            ? 
# 
_struct_ref_seq.align_id                      1 
_struct_ref_seq.ref_id                        1 
_struct_ref_seq.pdbx_PDB_id_code              1LMN 
_struct_ref_seq.pdbx_strand_id                A 
_struct_ref_seq.seq_align_beg                 1 
_struct_ref_seq.pdbx_seq_align_beg_ins_code   ? 
_struct_ref_seq.seq_align_end                 129 
_struct_ref_seq.pdbx_seq_align_end_ins_code   ? 
_struct_ref_seq.pdbx_db_accession             P11941 
_struct_ref_seq.db_align_beg                  16 
_struct_ref_seq.pdbx_db_align_beg_ins_code    ? 
_struct_ref_seq.db_align_end                  144 
_struct_ref_seq.pdbx_db_align_end_ins_code    ? 
_struct_ref_seq.pdbx_auth_seq_align_beg       1 
_struct_ref_seq.pdbx_auth_seq_align_end       129 
# 
_struct_ref_seq_dif.align_id                     1 
_struct_ref_seq_dif.pdbx_pdb_id_code             1LMN 
_struct_ref_seq_dif.mon_id                       ASP 
_struct_ref_seq_dif.pdbx_pdb_strand_id           A 
_struct_ref_seq_dif.seq_num                      86 
_struct_ref_seq_dif.pdbx_pdb_ins_code            ? 
_struct_ref_seq_dif.pdbx_seq_db_name             UNP 
_struct_ref_seq_dif.pdbx_seq_db_accession_code   P11941 
_struct_ref_seq_dif.db_mon_id                    ALA 
_struct_ref_seq_dif.pdbx_seq_db_seq_num          101 
_struct_ref_seq_dif.details                      conflict 
_struct_ref_seq_dif.pdbx_auth_seq_num            86 
_struct_ref_seq_dif.pdbx_ordinal                 1 
# 
_pdbx_struct_assembly.id                   1 
_pdbx_struct_assembly.details              author_defined_assembly 
_pdbx_struct_assembly.method_details       ? 
_pdbx_struct_assembly.oligomeric_details   monomeric 
_pdbx_struct_assembly.oligomeric_count     1 
# 
_pdbx_struct_assembly_gen.assembly_id       1 
_pdbx_struct_assembly_gen.oper_expression   1 
_pdbx_struct_assembly_gen.asym_id_list      A,B 
# 
_pdbx_struct_oper_list.id                   1 
_pdbx_struct_oper_list.type                 'identity operation' 
_pdbx_struct_oper_list.name                 1_555 
_pdbx_struct_oper_list.symmetry_operation   x,y,z 
_pdbx_struct_oper_list.matrix[1][1]         1.0000000000 
_pdbx_struct_oper_list.matrix[1][2]         0.0000000000 
_pdbx_struct_oper_list.matrix[1][3]         0.0000000000 
_pdbx_struct_oper_list.vector[1]            0.0000000000 
_pdbx_struct_oper_list.matrix[2][1]         0.0000000000 
_pdbx_struct_oper_list.matrix[2][2]         1.0000000000 
_pdbx_struct_oper_list.matrix[2][3]         0.0000000000 
_pdbx_struct_oper_list.vector[2]            0.0000000000 
_pdbx_struct_oper_list.matrix[3][1]         0.0000000000 
_pdbx_struct_oper_list.matrix[3][2]         0.0000000000 
_pdbx_struct_oper_list.matrix[3][3]         1.0000000000 
_pdbx_struct_oper_list.vector[3]            0.0000000000 
# 
_struct_biol.id   1 
# 
loop_
_struct_conf.conf_type_id 
_struct_conf.id 
_struct_conf.pdbx_PDB_helix_id 
_struct_conf.beg_label_comp_id 
_struct_conf.beg_label_asym_id 
_struct_conf.beg_label_seq_id 
_struct_conf.pdbx_beg_PDB_ins_code 
_struct_conf.end_label_comp_id 
_struct_conf.end_label_asym_id 
_struct_conf.end_label_seq_id 
_struct_conf.pdbx_end_PDB_ins_code 
_struct_conf.beg_auth_comp_id 
_struct_conf.beg_auth_asym_id 
_struct_conf.beg_auth_seq_id 
_struct_conf.end_auth_comp_id 
_struct_conf.end_auth_asym_id 
_struct_conf.end_auth_seq_id 
_struct_conf.pdbx_PDB_helix_class 
_struct_conf.details 
_struct_conf.pdbx_PDB_helix_length 
HELX_P HELX_P1 1 ARG A 5   ? ALA A 14  ? ARG A 5   ALA A 14  1 ? 10 
HELX_P HELX_P2 2 TYR A 20  ? GLY A 22  ? TYR A 20  GLY A 22  5 ? 3  
HELX_P HELX_P3 3 LEU A 25  ? SER A 36  ? LEU A 25  SER A 36  1 ? 12 
HELX_P HELX_P4 4 CYS A 80  ? LEU A 83  ? CYS A 80  LEU A 83  5 ? 4  
HELX_P HELX_P5 5 THR A 89  ? LEU A 100 ? THR A 89  LEU A 100 1 ? 12 
HELX_P HELX_P6 6 GLY A 104 ? ALA A 107 ? GLY A 104 ALA A 107 5 ? 4  
HELX_P HELX_P7 7 VAL A 109 ? HIS A 114 ? VAL A 109 HIS A 114 1 ? 6  
HELX_P HELX_P8 8 ARG A 121 ? VAL A 124 ? ARG A 121 VAL A 124 1 ? 4  
# 
_struct_conf_type.id          HELX_P 
_struct_conf_type.criteria    ? 
_struct_conf_type.reference   ? 
# 
loop_
_struct_conn.id 
_struct_conn.conn_type_id 
_struct_conn.pdbx_leaving_atom_flag 
_struct_conn.pdbx_PDB_id 
_struct_conn.ptnr1_label_asym_id 
_struct_conn.ptnr1_label_comp_id 
_struct_conn.ptnr1_label_seq_id 
_struct_conn.ptnr1_label_atom_id 
_struct_conn.pdbx_ptnr1_label_alt_id 
_struct_conn.pdbx_ptnr1_PDB_ins_code 
_struct_conn.pdbx_ptnr1_standard_comp_id 
_struct_conn.ptnr1_symmetry 
_struct_conn.ptnr2_label_asym_id 
_struct_conn.ptnr2_label_comp_id 
_struct_conn.ptnr2_label_seq_id 
_struct_conn.ptnr2_label_atom_id 
_struct_conn.pdbx_ptnr2_label_alt_id 
_struct_conn.pdbx_ptnr2_PDB_ins_code 
_struct_conn.ptnr1_auth_asym_id 
_struct_conn.ptnr1_auth_comp_id 
_struct_conn.ptnr1_auth_seq_id 
_struct_conn.ptnr2_auth_asym_id 
_struct_conn.ptnr2_auth_comp_id 
_struct_conn.ptnr2_auth_seq_id 
_struct_conn.ptnr2_symmetry 
_struct_conn.pdbx_ptnr3_label_atom_id 
_struct_conn.pdbx_ptnr3_label_seq_id 
_struct_conn.pdbx_ptnr3_label_comp_id 
_struct_conn.pdbx_ptnr3_label_asym_id 
_struct_conn.pdbx_ptnr3_label_alt_id 
_struct_conn.pdbx_ptnr3_PDB_ins_code 
_struct_conn.details 
_struct_conn.pdbx_dist_value 
_struct_conn.pdbx_value_order 
_struct_conn.pdbx_role 
disulf1 disulf ? ? A CYS 6  SG ? ? ? 1_555 A CYS 127 SG ? ? A CYS 6  A CYS 127 1_555 ? ? ? ? ? ? ? 2.009 ? ? 
disulf2 disulf ? ? A CYS 30 SG ? ? ? 1_555 A CYS 115 SG ? ? A CYS 30 A CYS 115 1_555 ? ? ? ? ? ? ? 2.024 ? ? 
disulf3 disulf ? ? A CYS 64 SG ? ? ? 1_555 A CYS 80  SG ? ? A CYS 64 A CYS 80  1_555 ? ? ? ? ? ? ? 2.012 ? ? 
disulf4 disulf ? ? A CYS 76 SG ? ? ? 1_555 A CYS 94  SG ? ? A CYS 76 A CYS 94  1_555 ? ? ? ? ? ? ? 2.004 ? ? 
# 
_struct_conn_type.id          disulf 
_struct_conn_type.criteria    ? 
_struct_conn_type.reference   ? 
# 
loop_
_pdbx_modification_feature.ordinal 
_pdbx_modification_feature.label_comp_id 
_pdbx_modification_feature.label_asym_id 
_pdbx_modification_feature.label_seq_id 
_pdbx_modification_feature.label_alt_id 
_pdbx_modification_feature.modified_residue_label_comp_id 
_pdbx_modification_feature.modified_residue_label_asym_id 
_pdbx_modification_feature.modified_residue_label_seq_id 
_pdbx_modification_feature.modified_residue_label_alt_id 
_pdbx_modification_feature.auth_comp_id 
_pdbx_modification_feature.auth_asym_id 
_pdbx_modification_feature.auth_seq_id 
_pdbx_modification_feature.PDB_ins_code 
_pdbx_modification_feature.symmetry 
_pdbx_modification_feature.modified_residue_auth_comp_id 
_pdbx_modification_feature.modified_residue_auth_asym_id 
_pdbx_modification_feature.modified_residue_auth_seq_id 
_pdbx_modification_feature.modified_residue_PDB_ins_code 
_pdbx_modification_feature.modified_residue_symmetry 
_pdbx_modification_feature.comp_id_linking_atom 
_pdbx_modification_feature.modified_residue_id_linking_atom 
_pdbx_modification_feature.modified_residue_id 
_pdbx_modification_feature.ref_pcm_id 
_pdbx_modification_feature.ref_comp_id 
_pdbx_modification_feature.type 
_pdbx_modification_feature.category 
1 CYS A 6  ? CYS A 127 ? CYS A 6  ? 1_555 CYS A 127 ? 1_555 SG SG . . . None 'Disulfide bridge' 
2 CYS A 30 ? CYS A 115 ? CYS A 30 ? 1_555 CYS A 115 ? 1_555 SG SG . . . None 'Disulfide bridge' 
3 CYS A 64 ? CYS A 80  ? CYS A 64 ? 1_555 CYS A 80  ? 1_555 SG SG . . . None 'Disulfide bridge' 
4 CYS A 76 ? CYS A 94  ? CYS A 76 ? 1_555 CYS A 94  ? 1_555 SG SG . . . None 'Disulfide bridge' 
# 
_struct_sheet.id               A 
_struct_sheet.type             ? 
_struct_sheet.number_strands   2 
_struct_sheet.details          ? 
# 
_struct_sheet_order.sheet_id     A 
_struct_sheet_order.range_id_1   1 
_struct_sheet_order.range_id_2   2 
_struct_sheet_order.offset       ? 
_struct_sheet_order.sense        anti-parallel 
# 
loop_
_struct_sheet_range.sheet_id 
_struct_sheet_range.id 
_struct_sheet_range.beg_label_comp_id 
_struct_sheet_range.beg_label_asym_id 
_struct_sheet_range.beg_label_seq_id 
_struct_sheet_range.pdbx_beg_PDB_ins_code 
_struct_sheet_range.end_label_comp_id 
_struct_sheet_range.end_label_asym_id 
_struct_sheet_range.end_label_seq_id 
_struct_sheet_range.pdbx_end_PDB_ins_code 
_struct_sheet_range.beg_auth_comp_id 
_struct_sheet_range.beg_auth_asym_id 
_struct_sheet_range.beg_auth_seq_id 
_struct_sheet_range.end_auth_comp_id 
_struct_sheet_range.end_auth_asym_id 
_struct_sheet_range.end_auth_seq_id 
A 1 THR A 43 ? ARG A 45 ? THR A 43 ARG A 45 
A 2 THR A 51 ? TYR A 53 ? THR A 51 TYR A 53 
# 
_pdbx_struct_sheet_hbond.sheet_id                A 
_pdbx_struct_sheet_hbond.range_id_1              1 
_pdbx_struct_sheet_hbond.range_id_2              2 
_pdbx_struct_sheet_hbond.range_1_label_atom_id   O 
_pdbx_struct_sheet_hbond.range_1_label_comp_id   ASN 
_pdbx_struct_sheet_hbond.range_1_label_asym_id   A 
_pdbx_struct_sheet_hbond.range_1_label_seq_id    44 
_pdbx_struct_sheet_hbond.range_1_PDB_ins_code    ? 
_pdbx_struct_sheet_hbond.range_1_auth_atom_id    O 
_pdbx_struct_sheet_hbond.range_1_auth_comp_id    ASN 
_pdbx_struct_sheet_hbond.range_1_auth_asym_id    A 
_pdbx_struct_sheet_hbond.range_1_auth_seq_id     44 
_pdbx_struct_sheet_hbond.range_2_label_atom_id   N 
_pdbx_struct_sheet_hbond.range_2_label_comp_id   ASP 
_pdbx_struct_sheet_hbond.range_2_label_asym_id   A 
_pdbx_struct_sheet_hbond.range_2_label_seq_id    52 
_pdbx_struct_sheet_hbond.range_2_PDB_ins_code    ? 
_pdbx_struct_sheet_hbond.range_2_auth_atom_id    N 
_pdbx_struct_sheet_hbond.range_2_auth_comp_id    ASP 
_pdbx_struct_sheet_hbond.range_2_auth_asym_id    A 
_pdbx_struct_sheet_hbond.range_2_auth_seq_id     52 
# 
_pdbx_entry_details.entry_id                   1LMN 
_pdbx_entry_details.compound_details           ? 
_pdbx_entry_details.source_details             ? 
_pdbx_entry_details.nonpolymer_details         ? 
_pdbx_entry_details.sequence_details           ? 
_pdbx_entry_details.has_ligand_of_interest     ? 
_pdbx_entry_details.has_protein_modification   Y 
# 
loop_
_pdbx_validate_symm_contact.id 
_pdbx_validate_symm_contact.PDB_model_num 
_pdbx_validate_symm_contact.auth_atom_id_1 
_pdbx_validate_symm_contact.auth_asym_id_1 
_pdbx_validate_symm_contact.auth_comp_id_1 
_pdbx_validate_symm_contact.auth_seq_id_1 
_pdbx_validate_symm_contact.PDB_ins_code_1 
_pdbx_validate_symm_contact.label_alt_id_1 
_pdbx_validate_symm_contact.site_symmetry_1 
_pdbx_validate_symm_contact.auth_atom_id_2 
_pdbx_validate_symm_contact.auth_asym_id_2 
_pdbx_validate_symm_contact.auth_comp_id_2 
_pdbx_validate_symm_contact.auth_seq_id_2 
_pdbx_validate_symm_contact.PDB_ins_code_2 
_pdbx_validate_symm_contact.label_alt_id_2 
_pdbx_validate_symm_contact.site_symmetry_2 
_pdbx_validate_symm_contact.dist 
1 1 O   A HOH 176 ? ? 1_555 O   A HOH 176 ? ? 4_556 1.26 
2 1 O   A HOH 143 ? ? 1_555 O   A HOH 143 ? ? 4_556 1.46 
3 1 CD1 A LEU 113 ? ? 1_555 CD1 A LEU 113 ? ? 5_675 1.76 
# 
loop_
_pdbx_validate_rmsd_angle.id 
_pdbx_validate_rmsd_angle.PDB_model_num 
_pdbx_validate_rmsd_angle.auth_atom_id_1 
_pdbx_validate_rmsd_angle.auth_asym_id_1 
_pdbx_validate_rmsd_angle.auth_comp_id_1 
_pdbx_validate_rmsd_angle.auth_seq_id_1 
_pdbx_validate_rmsd_angle.PDB_ins_code_1 
_pdbx_validate_rmsd_angle.label_alt_id_1 
_pdbx_validate_rmsd_angle.auth_atom_id_2 
_pdbx_validate_rmsd_angle.auth_asym_id_2 
_pdbx_validate_rmsd_angle.auth_comp_id_2 
_pdbx_validate_rmsd_angle.auth_seq_id_2 
_pdbx_validate_rmsd_angle.PDB_ins_code_2 
_pdbx_validate_rmsd_angle.label_alt_id_2 
_pdbx_validate_rmsd_angle.auth_atom_id_3 
_pdbx_validate_rmsd_angle.auth_asym_id_3 
_pdbx_validate_rmsd_angle.auth_comp_id_3 
_pdbx_validate_rmsd_angle.auth_seq_id_3 
_pdbx_validate_rmsd_angle.PDB_ins_code_3 
_pdbx_validate_rmsd_angle.label_alt_id_3 
_pdbx_validate_rmsd_angle.angle_value 
_pdbx_validate_rmsd_angle.angle_target_value 
_pdbx_validate_rmsd_angle.angle_deviation 
_pdbx_validate_rmsd_angle.angle_standard_deviation 
_pdbx_validate_rmsd_angle.linker_flag 
1  1 CB A ASP 4   ? ? CG A ASP 4   ? ? OD1 A ASP 4   ? ? 111.97 118.30 -6.33  0.90 N 
2  1 CB A ASP 4   ? ? CG A ASP 4   ? ? OD2 A ASP 4   ? ? 126.28 118.30 7.98   0.90 N 
3  1 CB A ASP 18  ? ? CG A ASP 18  ? ? OD1 A ASP 18  ? ? 126.26 118.30 7.96   0.90 N 
4  1 CA A LEU 31  ? ? CB A LEU 31  ? ? CG  A LEU 31  ? ? 135.84 115.30 20.54  2.30 N 
5  1 NE A ARG 45  ? ? CZ A ARG 45  ? ? NH2 A ARG 45  ? ? 115.14 120.30 -5.16  0.50 N 
6  1 CB A ASP 48  ? ? CG A ASP 48  ? ? OD2 A ASP 48  ? ? 111.90 118.30 -6.40  0.90 N 
7  1 CB A ASP 52  ? ? CG A ASP 52  ? ? OD1 A ASP 52  ? ? 125.96 118.30 7.66   0.90 N 
8  1 NE A ARG 61  ? ? CZ A ARG 61  ? ? NH2 A ARG 61  ? ? 116.02 120.30 -4.28  0.50 N 
9  1 NE A ARG 68  ? ? CZ A ARG 68  ? ? NH2 A ARG 68  ? ? 124.74 120.30 4.44   0.50 N 
10 1 NE A ARG 79  ? ? CZ A ARG 79  ? ? NH1 A ARG 79  ? ? 125.13 120.30 4.83   0.50 N 
11 1 NE A ARG 79  ? ? CZ A ARG 79  ? ? NH2 A ARG 79  ? ? 115.53 120.30 -4.77  0.50 N 
12 1 CB A ASP 86  ? ? CG A ASP 86  ? ? OD1 A ASP 86  ? ? 124.62 118.30 6.32   0.90 N 
13 1 NE A ARG 93  ? ? CZ A ARG 93  ? ? NH2 A ARG 93  ? ? 117.25 120.30 -3.05  0.50 N 
14 1 NE A ARG 97  ? ? CZ A ARG 97  ? ? NH1 A ARG 97  ? ? 127.47 120.30 7.17   0.50 N 
15 1 NE A ARG 97  ? ? CZ A ARG 97  ? ? NH2 A ARG 97  ? ? 116.80 120.30 -3.50  0.50 N 
16 1 CA A VAL 129 ? ? C  A VAL 129 ? ? O   A VAL 129 ? ? 106.87 120.10 -13.23 2.10 N 
# 
loop_
_pdbx_validate_planes.id 
_pdbx_validate_planes.PDB_model_num 
_pdbx_validate_planes.auth_comp_id 
_pdbx_validate_planes.auth_asym_id 
_pdbx_validate_planes.auth_seq_id 
_pdbx_validate_planes.PDB_ins_code 
_pdbx_validate_planes.label_alt_id 
_pdbx_validate_planes.rmsd 
_pdbx_validate_planes.type 
1 1 ARG A 45 ? ? 0.154 'SIDE CHAIN' 
2 1 ARG A 61 ? ? 0.238 'SIDE CHAIN' 
3 1 ARG A 93 ? ? 0.215 'SIDE CHAIN' 
# 
loop_
_chem_comp_atom.comp_id 
_chem_comp_atom.atom_id 
_chem_comp_atom.type_symbol 
_chem_comp_atom.pdbx_aromatic_flag 
_chem_comp_atom.pdbx_stereo_config 
_chem_comp_atom.pdbx_ordinal 
ALA N    N N N 1   
ALA CA   C N S 2   
ALA C    C N N 3   
ALA O    O N N 4   
ALA CB   C N N 5   
ALA OXT  O N N 6   
ALA H    H N N 7   
ALA H2   H N N 8   
ALA HA   H N N 9   
ALA HB1  H N N 10  
ALA HB2  H N N 11  
ALA HB3  H N N 12  
ALA HXT  H N N 13  
ARG N    N N N 14  
ARG CA   C N S 15  
ARG C    C N N 16  
ARG O    O N N 17  
ARG CB   C N N 18  
ARG CG   C N N 19  
ARG CD   C N N 20  
ARG NE   N N N 21  
ARG CZ   C N N 22  
ARG NH1  N N N 23  
ARG NH2  N N N 24  
ARG OXT  O N N 25  
ARG H    H N N 26  
ARG H2   H N N 27  
ARG HA   H N N 28  
ARG HB2  H N N 29  
ARG HB3  H N N 30  
ARG HG2  H N N 31  
ARG HG3  H N N 32  
ARG HD2  H N N 33  
ARG HD3  H N N 34  
ARG HE   H N N 35  
ARG HH11 H N N 36  
ARG HH12 H N N 37  
ARG HH21 H N N 38  
ARG HH22 H N N 39  
ARG HXT  H N N 40  
ASN N    N N N 41  
ASN CA   C N S 42  
ASN C    C N N 43  
ASN O    O N N 44  
ASN CB   C N N 45  
ASN CG   C N N 46  
ASN OD1  O N N 47  
ASN ND2  N N N 48  
ASN OXT  O N N 49  
ASN H    H N N 50  
ASN H2   H N N 51  
ASN HA   H N N 52  
ASN HB2  H N N 53  
ASN HB3  H N N 54  
ASN HD21 H N N 55  
ASN HD22 H N N 56  
ASN HXT  H N N 57  
ASP N    N N N 58  
ASP CA   C N S 59  
ASP C    C N N 60  
ASP O    O N N 61  
ASP CB   C N N 62  
ASP CG   C N N 63  
ASP OD1  O N N 64  
ASP OD2  O N N 65  
ASP OXT  O N N 66  
ASP H    H N N 67  
ASP H2   H N N 68  
ASP HA   H N N 69  
ASP HB2  H N N 70  
ASP HB3  H N N 71  
ASP HD2  H N N 72  
ASP HXT  H N N 73  
CYS N    N N N 74  
CYS CA   C N R 75  
CYS C    C N N 76  
CYS O    O N N 77  
CYS CB   C N N 78  
CYS SG   S N N 79  
CYS OXT  O N N 80  
CYS H    H N N 81  
CYS H2   H N N 82  
CYS HA   H N N 83  
CYS HB2  H N N 84  
CYS HB3  H N N 85  
CYS HG   H N N 86  
CYS HXT  H N N 87  
GLN N    N N N 88  
GLN CA   C N S 89  
GLN C    C N N 90  
GLN O    O N N 91  
GLN CB   C N N 92  
GLN CG   C N N 93  
GLN CD   C N N 94  
GLN OE1  O N N 95  
GLN NE2  N N N 96  
GLN OXT  O N N 97  
GLN H    H N N 98  
GLN H2   H N N 99  
GLN HA   H N N 100 
GLN HB2  H N N 101 
GLN HB3  H N N 102 
GLN HG2  H N N 103 
GLN HG3  H N N 104 
GLN HE21 H N N 105 
GLN HE22 H N N 106 
GLN HXT  H N N 107 
GLU N    N N N 108 
GLU CA   C N S 109 
GLU C    C N N 110 
GLU O    O N N 111 
GLU CB   C N N 112 
GLU CG   C N N 113 
GLU CD   C N N 114 
GLU OE1  O N N 115 
GLU OE2  O N N 116 
GLU OXT  O N N 117 
GLU H    H N N 118 
GLU H2   H N N 119 
GLU HA   H N N 120 
GLU HB2  H N N 121 
GLU HB3  H N N 122 
GLU HG2  H N N 123 
GLU HG3  H N N 124 
GLU HE2  H N N 125 
GLU HXT  H N N 126 
GLY N    N N N 127 
GLY CA   C N N 128 
GLY C    C N N 129 
GLY O    O N N 130 
GLY OXT  O N N 131 
GLY H    H N N 132 
GLY H2   H N N 133 
GLY HA2  H N N 134 
GLY HA3  H N N 135 
GLY HXT  H N N 136 
HIS N    N N N 137 
HIS CA   C N S 138 
HIS C    C N N 139 
HIS O    O N N 140 
HIS CB   C N N 141 
HIS CG   C Y N 142 
HIS ND1  N Y N 143 
HIS CD2  C Y N 144 
HIS CE1  C Y N 145 
HIS NE2  N Y N 146 
HIS OXT  O N N 147 
HIS H    H N N 148 
HIS H2   H N N 149 
HIS HA   H N N 150 
HIS HB2  H N N 151 
HIS HB3  H N N 152 
HIS HD1  H N N 153 
HIS HD2  H N N 154 
HIS HE1  H N N 155 
HIS HE2  H N N 156 
HIS HXT  H N N 157 
HOH O    O N N 158 
HOH H1   H N N 159 
HOH H2   H N N 160 
ILE N    N N N 161 
ILE CA   C N S 162 
ILE C    C N N 163 
ILE O    O N N 164 
ILE CB   C N S 165 
ILE CG1  C N N 166 
ILE CG2  C N N 167 
ILE CD1  C N N 168 
ILE OXT  O N N 169 
ILE H    H N N 170 
ILE H2   H N N 171 
ILE HA   H N N 172 
ILE HB   H N N 173 
ILE HG12 H N N 174 
ILE HG13 H N N 175 
ILE HG21 H N N 176 
ILE HG22 H N N 177 
ILE HG23 H N N 178 
ILE HD11 H N N 179 
ILE HD12 H N N 180 
ILE HD13 H N N 181 
ILE HXT  H N N 182 
LEU N    N N N 183 
LEU CA   C N S 184 
LEU C    C N N 185 
LEU O    O N N 186 
LEU CB   C N N 187 
LEU CG   C N N 188 
LEU CD1  C N N 189 
LEU CD2  C N N 190 
LEU OXT  O N N 191 
LEU H    H N N 192 
LEU H2   H N N 193 
LEU HA   H N N 194 
LEU HB2  H N N 195 
LEU HB3  H N N 196 
LEU HG   H N N 197 
LEU HD11 H N N 198 
LEU HD12 H N N 199 
LEU HD13 H N N 200 
LEU HD21 H N N 201 
LEU HD22 H N N 202 
LEU HD23 H N N 203 
LEU HXT  H N N 204 
LYS N    N N N 205 
LYS CA   C N S 206 
LYS C    C N N 207 
LYS O    O N N 208 
LYS CB   C N N 209 
LYS CG   C N N 210 
LYS CD   C N N 211 
LYS CE   C N N 212 
LYS NZ   N N N 213 
LYS OXT  O N N 214 
LYS H    H N N 215 
LYS H2   H N N 216 
LYS HA   H N N 217 
LYS HB2  H N N 218 
LYS HB3  H N N 219 
LYS HG2  H N N 220 
LYS HG3  H N N 221 
LYS HD2  H N N 222 
LYS HD3  H N N 223 
LYS HE2  H N N 224 
LYS HE3  H N N 225 
LYS HZ1  H N N 226 
LYS HZ2  H N N 227 
LYS HZ3  H N N 228 
LYS HXT  H N N 229 
MET N    N N N 230 
MET CA   C N S 231 
MET C    C N N 232 
MET O    O N N 233 
MET CB   C N N 234 
MET CG   C N N 235 
MET SD   S N N 236 
MET CE   C N N 237 
MET OXT  O N N 238 
MET H    H N N 239 
MET H2   H N N 240 
MET HA   H N N 241 
MET HB2  H N N 242 
MET HB3  H N N 243 
MET HG2  H N N 244 
MET HG3  H N N 245 
MET HE1  H N N 246 
MET HE2  H N N 247 
MET HE3  H N N 248 
MET HXT  H N N 249 
PHE N    N N N 250 
PHE CA   C N S 251 
PHE C    C N N 252 
PHE O    O N N 253 
PHE CB   C N N 254 
PHE CG   C Y N 255 
PHE CD1  C Y N 256 
PHE CD2  C Y N 257 
PHE CE1  C Y N 258 
PHE CE2  C Y N 259 
PHE CZ   C Y N 260 
PHE OXT  O N N 261 
PHE H    H N N 262 
PHE H2   H N N 263 
PHE HA   H N N 264 
PHE HB2  H N N 265 
PHE HB3  H N N 266 
PHE HD1  H N N 267 
PHE HD2  H N N 268 
PHE HE1  H N N 269 
PHE HE2  H N N 270 
PHE HZ   H N N 271 
PHE HXT  H N N 272 
PRO N    N N N 273 
PRO CA   C N S 274 
PRO C    C N N 275 
PRO O    O N N 276 
PRO CB   C N N 277 
PRO CG   C N N 278 
PRO CD   C N N 279 
PRO OXT  O N N 280 
PRO H    H N N 281 
PRO HA   H N N 282 
PRO HB2  H N N 283 
PRO HB3  H N N 284 
PRO HG2  H N N 285 
PRO HG3  H N N 286 
PRO HD2  H N N 287 
PRO HD3  H N N 288 
PRO HXT  H N N 289 
SER N    N N N 290 
SER CA   C N S 291 
SER C    C N N 292 
SER O    O N N 293 
SER CB   C N N 294 
SER OG   O N N 295 
SER OXT  O N N 296 
SER H    H N N 297 
SER H2   H N N 298 
SER HA   H N N 299 
SER HB2  H N N 300 
SER HB3  H N N 301 
SER HG   H N N 302 
SER HXT  H N N 303 
THR N    N N N 304 
THR CA   C N S 305 
THR C    C N N 306 
THR O    O N N 307 
THR CB   C N R 308 
THR OG1  O N N 309 
THR CG2  C N N 310 
THR OXT  O N N 311 
THR H    H N N 312 
THR H2   H N N 313 
THR HA   H N N 314 
THR HB   H N N 315 
THR HG1  H N N 316 
THR HG21 H N N 317 
THR HG22 H N N 318 
THR HG23 H N N 319 
THR HXT  H N N 320 
TRP N    N N N 321 
TRP CA   C N S 322 
TRP C    C N N 323 
TRP O    O N N 324 
TRP CB   C N N 325 
TRP CG   C Y N 326 
TRP CD1  C Y N 327 
TRP CD2  C Y N 328 
TRP NE1  N Y N 329 
TRP CE2  C Y N 330 
TRP CE3  C Y N 331 
TRP CZ2  C Y N 332 
TRP CZ3  C Y N 333 
TRP CH2  C Y N 334 
TRP OXT  O N N 335 
TRP H    H N N 336 
TRP H2   H N N 337 
TRP HA   H N N 338 
TRP HB2  H N N 339 
TRP HB3  H N N 340 
TRP HD1  H N N 341 
TRP HE1  H N N 342 
TRP HE3  H N N 343 
TRP HZ2  H N N 344 
TRP HZ3  H N N 345 
TRP HH2  H N N 346 
TRP HXT  H N N 347 
TYR N    N N N 348 
TYR CA   C N S 349 
TYR C    C N N 350 
TYR O    O N N 351 
TYR CB   C N N 352 
TYR CG   C Y N 353 
TYR CD1  C Y N 354 
TYR CD2  C Y N 355 
TYR CE1  C Y N 356 
TYR CE2  C Y N 357 
TYR CZ   C Y N 358 
TYR OH   O N N 359 
TYR OXT  O N N 360 
TYR H    H N N 361 
TYR H2   H N N 362 
TYR HA   H N N 363 
TYR HB2  H N N 364 
TYR HB3  H N N 365 
TYR HD1  H N N 366 
TYR HD2  H N N 367 
TYR HE1  H N N 368 
TYR HE2  H N N 369 
TYR HH   H N N 370 
TYR HXT  H N N 371 
VAL N    N N N 372 
VAL CA   C N S 373 
VAL C    C N N 374 
VAL O    O N N 375 
VAL CB   C N N 376 
VAL CG1  C N N 377 
VAL CG2  C N N 378 
VAL OXT  O N N 379 
VAL H    H N N 380 
VAL H2   H N N 381 
VAL HA   H N N 382 
VAL HB   H N N 383 
VAL HG11 H N N 384 
VAL HG12 H N N 385 
VAL HG13 H N N 386 
VAL HG21 H N N 387 
VAL HG22 H N N 388 
VAL HG23 H N N 389 
VAL HXT  H N N 390 
# 
loop_
_chem_comp_bond.comp_id 
_chem_comp_bond.atom_id_1 
_chem_comp_bond.atom_id_2 
_chem_comp_bond.value_order 
_chem_comp_bond.pdbx_aromatic_flag 
_chem_comp_bond.pdbx_stereo_config 
_chem_comp_bond.pdbx_ordinal 
ALA N   CA   sing N N 1   
ALA N   H    sing N N 2   
ALA N   H2   sing N N 3   
ALA CA  C    sing N N 4   
ALA CA  CB   sing N N 5   
ALA CA  HA   sing N N 6   
ALA C   O    doub N N 7   
ALA C   OXT  sing N N 8   
ALA CB  HB1  sing N N 9   
ALA CB  HB2  sing N N 10  
ALA CB  HB3  sing N N 11  
ALA OXT HXT  sing N N 12  
ARG N   CA   sing N N 13  
ARG N   H    sing N N 14  
ARG N   H2   sing N N 15  
ARG CA  C    sing N N 16  
ARG CA  CB   sing N N 17  
ARG CA  HA   sing N N 18  
ARG C   O    doub N N 19  
ARG C   OXT  sing N N 20  
ARG CB  CG   sing N N 21  
ARG CB  HB2  sing N N 22  
ARG CB  HB3  sing N N 23  
ARG CG  CD   sing N N 24  
ARG CG  HG2  sing N N 25  
ARG CG  HG3  sing N N 26  
ARG CD  NE   sing N N 27  
ARG CD  HD2  sing N N 28  
ARG CD  HD3  sing N N 29  
ARG NE  CZ   sing N N 30  
ARG NE  HE   sing N N 31  
ARG CZ  NH1  sing N N 32  
ARG CZ  NH2  doub N N 33  
ARG NH1 HH11 sing N N 34  
ARG NH1 HH12 sing N N 35  
ARG NH2 HH21 sing N N 36  
ARG NH2 HH22 sing N N 37  
ARG OXT HXT  sing N N 38  
ASN N   CA   sing N N 39  
ASN N   H    sing N N 40  
ASN N   H2   sing N N 41  
ASN CA  C    sing N N 42  
ASN CA  CB   sing N N 43  
ASN CA  HA   sing N N 44  
ASN C   O    doub N N 45  
ASN C   OXT  sing N N 46  
ASN CB  CG   sing N N 47  
ASN CB  HB2  sing N N 48  
ASN CB  HB3  sing N N 49  
ASN CG  OD1  doub N N 50  
ASN CG  ND2  sing N N 51  
ASN ND2 HD21 sing N N 52  
ASN ND2 HD22 sing N N 53  
ASN OXT HXT  sing N N 54  
ASP N   CA   sing N N 55  
ASP N   H    sing N N 56  
ASP N   H2   sing N N 57  
ASP CA  C    sing N N 58  
ASP CA  CB   sing N N 59  
ASP CA  HA   sing N N 60  
ASP C   O    doub N N 61  
ASP C   OXT  sing N N 62  
ASP CB  CG   sing N N 63  
ASP CB  HB2  sing N N 64  
ASP CB  HB3  sing N N 65  
ASP CG  OD1  doub N N 66  
ASP CG  OD2  sing N N 67  
ASP OD2 HD2  sing N N 68  
ASP OXT HXT  sing N N 69  
CYS N   CA   sing N N 70  
CYS N   H    sing N N 71  
CYS N   H2   sing N N 72  
CYS CA  C    sing N N 73  
CYS CA  CB   sing N N 74  
CYS CA  HA   sing N N 75  
CYS C   O    doub N N 76  
CYS C   OXT  sing N N 77  
CYS CB  SG   sing N N 78  
CYS CB  HB2  sing N N 79  
CYS CB  HB3  sing N N 80  
CYS SG  HG   sing N N 81  
CYS OXT HXT  sing N N 82  
GLN N   CA   sing N N 83  
GLN N   H    sing N N 84  
GLN N   H2   sing N N 85  
GLN CA  C    sing N N 86  
GLN CA  CB   sing N N 87  
GLN CA  HA   sing N N 88  
GLN C   O    doub N N 89  
GLN C   OXT  sing N N 90  
GLN CB  CG   sing N N 91  
GLN CB  HB2  sing N N 92  
GLN CB  HB3  sing N N 93  
GLN CG  CD   sing N N 94  
GLN CG  HG2  sing N N 95  
GLN CG  HG3  sing N N 96  
GLN CD  OE1  doub N N 97  
GLN CD  NE2  sing N N 98  
GLN NE2 HE21 sing N N 99  
GLN NE2 HE22 sing N N 100 
GLN OXT HXT  sing N N 101 
GLU N   CA   sing N N 102 
GLU N   H    sing N N 103 
GLU N   H2   sing N N 104 
GLU CA  C    sing N N 105 
GLU CA  CB   sing N N 106 
GLU CA  HA   sing N N 107 
GLU C   O    doub N N 108 
GLU C   OXT  sing N N 109 
GLU CB  CG   sing N N 110 
GLU CB  HB2  sing N N 111 
GLU CB  HB3  sing N N 112 
GLU CG  CD   sing N N 113 
GLU CG  HG2  sing N N 114 
GLU CG  HG3  sing N N 115 
GLU CD  OE1  doub N N 116 
GLU CD  OE2  sing N N 117 
GLU OE2 HE2  sing N N 118 
GLU OXT HXT  sing N N 119 
GLY N   CA   sing N N 120 
GLY N   H    sing N N 121 
GLY N   H2   sing N N 122 
GLY CA  C    sing N N 123 
GLY CA  HA2  sing N N 124 
GLY CA  HA3  sing N N 125 
GLY C   O    doub N N 126 
GLY C   OXT  sing N N 127 
GLY OXT HXT  sing N N 128 
HIS N   CA   sing N N 129 
HIS N   H    sing N N 130 
HIS N   H2   sing N N 131 
HIS CA  C    sing N N 132 
HIS CA  CB   sing N N 133 
HIS CA  HA   sing N N 134 
HIS C   O    doub N N 135 
HIS C   OXT  sing N N 136 
HIS CB  CG   sing N N 137 
HIS CB  HB2  sing N N 138 
HIS CB  HB3  sing N N 139 
HIS CG  ND1  sing Y N 140 
HIS CG  CD2  doub Y N 141 
HIS ND1 CE1  doub Y N 142 
HIS ND1 HD1  sing N N 143 
HIS CD2 NE2  sing Y N 144 
HIS CD2 HD2  sing N N 145 
HIS CE1 NE2  sing Y N 146 
HIS CE1 HE1  sing N N 147 
HIS NE2 HE2  sing N N 148 
HIS OXT HXT  sing N N 149 
HOH O   H1   sing N N 150 
HOH O   H2   sing N N 151 
ILE N   CA   sing N N 152 
ILE N   H    sing N N 153 
ILE N   H2   sing N N 154 
ILE CA  C    sing N N 155 
ILE CA  CB   sing N N 156 
ILE CA  HA   sing N N 157 
ILE C   O    doub N N 158 
ILE C   OXT  sing N N 159 
ILE CB  CG1  sing N N 160 
ILE CB  CG2  sing N N 161 
ILE CB  HB   sing N N 162 
ILE CG1 CD1  sing N N 163 
ILE CG1 HG12 sing N N 164 
ILE CG1 HG13 sing N N 165 
ILE CG2 HG21 sing N N 166 
ILE CG2 HG22 sing N N 167 
ILE CG2 HG23 sing N N 168 
ILE CD1 HD11 sing N N 169 
ILE CD1 HD12 sing N N 170 
ILE CD1 HD13 sing N N 171 
ILE OXT HXT  sing N N 172 
LEU N   CA   sing N N 173 
LEU N   H    sing N N 174 
LEU N   H2   sing N N 175 
LEU CA  C    sing N N 176 
LEU CA  CB   sing N N 177 
LEU CA  HA   sing N N 178 
LEU C   O    doub N N 179 
LEU C   OXT  sing N N 180 
LEU CB  CG   sing N N 181 
LEU CB  HB2  sing N N 182 
LEU CB  HB3  sing N N 183 
LEU CG  CD1  sing N N 184 
LEU CG  CD2  sing N N 185 
LEU CG  HG   sing N N 186 
LEU CD1 HD11 sing N N 187 
LEU CD1 HD12 sing N N 188 
LEU CD1 HD13 sing N N 189 
LEU CD2 HD21 sing N N 190 
LEU CD2 HD22 sing N N 191 
LEU CD2 HD23 sing N N 192 
LEU OXT HXT  sing N N 193 
LYS N   CA   sing N N 194 
LYS N   H    sing N N 195 
LYS N   H2   sing N N 196 
LYS CA  C    sing N N 197 
LYS CA  CB   sing N N 198 
LYS CA  HA   sing N N 199 
LYS C   O    doub N N 200 
LYS C   OXT  sing N N 201 
LYS CB  CG   sing N N 202 
LYS CB  HB2  sing N N 203 
LYS CB  HB3  sing N N 204 
LYS CG  CD   sing N N 205 
LYS CG  HG2  sing N N 206 
LYS CG  HG3  sing N N 207 
LYS CD  CE   sing N N 208 
LYS CD  HD2  sing N N 209 
LYS CD  HD3  sing N N 210 
LYS CE  NZ   sing N N 211 
LYS CE  HE2  sing N N 212 
LYS CE  HE3  sing N N 213 
LYS NZ  HZ1  sing N N 214 
LYS NZ  HZ2  sing N N 215 
LYS NZ  HZ3  sing N N 216 
LYS OXT HXT  sing N N 217 
MET N   CA   sing N N 218 
MET N   H    sing N N 219 
MET N   H2   sing N N 220 
MET CA  C    sing N N 221 
MET CA  CB   sing N N 222 
MET CA  HA   sing N N 223 
MET C   O    doub N N 224 
MET C   OXT  sing N N 225 
MET CB  CG   sing N N 226 
MET CB  HB2  sing N N 227 
MET CB  HB3  sing N N 228 
MET CG  SD   sing N N 229 
MET CG  HG2  sing N N 230 
MET CG  HG3  sing N N 231 
MET SD  CE   sing N N 232 
MET CE  HE1  sing N N 233 
MET CE  HE2  sing N N 234 
MET CE  HE3  sing N N 235 
MET OXT HXT  sing N N 236 
PHE N   CA   sing N N 237 
PHE N   H    sing N N 238 
PHE N   H2   sing N N 239 
PHE CA  C    sing N N 240 
PHE CA  CB   sing N N 241 
PHE CA  HA   sing N N 242 
PHE C   O    doub N N 243 
PHE C   OXT  sing N N 244 
PHE CB  CG   sing N N 245 
PHE CB  HB2  sing N N 246 
PHE CB  HB3  sing N N 247 
PHE CG  CD1  doub Y N 248 
PHE CG  CD2  sing Y N 249 
PHE CD1 CE1  sing Y N 250 
PHE CD1 HD1  sing N N 251 
PHE CD2 CE2  doub Y N 252 
PHE CD2 HD2  sing N N 253 
PHE CE1 CZ   doub Y N 254 
PHE CE1 HE1  sing N N 255 
PHE CE2 CZ   sing Y N 256 
PHE CE2 HE2  sing N N 257 
PHE CZ  HZ   sing N N 258 
PHE OXT HXT  sing N N 259 
PRO N   CA   sing N N 260 
PRO N   CD   sing N N 261 
PRO N   H    sing N N 262 
PRO CA  C    sing N N 263 
PRO CA  CB   sing N N 264 
PRO CA  HA   sing N N 265 
PRO C   O    doub N N 266 
PRO C   OXT  sing N N 267 
PRO CB  CG   sing N N 268 
PRO CB  HB2  sing N N 269 
PRO CB  HB3  sing N N 270 
PRO CG  CD   sing N N 271 
PRO CG  HG2  sing N N 272 
PRO CG  HG3  sing N N 273 
PRO CD  HD2  sing N N 274 
PRO CD  HD3  sing N N 275 
PRO OXT HXT  sing N N 276 
SER N   CA   sing N N 277 
SER N   H    sing N N 278 
SER N   H2   sing N N 279 
SER CA  C    sing N N 280 
SER CA  CB   sing N N 281 
SER CA  HA   sing N N 282 
SER C   O    doub N N 283 
SER C   OXT  sing N N 284 
SER CB  OG   sing N N 285 
SER CB  HB2  sing N N 286 
SER CB  HB3  sing N N 287 
SER OG  HG   sing N N 288 
SER OXT HXT  sing N N 289 
THR N   CA   sing N N 290 
THR N   H    sing N N 291 
THR N   H2   sing N N 292 
THR CA  C    sing N N 293 
THR CA  CB   sing N N 294 
THR CA  HA   sing N N 295 
THR C   O    doub N N 296 
THR C   OXT  sing N N 297 
THR CB  OG1  sing N N 298 
THR CB  CG2  sing N N 299 
THR CB  HB   sing N N 300 
THR OG1 HG1  sing N N 301 
THR CG2 HG21 sing N N 302 
THR CG2 HG22 sing N N 303 
THR CG2 HG23 sing N N 304 
THR OXT HXT  sing N N 305 
TRP N   CA   sing N N 306 
TRP N   H    sing N N 307 
TRP N   H2   sing N N 308 
TRP CA  C    sing N N 309 
TRP CA  CB   sing N N 310 
TRP CA  HA   sing N N 311 
TRP C   O    doub N N 312 
TRP C   OXT  sing N N 313 
TRP CB  CG   sing N N 314 
TRP CB  HB2  sing N N 315 
TRP CB  HB3  sing N N 316 
TRP CG  CD1  doub Y N 317 
TRP CG  CD2  sing Y N 318 
TRP CD1 NE1  sing Y N 319 
TRP CD1 HD1  sing N N 320 
TRP CD2 CE2  doub Y N 321 
TRP CD2 CE3  sing Y N 322 
TRP NE1 CE2  sing Y N 323 
TRP NE1 HE1  sing N N 324 
TRP CE2 CZ2  sing Y N 325 
TRP CE3 CZ3  doub Y N 326 
TRP CE3 HE3  sing N N 327 
TRP CZ2 CH2  doub Y N 328 
TRP CZ2 HZ2  sing N N 329 
TRP CZ3 CH2  sing Y N 330 
TRP CZ3 HZ3  sing N N 331 
TRP CH2 HH2  sing N N 332 
TRP OXT HXT  sing N N 333 
TYR N   CA   sing N N 334 
TYR N   H    sing N N 335 
TYR N   H2   sing N N 336 
TYR CA  C    sing N N 337 
TYR CA  CB   sing N N 338 
TYR CA  HA   sing N N 339 
TYR C   O    doub N N 340 
TYR C   OXT  sing N N 341 
TYR CB  CG   sing N N 342 
TYR CB  HB2  sing N N 343 
TYR CB  HB3  sing N N 344 
TYR CG  CD1  doub Y N 345 
TYR CG  CD2  sing Y N 346 
TYR CD1 CE1  sing Y N 347 
TYR CD1 HD1  sing N N 348 
TYR CD2 CE2  doub Y N 349 
TYR CD2 HD2  sing N N 350 
TYR CE1 CZ   doub Y N 351 
TYR CE1 HE1  sing N N 352 
TYR CE2 CZ   sing Y N 353 
TYR CE2 HE2  sing N N 354 
TYR CZ  OH   sing N N 355 
TYR OH  HH   sing N N 356 
TYR OXT HXT  sing N N 357 
VAL N   CA   sing N N 358 
VAL N   H    sing N N 359 
VAL N   H2   sing N N 360 
VAL CA  C    sing N N 361 
VAL CA  CB   sing N N 362 
VAL CA  HA   sing N N 363 
VAL C   O    doub N N 364 
VAL C   OXT  sing N N 365 
VAL CB  CG1  sing N N 366 
VAL CB  CG2  sing N N 367 
VAL CB  HB   sing N N 368 
VAL CG1 HG11 sing N N 369 
VAL CG1 HG12 sing N N 370 
VAL CG1 HG13 sing N N 371 
VAL CG2 HG21 sing N N 372 
VAL CG2 HG22 sing N N 373 
VAL CG2 HG23 sing N N 374 
VAL OXT HXT  sing N N 375 
# 
_atom_sites.entry_id                    1LMN 
_atom_sites.fract_transf_matrix[1][1]   -0.00679162 
_atom_sites.fract_transf_matrix[1][2]   0.00073633 
_atom_sites.fract_transf_matrix[1][3]   -0.01341958 
_atom_sites.fract_transf_vector[1]      0.565044 
_atom_sites.fract_transf_matrix[2][1]   -0.01307869 
_atom_sites.fract_transf_matrix[2][2]   -0.00712668 
_atom_sites.fract_transf_matrix[2][3]   -0.00222073 
_atom_sites.fract_transf_vector[2]      0.762386 
_atom_sites.fract_transf_matrix[3][1]   -0.00909499 
_atom_sites.fract_transf_matrix[3][2]   0.01500009 
_atom_sites.fract_transf_matrix[3][3]   0.00542601 
_atom_sites.fract_transf_vector[3]      0.377279 
# 
loop_
_atom_type.symbol 
C 
N 
O 
S 
# 
loop_
_atom_site.group_PDB 
_atom_site.id 
_atom_site.type_symbol 
_atom_site.label_atom_id 
_atom_site.label_alt_id 
_atom_site.label_comp_id 
_atom_site.label_asym_id 
_atom_site.label_entity_id 
_atom_site.label_seq_id 
_atom_site.pdbx_PDB_ins_code 
_atom_site.Cartn_x 
_atom_site.Cartn_y 
_atom_site.Cartn_z 
_atom_site.occupancy 
_atom_site.B_iso_or_equiv 
_atom_site.pdbx_formal_charge 
_atom_site.auth_seq_id 
_atom_site.auth_comp_id 
_atom_site.auth_asym_id 
_atom_site.auth_atom_id 
_atom_site.pdbx_PDB_model_num 
ATOM   1    N N   . LYS A 1 1   ? 10.092  5.183   -8.054  1.00 21.70 ? 1   LYS A N   1 
ATOM   2    C CA  . LYS A 1 1   ? 10.913  3.983   -8.233  1.00 18.84 ? 1   LYS A CA  1 
ATOM   3    C C   . LYS A 1 1   ? 10.100  2.730   -8.448  1.00 17.85 ? 1   LYS A C   1 
ATOM   4    O O   . LYS A 1 1   ? 9.076   2.570   -7.776  1.00 21.62 ? 1   LYS A O   1 
ATOM   5    C CB  . LYS A 1 1   ? 11.798  3.785   -6.993  1.00 18.70 ? 1   LYS A CB  1 
ATOM   6    C CG  . LYS A 1 1   ? 12.531  2.415   -6.948  1.00 22.33 ? 1   LYS A CG  1 
ATOM   7    C CD  . LYS A 1 1   ? 13.382  2.510   -5.691  1.00 24.19 ? 1   LYS A CD  1 
ATOM   8    C CE  . LYS A 1 1   ? 13.925  1.221   -5.164  1.00 23.53 ? 1   LYS A CE  1 
ATOM   9    N NZ  . LYS A 1 1   ? 15.180  0.902   -5.884  1.00 26.76 ? 1   LYS A NZ  1 
ATOM   10   N N   . VAL A 1 2   ? 10.547  1.857   -9.339  1.00 17.16 ? 2   VAL A N   1 
ATOM   11   C CA  . VAL A 1 2   ? 9.864   0.580   -9.579  1.00 19.45 ? 2   VAL A CA  1 
ATOM   12   C C   . VAL A 1 2   ? 10.742  -0.461  -8.855  1.00 28.69 ? 2   VAL A C   1 
ATOM   13   O O   . VAL A 1 2   ? 11.865  -0.695  -9.278  1.00 23.22 ? 2   VAL A O   1 
ATOM   14   C CB  . VAL A 1 2   ? 9.594   0.193   -11.036 1.00 19.75 ? 2   VAL A CB  1 
ATOM   15   C CG1 . VAL A 1 2   ? 8.895   -1.161  -11.082 1.00 21.97 ? 2   VAL A CG1 1 
ATOM   16   C CG2 . VAL A 1 2   ? 8.866   1.315   -11.752 1.00 17.15 ? 2   VAL A CG2 1 
ATOM   17   N N   . TYR A 1 3   ? 10.165  -0.950  -7.777  1.00 22.45 ? 3   TYR A N   1 
ATOM   18   C CA  . TYR A 1 3   ? 10.839  -1.941  -6.956  1.00 16.69 ? 3   TYR A CA  1 
ATOM   19   C C   . TYR A 1 3   ? 10.786  -3.310  -7.611  1.00 17.62 ? 3   TYR A C   1 
ATOM   20   O O   . TYR A 1 3   ? 9.873   -3.720  -8.325  1.00 22.97 ? 3   TYR A O   1 
ATOM   21   C CB  . TYR A 1 3   ? 10.208  -2.050  -5.547  1.00 16.05 ? 3   TYR A CB  1 
ATOM   22   C CG  . TYR A 1 3   ? 10.674  -0.960  -4.621  1.00 17.68 ? 3   TYR A CG  1 
ATOM   23   C CD1 . TYR A 1 3   ? 10.279  0.374   -4.713  1.00 13.73 ? 3   TYR A CD1 1 
ATOM   24   C CD2 . TYR A 1 3   ? 11.566  -1.297  -3.590  1.00 23.68 ? 3   TYR A CD2 1 
ATOM   25   C CE1 . TYR A 1 3   ? 10.760  1.339   -3.821  1.00 19.27 ? 3   TYR A CE1 1 
ATOM   26   C CE2 . TYR A 1 3   ? 12.075  -0.350  -2.686  1.00 18.88 ? 3   TYR A CE2 1 
ATOM   27   C CZ  . TYR A 1 3   ? 11.667  0.979   -2.815  1.00 23.25 ? 3   TYR A CZ  1 
ATOM   28   O OH  . TYR A 1 3   ? 12.124  1.956   -1.956  1.00 23.33 ? 3   TYR A OH  1 
ATOM   29   N N   . ASP A 1 4   ? 11.821  -4.028  -7.274  1.00 21.13 ? 4   ASP A N   1 
ATOM   30   C CA  . ASP A 1 4   ? 12.053  -5.433  -7.576  1.00 18.84 ? 4   ASP A CA  1 
ATOM   31   C C   . ASP A 1 4   ? 11.222  -6.093  -6.460  1.00 17.29 ? 4   ASP A C   1 
ATOM   32   O O   . ASP A 1 4   ? 11.246  -5.528  -5.333  1.00 20.53 ? 4   ASP A O   1 
ATOM   33   C CB  . ASP A 1 4   ? 13.541  -5.735  -7.619  1.00 19.68 ? 4   ASP A CB  1 
ATOM   34   C CG  . ASP A 1 4   ? 13.941  -7.140  -7.236  1.00 33.32 ? 4   ASP A CG  1 
ATOM   35   O OD1 . ASP A 1 4   ? 13.878  -7.931  -8.215  1.00 48.07 ? 4   ASP A OD1 1 
ATOM   36   O OD2 . ASP A 1 4   ? 14.297  -7.525  -6.101  1.00 51.31 ? 4   ASP A OD2 1 
ATOM   37   N N   . ARG A 1 5   ? 10.588  -7.207  -6.743  1.00 17.23 ? 5   ARG A N   1 
ATOM   38   C CA  . ARG A 1 5   ? 9.790   -7.936  -5.759  1.00 17.57 ? 5   ARG A CA  1 
ATOM   39   C C   . ARG A 1 5   ? 10.521  -8.237  -4.452  1.00 30.86 ? 5   ARG A C   1 
ATOM   40   O O   . ARG A 1 5   ? 9.986   -7.999  -3.360  1.00 23.12 ? 5   ARG A O   1 
ATOM   41   C CB  . ARG A 1 5   ? 9.304   -9.249  -6.398  1.00 17.11 ? 5   ARG A CB  1 
ATOM   42   C CG  . ARG A 1 5   ? 8.530   -10.123 -5.417  1.00 23.32 ? 5   ARG A CG  1 
ATOM   43   C CD  . ARG A 1 5   ? 8.071   -11.387 -6.056  1.00 25.02 ? 5   ARG A CD  1 
ATOM   44   N NE  . ARG A 1 5   ? 9.129   -12.222 -6.610  1.00 29.10 ? 5   ARG A NE  1 
ATOM   45   C CZ  . ARG A 1 5   ? 9.829   -13.143 -5.946  1.00 20.94 ? 5   ARG A CZ  1 
ATOM   46   N NH1 . ARG A 1 5   ? 9.549   -13.483 -4.699  1.00 24.26 ? 5   ARG A NH1 1 
ATOM   47   N NH2 . ARG A 1 5   ? 10.846  -13.758 -6.553  1.00 24.66 ? 5   ARG A NH2 1 
ATOM   48   N N   . CYS A 1 6   ? 11.721  -8.782  -4.518  1.00 20.52 ? 6   CYS A N   1 
ATOM   49   C CA  . CYS A 1 6   ? 12.484  -9.139  -3.315  1.00 18.60 ? 6   CYS A CA  1 
ATOM   50   C C   . CYS A 1 6   ? 13.057  -7.895  -2.653  1.00 14.69 ? 6   CYS A C   1 
ATOM   51   O O   . CYS A 1 6   ? 13.206  -7.881  -1.419  1.00 16.72 ? 6   CYS A O   1 
ATOM   52   C CB  . CYS A 1 6   ? 13.578  -10.159 -3.654  1.00 23.10 ? 6   CYS A CB  1 
ATOM   53   S SG  . CYS A 1 6   ? 12.986  -11.837 -3.882  1.00 22.38 ? 6   CYS A SG  1 
ATOM   54   N N   . GLU A 1 7   ? 13.372  -6.873  -3.418  1.00 16.62 ? 7   GLU A N   1 
ATOM   55   C CA  . GLU A 1 7   ? 13.885  -5.613  -2.849  1.00 17.98 ? 7   GLU A CA  1 
ATOM   56   C C   . GLU A 1 7   ? 12.815  -4.991  -1.960  1.00 18.11 ? 7   GLU A C   1 
ATOM   57   O O   . GLU A 1 7   ? 13.089  -4.478  -0.842  1.00 14.81 ? 7   GLU A O   1 
ATOM   58   C CB  . GLU A 1 7   ? 14.346  -4.707  -3.971  1.00 13.16 ? 7   GLU A CB  1 
ATOM   59   C CG  . GLU A 1 7   ? 14.855  -3.344  -3.612  1.00 14.24 ? 7   GLU A CG  1 
ATOM   60   C CD  . GLU A 1 7   ? 14.930  -2.467  -4.833  1.00 31.56 ? 7   GLU A CD  1 
ATOM   61   O OE1 . GLU A 1 7   ? 14.400  -2.694  -5.899  1.00 28.46 ? 7   GLU A OE1 1 
ATOM   62   O OE2 . GLU A 1 7   ? 15.631  -1.488  -4.519  1.00 26.17 ? 7   GLU A OE2 1 
ATOM   63   N N   . LEU A 1 8   ? 11.581  -5.077  -2.491  1.00 16.13 ? 8   LEU A N   1 
ATOM   64   C CA  . LEU A 1 8   ? 10.421  -4.603  -1.729  1.00 15.22 ? 8   LEU A CA  1 
ATOM   65   C C   . LEU A 1 8   ? 10.204  -5.502  -0.513  1.00 14.96 ? 8   LEU A C   1 
ATOM   66   O O   . LEU A 1 8   ? 9.925   -4.957  0.554   1.00 19.64 ? 8   LEU A O   1 
ATOM   67   C CB  . LEU A 1 8   ? 9.191   -4.524  -2.645  1.00 14.22 ? 8   LEU A CB  1 
ATOM   68   C CG  . LEU A 1 8   ? 7.850   -4.083  -2.032  1.00 17.93 ? 8   LEU A CG  1 
ATOM   69   C CD1 . LEU A 1 8   ? 7.965   -2.632  -1.568  1.00 17.25 ? 8   LEU A CD1 1 
ATOM   70   C CD2 . LEU A 1 8   ? 6.724   -4.322  -3.069  1.00 17.94 ? 8   LEU A CD2 1 
ATOM   71   N N   . ALA A 1 9   ? 10.265  -6.822  -0.664  1.00 17.57 ? 9   ALA A N   1 
ATOM   72   C CA  . ALA A 1 9   ? 10.052  -7.722  0.485   1.00 15.74 ? 9   ALA A CA  1 
ATOM   73   C C   . ALA A 1 9   ? 11.029  -7.355  1.597   1.00 19.27 ? 9   ALA A C   1 
ATOM   74   O O   . ALA A 1 9   ? 10.608  -7.247  2.777   1.00 20.89 ? 9   ALA A O   1 
ATOM   75   C CB  . ALA A 1 9   ? 10.162  -9.174  0.060   1.00 12.23 ? 9   ALA A CB  1 
ATOM   76   N N   . ARG A 1 10  ? 12.300  -7.144  1.278   1.00 16.54 ? 10  ARG A N   1 
ATOM   77   C CA  . ARG A 1 10  ? 13.322  -6.764  2.250   1.00 15.50 ? 10  ARG A CA  1 
ATOM   78   C C   . ARG A 1 10  ? 13.018  -5.434  2.896   1.00 17.79 ? 10  ARG A C   1 
ATOM   79   O O   . ARG A 1 10  ? 13.194  -5.329  4.131   1.00 17.29 ? 10  ARG A O   1 
ATOM   80   C CB  . ARG A 1 10  ? 14.693  -6.731  1.562   1.00 16.95 ? 10  ARG A CB  1 
ATOM   81   C CG  . ARG A 1 10  ? 15.119  -8.151  1.179   1.00 26.71 ? 10  ARG A CG  1 
ATOM   82   C CD  . ARG A 1 10  ? 16.590  -8.284  0.964   1.00 35.49 ? 10  ARG A CD  1 
ATOM   83   N NE  . ARG A 1 10  ? 17.049  -7.212  0.089   1.00 34.27 ? 10  ARG A NE  1 
ATOM   84   C CZ  . ARG A 1 10  ? 17.091  -7.401  -1.246  1.00 64.05 ? 10  ARG A CZ  1 
ATOM   85   N NH1 . ARG A 1 10  ? 16.965  -8.644  -1.728  1.00 35.34 ? 10  ARG A NH1 1 
ATOM   86   N NH2 . ARG A 1 10  ? 17.274  -6.386  -2.111  1.00 36.97 ? 10  ARG A NH2 1 
ATOM   87   N N   . ALA A 1 11  ? 12.581  -4.436  2.117   1.00 25.13 ? 11  ALA A N   1 
ATOM   88   C CA  . ALA A 1 11  ? 12.275  -3.102  2.702   1.00 20.25 ? 11  ALA A CA  1 
ATOM   89   C C   . ALA A 1 11  ? 11.053  -3.181  3.627   1.00 22.12 ? 11  ALA A C   1 
ATOM   90   O O   . ALA A 1 11  ? 11.031  -2.486  4.670   1.00 18.21 ? 11  ALA A O   1 
ATOM   91   C CB  . ALA A 1 11  ? 12.133  -2.039  1.599   1.00 11.63 ? 11  ALA A CB  1 
ATOM   92   N N   . LEU A 1 12  ? 10.053  -3.992  3.303   1.00 21.26 ? 12  LEU A N   1 
ATOM   93   C CA  . LEU A 1 12  ? 8.847   -4.141  4.135   1.00 22.03 ? 12  LEU A CA  1 
ATOM   94   C C   . LEU A 1 12  ? 9.225   -4.860  5.436   1.00 15.33 ? 12  LEU A C   1 
ATOM   95   O O   . LEU A 1 12  ? 8.770   -4.427  6.507   1.00 20.16 ? 12  LEU A O   1 
ATOM   96   C CB  . LEU A 1 12  ? 7.738   -4.820  3.303   1.00 17.85 ? 12  LEU A CB  1 
ATOM   97   C CG  . LEU A 1 12  ? 7.216   -4.012  2.121   1.00 18.58 ? 12  LEU A CG  1 
ATOM   98   C CD1 . LEU A 1 12  ? 6.042   -4.717  1.435   1.00 21.18 ? 12  LEU A CD1 1 
ATOM   99   C CD2 . LEU A 1 12  ? 6.784   -2.617  2.591   1.00 21.81 ? 12  LEU A CD2 1 
ATOM   100  N N   . LYS A 1 13  ? 9.983   -5.932  5.278   1.00 16.99 ? 13  LYS A N   1 
ATOM   101  C CA  . LYS A 1 13  ? 10.420  -6.688  6.455   1.00 15.76 ? 13  LYS A CA  1 
ATOM   102  C C   . LYS A 1 13  ? 11.266  -5.821  7.385   1.00 24.23 ? 13  LYS A C   1 
ATOM   103  O O   . LYS A 1 13  ? 11.052  -5.905  8.606   1.00 24.15 ? 13  LYS A O   1 
ATOM   104  C CB  . LYS A 1 13  ? 11.194  -7.897  6.014   1.00 14.51 ? 13  LYS A CB  1 
ATOM   105  C CG  . LYS A 1 13  ? 11.899  -8.577  7.159   1.00 20.68 ? 13  LYS A CG  1 
ATOM   106  C CD  . LYS A 1 13  ? 10.927  -9.378  7.980   1.00 29.75 ? 13  LYS A CD  1 
ATOM   107  C CE  . LYS A 1 13  ? 11.537  -10.762 8.226   1.00 46.00 ? 13  LYS A CE  1 
ATOM   108  N NZ  . LYS A 1 13  ? 10.709  -11.415 9.264   1.00 36.62 ? 13  LYS A NZ  1 
ATOM   109  N N   . ALA A 1 14  ? 12.166  -5.003  6.915   1.00 24.20 ? 14  ALA A N   1 
ATOM   110  C CA  . ALA A 1 14  ? 13.008  -4.107  7.675   1.00 16.87 ? 14  ALA A CA  1 
ATOM   111  C C   . ALA A 1 14  ? 12.157  -3.066  8.369   1.00 20.31 ? 14  ALA A C   1 
ATOM   112  O O   . ALA A 1 14  ? 12.588  -2.615  9.454   1.00 25.61 ? 14  ALA A O   1 
ATOM   113  C CB  . ALA A 1 14  ? 14.052  -3.376  6.814   1.00 17.40 ? 14  ALA A CB  1 
ATOM   114  N N   . SER A 1 15  ? 11.019  -2.669  7.831   1.00 23.53 ? 15  SER A N   1 
ATOM   115  C CA  . SER A 1 15  ? 10.107  -1.664  8.378   1.00 17.49 ? 15  SER A CA  1 
ATOM   116  C C   . SER A 1 15  ? 9.017   -2.145  9.322   1.00 17.68 ? 15  SER A C   1 
ATOM   117  O O   . SER A 1 15  ? 8.126   -1.321  9.624   1.00 23.97 ? 15  SER A O   1 
ATOM   118  C CB  . SER A 1 15  ? 9.356   -0.940  7.222   1.00 23.35 ? 15  SER A CB  1 
ATOM   119  O OG  . SER A 1 15  ? 10.388  -0.084  6.723   1.00 32.60 ? 15  SER A OG  1 
ATOM   120  N N   . GLY A 1 16  ? 9.076   -3.406  9.676   1.00 18.13 ? 16  GLY A N   1 
ATOM   121  C CA  . GLY A 1 16  ? 8.134   -4.041  10.580  1.00 23.12 ? 16  GLY A CA  1 
ATOM   122  C C   . GLY A 1 16  ? 6.775   -4.403  10.005  1.00 16.11 ? 16  GLY A C   1 
ATOM   123  O O   . GLY A 1 16  ? 5.838   -4.506  10.838  1.00 21.95 ? 16  GLY A O   1 
ATOM   124  N N   . MET A 1 17  ? 6.707   -4.548  8.701   1.00 17.48 ? 17  MET A N   1 
ATOM   125  C CA  . MET A 1 17  ? 5.406   -4.882  8.059   1.00 19.33 ? 17  MET A CA  1 
ATOM   126  C C   . MET A 1 17  ? 5.118   -6.367  8.242   1.00 19.86 ? 17  MET A C   1 
ATOM   127  O O   . MET A 1 17  ? 3.911   -6.693  8.188   1.00 20.08 ? 17  MET A O   1 
ATOM   128  C CB  . MET A 1 17  ? 5.279   -4.535  6.571   1.00 16.76 ? 17  MET A CB  1 
ATOM   129  C CG  . MET A 1 17  ? 5.351   -3.030  6.363   1.00 19.56 ? 17  MET A CG  1 
ATOM   130  S SD  . MET A 1 17  ? 3.841   -2.293  7.049   1.00 28.35 ? 17  MET A SD  1 
ATOM   131  C CE  . MET A 1 17  ? 2.875   -2.047  5.586   1.00 23.96 ? 17  MET A CE  1 
ATOM   132  N N   . ASP A 1 18  ? 6.091   -7.226  8.425   1.00 24.54 ? 18  ASP A N   1 
ATOM   133  C CA  . ASP A 1 18  ? 5.816   -8.658  8.591   1.00 20.28 ? 18  ASP A CA  1 
ATOM   134  C C   . ASP A 1 18  ? 5.079   -8.947  9.907   1.00 26.70 ? 18  ASP A C   1 
ATOM   135  O O   . ASP A 1 18  ? 5.708   -9.008  10.967  1.00 28.97 ? 18  ASP A O   1 
ATOM   136  C CB  . ASP A 1 18  ? 7.099   -9.484  8.492   1.00 19.82 ? 18  ASP A CB  1 
ATOM   137  C CG  . ASP A 1 18  ? 6.739   -10.952 8.304   1.00 26.75 ? 18  ASP A CG  1 
ATOM   138  O OD1 . ASP A 1 18  ? 5.607   -11.406 8.058   1.00 25.55 ? 18  ASP A OD1 1 
ATOM   139  O OD2 . ASP A 1 18  ? 7.645   -11.798 8.398   1.00 34.45 ? 18  ASP A OD2 1 
ATOM   140  N N   . GLY A 1 19  ? 3.779   -9.150  9.811   1.00 21.53 ? 19  GLY A N   1 
ATOM   141  C CA  . GLY A 1 19  ? 2.867   -9.437  10.910  1.00 17.16 ? 19  GLY A CA  1 
ATOM   142  C C   . GLY A 1 19  ? 2.139   -8.211  11.444  1.00 21.14 ? 19  GLY A C   1 
ATOM   143  O O   . GLY A 1 19  ? 1.390   -8.326  12.451  1.00 26.98 ? 19  GLY A O   1 
ATOM   144  N N   . TYR A 1 20  ? 2.318   -7.056  10.805  1.00 19.64 ? 20  TYR A N   1 
ATOM   145  C CA  . TYR A 1 20  ? 1.684   -5.823  11.314  1.00 11.62 ? 20  TYR A CA  1 
ATOM   146  C C   . TYR A 1 20  ? 0.170   -5.998  11.291  1.00 20.21 ? 20  TYR A C   1 
ATOM   147  O O   . TYR A 1 20  ? -0.452  -6.287  10.248  1.00 17.65 ? 20  TYR A O   1 
ATOM   148  C CB  . TYR A 1 20  ? 2.189   -4.591  10.528  1.00 14.73 ? 20  TYR A CB  1 
ATOM   149  C CG  . TYR A 1 20  ? 1.753   -3.372  11.330  1.00 16.79 ? 20  TYR A CG  1 
ATOM   150  C CD1 . TYR A 1 20  ? 2.589   -2.870  12.302  1.00 21.07 ? 20  TYR A CD1 1 
ATOM   151  C CD2 . TYR A 1 20  ? 0.520   -2.741  11.123  1.00 21.85 ? 20  TYR A CD2 1 
ATOM   152  C CE1 . TYR A 1 20  ? 2.211   -1.762  13.057  1.00 21.32 ? 20  TYR A CE1 1 
ATOM   153  C CE2 . TYR A 1 20  ? 0.135   -1.634  11.874  1.00 26.53 ? 20  TYR A CE2 1 
ATOM   154  C CZ  . TYR A 1 20  ? 0.995   -1.141  12.851  1.00 20.87 ? 20  TYR A CZ  1 
ATOM   155  O OH  . TYR A 1 20  ? 0.625   -0.068  13.617  1.00 24.79 ? 20  TYR A OH  1 
ATOM   156  N N   . ALA A 1 21  ? -0.398  -5.830  12.472  1.00 21.72 ? 21  ALA A N   1 
ATOM   157  C CA  . ALA A 1 21  ? -1.814  -5.968  12.755  1.00 15.85 ? 21  ALA A CA  1 
ATOM   158  C C   . ALA A 1 21  ? -2.252  -7.349  12.249  1.00 28.72 ? 21  ALA A C   1 
ATOM   159  O O   . ALA A 1 21  ? -3.377  -7.546  11.714  1.00 29.54 ? 21  ALA A O   1 
ATOM   160  C CB  . ALA A 1 21  ? -2.621  -4.854  12.126  1.00 15.63 ? 21  ALA A CB  1 
ATOM   161  N N   . GLY A 1 22  ? -1.332  -8.300  12.403  1.00 26.15 ? 22  GLY A N   1 
ATOM   162  C CA  . GLY A 1 22  ? -1.586  -9.683  11.982  1.00 27.14 ? 22  GLY A CA  1 
ATOM   163  C C   . GLY A 1 22  ? -1.479  -10.001 10.512  1.00 33.40 ? 22  GLY A C   1 
ATOM   164  O O   . GLY A 1 22  ? -1.944  -11.104 10.151  1.00 28.78 ? 22  GLY A O   1 
ATOM   165  N N   . ASN A 1 23  ? -0.915  -9.152  9.675   1.00 24.38 ? 23  ASN A N   1 
ATOM   166  C CA  . ASN A 1 23  ? -0.785  -9.381  8.216   1.00 20.06 ? 23  ASN A CA  1 
ATOM   167  C C   . ASN A 1 23  ? 0.637   -9.807  7.898   1.00 16.00 ? 23  ASN A C   1 
ATOM   168  O O   . ASN A 1 23  ? 1.546   -8.947  8.082   1.00 24.77 ? 23  ASN A O   1 
ATOM   169  C CB  . ASN A 1 23  ? -1.196  -8.126  7.452   1.00 17.33 ? 23  ASN A CB  1 
ATOM   170  C CG  . ASN A 1 23  ? -2.628  -7.745  7.822   1.00 21.84 ? 23  ASN A CG  1 
ATOM   171  O OD1 . ASN A 1 23  ? -2.888  -6.751  8.521   1.00 27.17 ? 23  ASN A OD1 1 
ATOM   172  N ND2 . ASN A 1 23  ? -3.532  -8.583  7.338   1.00 20.53 ? 23  ASN A ND2 1 
ATOM   173  N N   . SER A 1 24  ? 0.813   -11.056 7.515   1.00 14.12 ? 24  SER A N   1 
ATOM   174  C CA  . SER A 1 24  ? 2.177   -11.529 7.211   1.00 16.92 ? 24  SER A CA  1 
ATOM   175  C C   . SER A 1 24  ? 2.663   -10.851 5.937   1.00 14.90 ? 24  SER A C   1 
ATOM   176  O O   . SER A 1 24  ? 1.879   -10.395 5.125   1.00 18.40 ? 24  SER A O   1 
ATOM   177  C CB  . SER A 1 24  ? 2.194   -13.036 7.095   1.00 21.28 ? 24  SER A CB  1 
ATOM   178  O OG  . SER A 1 24  ? 1.358   -13.323 5.963   1.00 25.27 ? 24  SER A OG  1 
ATOM   179  N N   . LEU A 1 25  ? 3.973   -10.832 5.785   1.00 18.39 ? 25  LEU A N   1 
ATOM   180  C CA  . LEU A 1 25  ? 4.675   -10.201 4.658   1.00 16.28 ? 25  LEU A CA  1 
ATOM   181  C C   . LEU A 1 25  ? 4.174   -10.520 3.261   1.00 15.33 ? 25  LEU A C   1 
ATOM   182  O O   . LEU A 1 25  ? 4.048   -9.526  2.499   1.00 18.11 ? 25  LEU A O   1 
ATOM   183  C CB  . LEU A 1 25  ? 6.193   -10.538 4.796   1.00 16.04 ? 25  LEU A CB  1 
ATOM   184  C CG  . LEU A 1 25  ? 7.036   -9.666  3.857   1.00 16.42 ? 25  LEU A CG  1 
ATOM   185  C CD1 . LEU A 1 25  ? 7.153   -8.273  4.448   1.00 21.53 ? 25  LEU A CD1 1 
ATOM   186  C CD2 . LEU A 1 25  ? 8.396   -10.296 3.703   1.00 20.58 ? 25  LEU A CD2 1 
ATOM   187  N N   . PRO A 1 26  ? 3.912   -11.746 2.887   1.00 19.31 ? 26  PRO A N   1 
ATOM   188  C CA  . PRO A 1 26  ? 3.407   -12.054 1.547   1.00 23.09 ? 26  PRO A CA  1 
ATOM   189  C C   . PRO A 1 26  ? 2.147   -11.274 1.188   1.00 19.16 ? 26  PRO A C   1 
ATOM   190  O O   . PRO A 1 26  ? 1.865   -10.982 0.005   1.00 19.19 ? 26  PRO A O   1 
ATOM   191  C CB  . PRO A 1 26  ? 3.226   -13.571 1.572   1.00 22.54 ? 26  PRO A CB  1 
ATOM   192  C CG  . PRO A 1 26  ? 4.194   -13.999 2.628   1.00 16.36 ? 26  PRO A CG  1 
ATOM   193  C CD  . PRO A 1 26  ? 4.074   -12.947 3.721   1.00 14.02 ? 26  PRO A CD  1 
ATOM   194  N N   . ASN A 1 27  ? 1.360   -10.942 2.207   1.00 19.70 ? 27  ASN A N   1 
ATOM   195  C CA  . ASN A 1 27  ? 0.102   -10.203 2.030   1.00 14.79 ? 27  ASN A CA  1 
ATOM   196  C C   . ASN A 1 27  ? 0.418   -8.838  1.434   1.00 14.30 ? 27  ASN A C   1 
ATOM   197  O O   . ASN A 1 27  ? -0.270  -8.453  0.479   1.00 15.64 ? 27  ASN A O   1 
ATOM   198  C CB  . ASN A 1 27  ? -0.751  -10.020 3.305   1.00 12.82 ? 27  ASN A CB  1 
ATOM   199  C CG  . ASN A 1 27  ? -1.466  -11.338 3.562   1.00 21.53 ? 27  ASN A CG  1 
ATOM   200  O OD1 . ASN A 1 27  ? -2.441  -11.672 2.878   1.00 20.64 ? 27  ASN A OD1 1 
ATOM   201  N ND2 . ASN A 1 27  ? -0.915  -12.130 4.471   1.00 20.82 ? 27  ASN A ND2 1 
ATOM   202  N N   . TRP A 1 28  ? 1.418   -8.205  2.027   1.00 19.20 ? 28  TRP A N   1 
ATOM   203  C CA  . TRP A 1 28  ? 1.864   -6.857  1.621   1.00 15.43 ? 28  TRP A CA  1 
ATOM   204  C C   . TRP A 1 28  ? 2.557   -6.892  0.267   1.00 15.47 ? 28  TRP A C   1 
ATOM   205  O O   . TRP A 1 28  ? 2.331   -5.925  -0.489  1.00 17.35 ? 28  TRP A O   1 
ATOM   206  C CB  . TRP A 1 28  ? 2.761   -6.233  2.675   1.00 14.23 ? 28  TRP A CB  1 
ATOM   207  C CG  . TRP A 1 28  ? 2.112   -6.058  4.003   1.00 14.53 ? 28  TRP A CG  1 
ATOM   208  C CD1 . TRP A 1 28  ? 2.338   -6.805  5.117   1.00 14.68 ? 28  TRP A CD1 1 
ATOM   209  C CD2 . TRP A 1 28  ? 1.126   -5.061  4.346   1.00 16.02 ? 28  TRP A CD2 1 
ATOM   210  N NE1 . TRP A 1 28  ? 1.525   -6.327  6.143   1.00 19.84 ? 28  TRP A NE1 1 
ATOM   211  C CE2 . TRP A 1 28  ? 0.805   -5.270  5.705   1.00 22.40 ? 28  TRP A CE2 1 
ATOM   212  C CE3 . TRP A 1 28  ? 0.496   -4.040  3.648   1.00 17.39 ? 28  TRP A CE3 1 
ATOM   213  C CZ2 . TRP A 1 28  ? -0.106  -4.476  6.396   1.00 18.70 ? 28  TRP A CZ2 1 
ATOM   214  C CZ3 . TRP A 1 28  ? -0.405  -3.223  4.324   1.00 17.11 ? 28  TRP A CZ3 1 
ATOM   215  C CH2 . TRP A 1 28  ? -0.711  -3.443  5.667   1.00 18.25 ? 28  TRP A CH2 1 
ATOM   216  N N   . VAL A 1 29  ? 3.297   -7.934  -0.036  1.00 17.47 ? 29  VAL A N   1 
ATOM   217  C CA  . VAL A 1 29  ? 3.941   -8.018  -1.386  1.00 16.18 ? 29  VAL A CA  1 
ATOM   218  C C   . VAL A 1 29  ? 2.858   -8.314  -2.424  1.00 21.83 ? 29  VAL A C   1 
ATOM   219  O O   . VAL A 1 29  ? 2.892   -7.658  -3.478  1.00 15.33 ? 29  VAL A O   1 
ATOM   220  C CB  . VAL A 1 29  ? 5.116   -9.004  -1.396  1.00 11.64 ? 29  VAL A CB  1 
ATOM   221  C CG1 . VAL A 1 29  ? 5.761   -9.168  -2.771  1.00 13.07 ? 29  VAL A CG1 1 
ATOM   222  C CG2 . VAL A 1 29  ? 6.178   -8.639  -0.347  1.00 14.43 ? 29  VAL A CG2 1 
ATOM   223  N N   . CYS A 1 30  ? 1.907   -9.197  -2.204  1.00 17.07 ? 30  CYS A N   1 
ATOM   224  C CA  . CYS A 1 30  ? 0.819   -9.485  -3.170  1.00 13.49 ? 30  CYS A CA  1 
ATOM   225  C C   . CYS A 1 30  ? 0.007   -8.250  -3.503  1.00 16.09 ? 30  CYS A C   1 
ATOM   226  O O   . CYS A 1 30  ? -0.259  -7.962  -4.679  1.00 19.18 ? 30  CYS A O   1 
ATOM   227  C CB  . CYS A 1 30  ? -0.020  -10.591 -2.558  1.00 18.53 ? 30  CYS A CB  1 
ATOM   228  S SG  . CYS A 1 30  ? -1.377  -11.069 -3.647  1.00 19.81 ? 30  CYS A SG  1 
ATOM   229  N N   . LEU A 1 31  ? -0.410  -7.502  -2.492  1.00 14.82 ? 31  LEU A N   1 
ATOM   230  C CA  . LEU A 1 31  ? -1.198  -6.256  -2.632  1.00 15.25 ? 31  LEU A CA  1 
ATOM   231  C C   . LEU A 1 31  ? -0.451  -5.203  -3.443  1.00 13.39 ? 31  LEU A C   1 
ATOM   232  O O   . LEU A 1 31  ? -1.084  -4.542  -4.279  1.00 17.47 ? 31  LEU A O   1 
ATOM   233  C CB  . LEU A 1 31  ? -1.553  -5.890  -1.201  1.00 19.20 ? 31  LEU A CB  1 
ATOM   234  C CG  . LEU A 1 31  ? -1.478  -4.664  -0.365  1.00 27.64 ? 31  LEU A CG  1 
ATOM   235  C CD1 . LEU A 1 31  ? -1.859  -3.374  -1.045  1.00 27.89 ? 31  LEU A CD1 1 
ATOM   236  C CD2 . LEU A 1 31  ? -2.484  -4.865  0.817   1.00 37.76 ? 31  LEU A CD2 1 
ATOM   237  N N   . SER A 1 32  ? 0.836   -5.015  -3.156  1.00 16.62 ? 32  SER A N   1 
ATOM   238  C CA  . SER A 1 32  ? 1.662   -4.024  -3.860  1.00 14.42 ? 32  SER A CA  1 
ATOM   239  C C   . SER A 1 32  ? 1.750   -4.402  -5.346  1.00 16.48 ? 32  SER A C   1 
ATOM   240  O O   . SER A 1 32  ? 1.644   -3.536  -6.238  1.00 20.99 ? 32  SER A O   1 
ATOM   241  C CB  . SER A 1 32  ? 3.045   -3.892  -3.214  1.00 13.54 ? 32  SER A CB  1 
ATOM   242  O OG  . SER A 1 32  ? 2.994   -3.386  -1.906  1.00 24.15 ? 32  SER A OG  1 
ATOM   243  N N   . LYS A 1 33  ? 1.960   -5.684  -5.607  1.00 18.15 ? 33  LYS A N   1 
ATOM   244  C CA  . LYS A 1 33  ? 2.053   -6.194  -6.968  1.00 19.13 ? 33  LYS A CA  1 
ATOM   245  C C   . LYS A 1 33  ? 0.812   -5.873  -7.809  1.00 26.34 ? 33  LYS A C   1 
ATOM   246  O O   . LYS A 1 33  ? 0.981   -5.358  -8.938  1.00 23.00 ? 33  LYS A O   1 
ATOM   247  C CB  . LYS A 1 33  ? 2.275   -7.709  -6.977  1.00 17.27 ? 33  LYS A CB  1 
ATOM   248  C CG  . LYS A 1 33  ? 2.785   -8.096  -8.374  1.00 22.75 ? 33  LYS A CG  1 
ATOM   249  C CD  . LYS A 1 33  ? 1.654   -8.639  -9.187  1.00 37.18 ? 33  LYS A CD  1 
ATOM   250  C CE  . LYS A 1 33  ? 2.216   -9.422  -10.374 1.00 42.28 ? 33  LYS A CE  1 
ATOM   251  N NZ  . LYS A 1 33  ? 1.081   -9.598  -11.335 1.00 38.99 ? 33  LYS A NZ  1 
ATOM   252  N N   . TRP A 1 34  ? -0.405  -6.155  -7.367  1.00 14.50 ? 34  TRP A N   1 
ATOM   253  C CA  . TRP A 1 34  ? -1.675  -5.951  -8.039  1.00 14.84 ? 34  TRP A CA  1 
ATOM   254  C C   . TRP A 1 34  ? -2.159  -4.504  -7.982  1.00 18.89 ? 34  TRP A C   1 
ATOM   255  O O   . TRP A 1 34  ? -2.820  -4.095  -8.949  1.00 31.24 ? 34  TRP A O   1 
ATOM   256  C CB  . TRP A 1 34  ? -2.744  -6.888  -7.445  1.00 16.79 ? 34  TRP A CB  1 
ATOM   257  C CG  . TRP A 1 34  ? -2.271  -8.295  -7.617  1.00 13.24 ? 34  TRP A CG  1 
ATOM   258  C CD1 . TRP A 1 34  ? -1.700  -9.160  -6.730  1.00 18.04 ? 34  TRP A CD1 1 
ATOM   259  C CD2 . TRP A 1 34  ? -2.372  -9.019  -8.839  1.00 27.30 ? 34  TRP A CD2 1 
ATOM   260  N NE1 . TRP A 1 34  ? -1.457  -10.370 -7.310  1.00 21.34 ? 34  TRP A NE1 1 
ATOM   261  C CE2 . TRP A 1 34  ? -1.844  -10.312 -8.607  1.00 25.23 ? 34  TRP A CE2 1 
ATOM   262  C CE3 . TRP A 1 34  ? -2.886  -8.676  -10.098 1.00 29.47 ? 34  TRP A CE3 1 
ATOM   263  C CZ2 . TRP A 1 34  ? -1.819  -11.272 -9.615  1.00 32.48 ? 34  TRP A CZ2 1 
ATOM   264  C CZ3 . TRP A 1 34  ? -2.832  -9.635  -11.102 1.00 30.08 ? 34  TRP A CZ3 1 
ATOM   265  C CH2 . TRP A 1 34  ? -2.313  -10.907 -10.863 1.00 37.96 ? 34  TRP A CH2 1 
ATOM   266  N N   . GLU A 1 35  ? -1.828  -3.759  -6.934  1.00 20.52 ? 35  GLU A N   1 
ATOM   267  C CA  . GLU A 1 35  ? -2.233  -2.352  -6.890  1.00 17.07 ? 35  GLU A CA  1 
ATOM   268  C C   . GLU A 1 35  ? -1.349  -1.446  -7.732  1.00 18.13 ? 35  GLU A C   1 
ATOM   269  O O   . GLU A 1 35  ? -1.863  -0.514  -8.370  1.00 22.49 ? 35  GLU A O   1 
ATOM   270  C CB  . GLU A 1 35  ? -2.159  -1.768  -5.499  1.00 13.10 ? 35  GLU A CB  1 
ATOM   271  C CG  . GLU A 1 35  ? -3.208  -2.171  -4.497  1.00 15.22 ? 35  GLU A CG  1 
ATOM   272  C CD  . GLU A 1 35  ? -4.593  -1.673  -4.813  1.00 23.48 ? 35  GLU A CD  1 
ATOM   273  O OE1 . GLU A 1 35  ? -4.974  -0.927  -5.690  1.00 24.84 ? 35  GLU A OE1 1 
ATOM   274  O OE2 . GLU A 1 35  ? -5.391  -2.145  -3.976  1.00 27.90 ? 35  GLU A OE2 1 
ATOM   275  N N   . SER A 1 36  ? -0.044  -1.625  -7.751  1.00 19.24 ? 36  SER A N   1 
ATOM   276  C CA  . SER A 1 36  ? 0.815   -0.703  -8.520  1.00 20.74 ? 36  SER A CA  1 
ATOM   277  C C   . SER A 1 36  ? 1.924   -1.267  -9.360  1.00 27.03 ? 36  SER A C   1 
ATOM   278  O O   . SER A 1 36  ? 2.651   -0.452  -9.945  1.00 24.24 ? 36  SER A O   1 
ATOM   279  C CB  . SER A 1 36  ? 1.465   0.207   -7.453  1.00 13.21 ? 36  SER A CB  1 
ATOM   280  O OG  . SER A 1 36  ? 2.272   -0.669  -6.652  1.00 14.40 ? 36  SER A OG  1 
ATOM   281  N N   . SER A 1 37  ? 2.126   -2.559  -9.380  1.00 18.97 ? 37  SER A N   1 
ATOM   282  C CA  . SER A 1 37  ? 3.213   -3.257  -10.044 1.00 14.56 ? 37  SER A CA  1 
ATOM   283  C C   . SER A 1 37  ? 4.541   -2.782  -9.511  1.00 18.37 ? 37  SER A C   1 
ATOM   284  O O   . SER A 1 37  ? 5.544   -2.635  -10.210 1.00 23.80 ? 37  SER A O   1 
ATOM   285  C CB  . SER A 1 37  ? 3.262   -3.046  -11.545 1.00 24.97 ? 37  SER A CB  1 
ATOM   286  O OG  . SER A 1 37  ? 1.968   -3.403  -12.009 1.00 36.58 ? 37  SER A OG  1 
ATOM   287  N N   . TYR A 1 38  ? 4.494   -2.548  -8.207  1.00 14.59 ? 38  TYR A N   1 
ATOM   288  C CA  . TYR A 1 38  ? 5.674   -2.124  -7.424  1.00 15.98 ? 38  TYR A CA  1 
ATOM   289  C C   . TYR A 1 38  ? 6.265   -0.756  -7.741  1.00 16.88 ? 38  TYR A C   1 
ATOM   290  O O   . TYR A 1 38  ? 7.436   -0.476  -7.454  1.00 18.71 ? 38  TYR A O   1 
ATOM   291  C CB  . TYR A 1 38  ? 6.760   -3.193  -7.629  1.00 18.24 ? 38  TYR A CB  1 
ATOM   292  C CG  . TYR A 1 38  ? 6.384   -4.622  -7.333  1.00 19.50 ? 38  TYR A CG  1 
ATOM   293  C CD1 . TYR A 1 38  ? 5.775   -4.993  -6.133  1.00 16.21 ? 38  TYR A CD1 1 
ATOM   294  C CD2 . TYR A 1 38  ? 6.660   -5.615  -8.294  1.00 17.24 ? 38  TYR A CD2 1 
ATOM   295  C CE1 . TYR A 1 38  ? 5.434   -6.327  -5.849  1.00 14.68 ? 38  TYR A CE1 1 
ATOM   296  C CE2 . TYR A 1 38  ? 6.344   -6.948  -8.025  1.00 25.64 ? 38  TYR A CE2 1 
ATOM   297  C CZ  . TYR A 1 38  ? 5.758   -7.284  -6.800  1.00 18.95 ? 38  TYR A CZ  1 
ATOM   298  O OH  . TYR A 1 38  ? 5.481   -8.605  -6.569  1.00 19.90 ? 38  TYR A OH  1 
ATOM   299  N N   . ASN A 1 39  ? 5.452   0.114   -8.318  1.00 16.52 ? 39  ASN A N   1 
ATOM   300  C CA  . ASN A 1 39  ? 5.810   1.459   -8.748  1.00 17.93 ? 39  ASN A CA  1 
ATOM   301  C C   . ASN A 1 39  ? 5.353   2.497   -7.737  1.00 16.69 ? 39  ASN A C   1 
ATOM   302  O O   . ASN A 1 39  ? 4.137   2.779   -7.666  1.00 18.90 ? 39  ASN A O   1 
ATOM   303  C CB  . ASN A 1 39  ? 5.218   1.734   -10.161 1.00 21.10 ? 39  ASN A CB  1 
ATOM   304  C CG  . ASN A 1 39  ? 5.707   3.039   -10.783 1.00 15.53 ? 39  ASN A CG  1 
ATOM   305  O OD1 . ASN A 1 39  ? 6.576   3.756   -10.227 1.00 16.24 ? 39  ASN A OD1 1 
ATOM   306  N ND2 . ASN A 1 39  ? 5.190   3.399   -11.939 1.00 18.72 ? 39  ASN A ND2 1 
ATOM   307  N N   . THR A 1 40  ? 6.319   3.061   -7.007  1.00 17.20 ? 40  THR A N   1 
ATOM   308  C CA  . THR A 1 40  ? 5.961   4.126   -6.036  1.00 21.99 ? 40  THR A CA  1 
ATOM   309  C C   . THR A 1 40  ? 5.291   5.332   -6.692  1.00 22.36 ? 40  THR A C   1 
ATOM   310  O O   . THR A 1 40  ? 4.628   6.108   -5.967  1.00 18.45 ? 40  THR A O   1 
ATOM   311  C CB  . THR A 1 40  ? 7.218   4.558   -5.164  1.00 17.69 ? 40  THR A CB  1 
ATOM   312  O OG1 . THR A 1 40  ? 8.123   5.336   -6.008  1.00 17.20 ? 40  THR A OG1 1 
ATOM   313  C CG2 . THR A 1 40  ? 7.978   3.387   -4.561  1.00 15.83 ? 40  THR A CG2 1 
ATOM   314  N N   . GLN A 1 41  ? 5.403   5.599   -7.980  1.00 22.21 ? 41  GLN A N   1 
ATOM   315  C CA  . GLN A 1 41  ? 4.843   6.765   -8.671  1.00 20.68 ? 41  GLN A CA  1 
ATOM   316  C C   . GLN A 1 41  ? 3.472   6.501   -9.275  1.00 22.06 ? 41  GLN A C   1 
ATOM   317  O O   . GLN A 1 41  ? 2.945   7.408   -9.958  1.00 26.66 ? 41  GLN A O   1 
ATOM   318  C CB  . GLN A 1 41  ? 5.836   7.284   -9.758  1.00 16.04 ? 41  GLN A CB  1 
ATOM   319  C CG  . GLN A 1 41  ? 7.187   7.643   -9.122  1.00 19.17 ? 41  GLN A CG  1 
ATOM   320  C CD  . GLN A 1 41  ? 8.023   8.485   -10.092 1.00 16.62 ? 41  GLN A CD  1 
ATOM   321  O OE1 . GLN A 1 41  ? 8.928   7.963   -10.776 1.00 23.15 ? 41  GLN A OE1 1 
ATOM   322  N NE2 . GLN A 1 41  ? 7.637   9.757   -10.102 1.00 15.91 ? 41  GLN A NE2 1 
ATOM   323  N N   . ALA A 1 42  ? 2.953   5.296   -9.056  1.00 15.57 ? 42  ALA A N   1 
ATOM   324  C CA  . ALA A 1 42  ? 1.628   5.031   -9.637  1.00 19.08 ? 42  ALA A CA  1 
ATOM   325  C C   . ALA A 1 42  ? 0.545   5.937   -9.065  1.00 19.97 ? 42  ALA A C   1 
ATOM   326  O O   . ALA A 1 42  ? 0.365   6.171   -7.866  1.00 20.23 ? 42  ALA A O   1 
ATOM   327  C CB  . ALA A 1 42  ? 1.244   3.568   -9.410  1.00 18.66 ? 42  ALA A CB  1 
ATOM   328  N N   . THR A 1 43  ? -0.280  6.443   -9.972  1.00 19.83 ? 43  THR A N   1 
ATOM   329  C CA  . THR A 1 43  ? -1.470  7.268   -9.705  1.00 22.03 ? 43  THR A CA  1 
ATOM   330  C C   . THR A 1 43  ? -2.638  6.723   -10.560 1.00 26.32 ? 43  THR A C   1 
ATOM   331  O O   . THR A 1 43  ? -2.536  6.241   -11.703 1.00 27.11 ? 43  THR A O   1 
ATOM   332  C CB  . THR A 1 43  ? -1.322  8.816   -9.900  1.00 20.33 ? 43  THR A CB  1 
ATOM   333  O OG1 . THR A 1 43  ? -1.079  9.085   -11.312 1.00 23.85 ? 43  THR A OG1 1 
ATOM   334  C CG2 . THR A 1 43  ? -0.218  9.387   -8.976  1.00 17.59 ? 43  THR A CG2 1 
ATOM   335  N N   . ASN A 1 44  ? -3.806  6.788   -9.942  1.00 23.32 ? 44  ASN A N   1 
ATOM   336  C CA  . ASN A 1 44  ? -5.060  6.296   -10.547 1.00 20.22 ? 44  ASN A CA  1 
ATOM   337  C C   . ASN A 1 44  ? -6.219  7.167   -10.110 1.00 25.40 ? 44  ASN A C   1 
ATOM   338  O O   . ASN A 1 44  ? -6.604  7.134   -8.932  1.00 20.71 ? 44  ASN A O   1 
ATOM   339  C CB  . ASN A 1 44  ? -5.235  4.822   -10.159 1.00 28.53 ? 44  ASN A CB  1 
ATOM   340  C CG  . ASN A 1 44  ? -6.421  4.241   -10.915 1.00 64.79 ? 44  ASN A CG  1 
ATOM   341  O OD1 . ASN A 1 44  ? -6.184  4.030   -12.126 1.00 71.58 ? 44  ASN A OD1 1 
ATOM   342  N ND2 . ASN A 1 44  ? -7.583  4.059   -10.276 1.00 37.98 ? 44  ASN A ND2 1 
ATOM   343  N N   . ARG A 1 45  ? -6.766  7.931   -11.005 1.00 21.06 ? 45  ARG A N   1 
ATOM   344  C CA  . ARG A 1 45  ? -7.885  8.834   -10.611 1.00 20.92 ? 45  ARG A CA  1 
ATOM   345  C C   . ARG A 1 45  ? -9.199  8.088   -10.670 1.00 31.68 ? 45  ARG A C   1 
ATOM   346  O O   . ARG A 1 45  ? -9.471  7.244   -11.562 1.00 29.58 ? 45  ARG A O   1 
ATOM   347  C CB  . ARG A 1 45  ? -7.710  10.065  -11.495 1.00 37.15 ? 45  ARG A CB  1 
ATOM   348  C CG  . ARG A 1 45  ? -8.888  11.006  -11.570 1.00 36.18 ? 45  ARG A CG  1 
ATOM   349  C CD  . ARG A 1 45  ? -8.945  12.000  -10.469 1.00 37.19 ? 45  ARG A CD  1 
ATOM   350  N NE  . ARG A 1 45  ? -9.439  13.278  -10.996 1.00 51.39 ? 45  ARG A NE  1 
ATOM   351  C CZ  . ARG A 1 45  ? -8.639  14.068  -11.745 1.00 70.48 ? 45  ARG A CZ  1 
ATOM   352  N NH1 . ARG A 1 45  ? -7.653  13.571  -12.510 1.00 41.12 ? 45  ARG A NH1 1 
ATOM   353  N NH2 . ARG A 1 45  ? -8.875  15.388  -11.637 1.00 57.89 ? 45  ARG A NH2 1 
ATOM   354  N N   . ASN A 1 46  ? -10.059 8.374   -9.695  1.00 29.11 ? 46  ASN A N   1 
ATOM   355  C CA  . ASN A 1 46  ? -11.377 7.699   -9.618  1.00 27.51 ? 46  ASN A CA  1 
ATOM   356  C C   . ASN A 1 46  ? -12.541 8.593   -10.031 1.00 30.10 ? 46  ASN A C   1 
ATOM   357  O O   . ASN A 1 46  ? -12.461 9.831   -10.009 1.00 30.96 ? 46  ASN A O   1 
ATOM   358  C CB  . ASN A 1 46  ? -11.635 7.164   -8.207  1.00 26.33 ? 46  ASN A CB  1 
ATOM   359  C CG  . ASN A 1 46  ? -10.581 6.129   -7.822  1.00 30.40 ? 46  ASN A CG  1 
ATOM   360  O OD1 . ASN A 1 46  ? -9.832  6.434   -6.871  1.00 36.06 ? 46  ASN A OD1 1 
ATOM   361  N ND2 . ASN A 1 46  ? -10.472 5.004   -8.508  1.00 39.03 ? 46  ASN A ND2 1 
ATOM   362  N N   . THR A 1 47  ? -13.597 7.855   -10.328 1.00 39.37 ? 47  THR A N   1 
ATOM   363  C CA  . THR A 1 47  ? -14.872 8.422   -10.776 1.00 29.14 ? 47  THR A CA  1 
ATOM   364  C C   . THR A 1 47  ? -15.449 9.445   -9.818  1.00 34.00 ? 47  THR A C   1 
ATOM   365  O O   . THR A 1 47  ? -16.146 10.374  -10.211 1.00 43.49 ? 47  THR A O   1 
ATOM   366  C CB  . THR A 1 47  ? -15.985 7.318   -11.007 1.00 36.81 ? 47  THR A CB  1 
ATOM   367  O OG1 . THR A 1 47  ? -16.392 6.982   -9.629  1.00 52.71 ? 47  THR A OG1 1 
ATOM   368  C CG2 . THR A 1 47  ? -15.542 6.108   -11.826 1.00 48.42 ? 47  THR A CG2 1 
ATOM   369  N N   . ASP A 1 48  ? -15.131 9.263   -8.565  1.00 42.86 ? 48  ASP A N   1 
ATOM   370  C CA  . ASP A 1 48  ? -15.583 10.125  -7.457  1.00 28.63 ? 48  ASP A CA  1 
ATOM   371  C C   . ASP A 1 48  ? -14.713 11.347  -7.153  1.00 27.25 ? 48  ASP A C   1 
ATOM   372  O O   . ASP A 1 48  ? -14.972 12.065  -6.143  1.00 35.97 ? 48  ASP A O   1 
ATOM   373  C CB  . ASP A 1 48  ? -15.704 9.145   -6.271  1.00 34.82 ? 48  ASP A CB  1 
ATOM   374  C CG  . ASP A 1 48  ? -14.356 8.827   -5.634  1.00 41.10 ? 48  ASP A CG  1 
ATOM   375  O OD1 . ASP A 1 48  ? -13.277 9.001   -6.217  1.00 30.73 ? 48  ASP A OD1 1 
ATOM   376  O OD2 . ASP A 1 48  ? -14.481 8.408   -4.457  1.00 45.08 ? 48  ASP A OD2 1 
ATOM   377  N N   . GLY A 1 49  ? -13.665 11.567  -7.957  1.00 32.01 ? 49  GLY A N   1 
ATOM   378  C CA  . GLY A 1 49  ? -12.812 12.742  -7.715  1.00 30.70 ? 49  GLY A CA  1 
ATOM   379  C C   . GLY A 1 49  ? -11.591 12.432  -6.871  1.00 26.40 ? 49  GLY A C   1 
ATOM   380  O O   . GLY A 1 49  ? -10.707 13.312  -6.764  1.00 29.32 ? 49  GLY A O   1 
ATOM   381  N N   . SER A 1 50  ? -11.594 11.229  -6.326  1.00 30.34 ? 50  SER A N   1 
ATOM   382  C CA  . SER A 1 50  ? -10.437 10.805  -5.515  1.00 31.17 ? 50  SER A CA  1 
ATOM   383  C C   . SER A 1 50  ? -9.372  10.186  -6.440  1.00 25.26 ? 50  SER A C   1 
ATOM   384  O O   . SER A 1 50  ? -9.630  9.830   -7.601  1.00 23.24 ? 50  SER A O   1 
ATOM   385  C CB  . SER A 1 50  ? -10.797 9.834   -4.414  1.00 15.04 ? 50  SER A CB  1 
ATOM   386  O OG  . SER A 1 50  ? -11.071 8.555   -4.981  1.00 20.52 ? 50  SER A OG  1 
ATOM   387  N N   . THR A 1 51  ? -8.165  10.109  -5.873  1.00 19.93 ? 51  THR A N   1 
ATOM   388  C CA  . THR A 1 51  ? -7.036  9.522   -6.605  1.00 23.23 ? 51  THR A CA  1 
ATOM   389  C C   . THR A 1 51  ? -6.353  8.527   -5.669  1.00 16.89 ? 51  THR A C   1 
ATOM   390  O O   . THR A 1 51  ? -6.341  8.835   -4.454  1.00 19.66 ? 51  THR A O   1 
ATOM   391  C CB  . THR A 1 51  ? -5.994  10.551  -7.187  1.00 23.37 ? 51  THR A CB  1 
ATOM   392  O OG1 . THR A 1 51  ? -6.737  11.536  -7.978  1.00 27.45 ? 51  THR A OG1 1 
ATOM   393  C CG2 . THR A 1 51  ? -4.865  9.943   -8.061  1.00 14.78 ? 51  THR A CG2 1 
ATOM   394  N N   . ASP A 1 52  ? -5.797  7.478   -6.227  1.00 18.29 ? 52  ASP A N   1 
ATOM   395  C CA  . ASP A 1 52  ? -5.018  6.445   -5.529  1.00 19.70 ? 52  ASP A CA  1 
ATOM   396  C C   . ASP A 1 52  ? -3.522  6.768   -5.760  1.00 16.85 ? 52  ASP A C   1 
ATOM   397  O O   . ASP A 1 52  ? -3.125  7.027   -6.911  1.00 19.08 ? 52  ASP A O   1 
ATOM   398  C CB  . ASP A 1 52  ? -5.365  5.017   -5.943  1.00 18.12 ? 52  ASP A CB  1 
ATOM   399  C CG  . ASP A 1 52  ? -6.841  4.768   -5.657  1.00 23.37 ? 52  ASP A CG  1 
ATOM   400  O OD1 . ASP A 1 52  ? -7.482  5.226   -4.708  1.00 22.35 ? 52  ASP A OD1 1 
ATOM   401  O OD2 . ASP A 1 52  ? -7.418  4.050   -6.451  1.00 29.12 ? 52  ASP A OD2 1 
ATOM   402  N N   . TYR A 1 53  ? -2.748  6.756   -4.665  1.00 17.69 ? 53  TYR A N   1 
ATOM   403  C CA  . TYR A 1 53  ? -1.344  7.142   -4.681  1.00 17.22 ? 53  TYR A CA  1 
ATOM   404  C C   . TYR A 1 53  ? -0.346  6.115   -4.184  1.00 20.52 ? 53  TYR A C   1 
ATOM   405  O O   . TYR A 1 53  ? -0.501  5.530   -3.091  1.00 17.28 ? 53  TYR A O   1 
ATOM   406  C CB  . TYR A 1 53  ? -1.216  8.428   -3.803  1.00 18.60 ? 53  TYR A CB  1 
ATOM   407  C CG  . TYR A 1 53  ? -1.904  9.642   -4.394  1.00 19.20 ? 53  TYR A CG  1 
ATOM   408  C CD1 . TYR A 1 53  ? -1.175  10.424  -5.316  1.00 20.20 ? 53  TYR A CD1 1 
ATOM   409  C CD2 . TYR A 1 53  ? -3.200  10.023  -4.056  1.00 12.68 ? 53  TYR A CD2 1 
ATOM   410  C CE1 . TYR A 1 53  ? -1.713  11.574  -5.900  1.00 11.03 ? 53  TYR A CE1 1 
ATOM   411  C CE2 . TYR A 1 53  ? -3.759  11.154  -4.653  1.00 12.39 ? 53  TYR A CE2 1 
ATOM   412  C CZ  . TYR A 1 53  ? -3.033  11.918  -5.567  1.00 13.96 ? 53  TYR A CZ  1 
ATOM   413  O OH  . TYR A 1 53  ? -3.610  13.025  -6.131  1.00 18.40 ? 53  TYR A OH  1 
ATOM   414  N N   . GLY A 1 54  ? 0.695   5.954   -4.995  1.00 20.04 ? 54  GLY A N   1 
ATOM   415  C CA  . GLY A 1 54  ? 1.811   5.089   -4.643  1.00 14.61 ? 54  GLY A CA  1 
ATOM   416  C C   . GLY A 1 54  ? 1.709   3.605   -4.798  1.00 16.27 ? 54  GLY A C   1 
ATOM   417  O O   . GLY A 1 54  ? 0.821   2.996   -5.441  1.00 16.81 ? 54  GLY A O   1 
ATOM   418  N N   . ILE A 1 55  ? 2.692   2.969   -4.200  1.00 20.86 ? 55  ILE A N   1 
ATOM   419  C CA  . ILE A 1 55  ? 2.884   1.511   -4.208  1.00 16.30 ? 55  ILE A CA  1 
ATOM   420  C C   . ILE A 1 55  ? 1.686   0.753   -3.616  1.00 19.90 ? 55  ILE A C   1 
ATOM   421  O O   . ILE A 1 55  ? 1.371   -0.349  -4.096  1.00 18.04 ? 55  ILE A O   1 
ATOM   422  C CB  . ILE A 1 55  ? 4.275   1.205   -3.539  1.00 14.45 ? 55  ILE A CB  1 
ATOM   423  C CG1 . ILE A 1 55  ? 4.752   -0.053  -4.289  1.00 15.23 ? 55  ILE A CG1 1 
ATOM   424  C CG2 . ILE A 1 55  ? 4.257   1.051   -2.003  1.00 12.79 ? 55  ILE A CG2 1 
ATOM   425  C CD1 . ILE A 1 55  ? 6.222   -0.476  -4.036  1.00 24.05 ? 55  ILE A CD1 1 
ATOM   426  N N   . PHE A 1 56  ? 1.023   1.313   -2.619  1.00 20.41 ? 56  PHE A N   1 
ATOM   427  C CA  . PHE A 1 56  ? -0.123  0.736   -1.936  1.00 15.41 ? 56  PHE A CA  1 
ATOM   428  C C   . PHE A 1 56  ? -1.428  1.370   -2.411  1.00 20.94 ? 56  PHE A C   1 
ATOM   429  O O   . PHE A 1 56  ? -2.491  1.044   -1.865  1.00 24.64 ? 56  PHE A O   1 
ATOM   430  C CB  . PHE A 1 56  ? -0.035  0.907   -0.419  1.00 12.62 ? 56  PHE A CB  1 
ATOM   431  C CG  . PHE A 1 56  ? 1.225   0.386   0.232   1.00 14.61 ? 56  PHE A CG  1 
ATOM   432  C CD1 . PHE A 1 56  ? 1.552   -0.961  0.074   1.00 20.39 ? 56  PHE A CD1 1 
ATOM   433  C CD2 . PHE A 1 56  ? 2.055   1.227   0.966   1.00 15.68 ? 56  PHE A CD2 1 
ATOM   434  C CE1 . PHE A 1 56  ? 2.690   -1.487  0.651   1.00 23.63 ? 56  PHE A CE1 1 
ATOM   435  C CE2 . PHE A 1 56  ? 3.204   0.736   1.561   1.00 15.02 ? 56  PHE A CE2 1 
ATOM   436  C CZ  . PHE A 1 56  ? 3.493   -0.612  1.398   1.00 18.27 ? 56  PHE A CZ  1 
ATOM   437  N N   . GLN A 1 57  ? -1.354  2.248   -3.391  1.00 13.70 ? 57  GLN A N   1 
ATOM   438  C CA  . GLN A 1 57  ? -2.514  2.946   -3.952  1.00 15.86 ? 57  GLN A CA  1 
ATOM   439  C C   . GLN A 1 57  ? -3.429  3.433   -2.845  1.00 24.78 ? 57  GLN A C   1 
ATOM   440  O O   . GLN A 1 57  ? -4.610  3.077   -2.794  1.00 22.20 ? 57  GLN A O   1 
ATOM   441  C CB  . GLN A 1 57  ? -3.293  2.061   -4.982  1.00 12.09 ? 57  GLN A CB  1 
ATOM   442  C CG  . GLN A 1 57  ? -2.465  1.772   -6.248  1.00 12.33 ? 57  GLN A CG  1 
ATOM   443  C CD  . GLN A 1 57  ? -2.499  3.022   -7.116  1.00 19.61 ? 57  GLN A CD  1 
ATOM   444  O OE1 . GLN A 1 57  ? -3.484  3.168   -7.838  1.00 21.84 ? 57  GLN A OE1 1 
ATOM   445  N NE2 . GLN A 1 57  ? -1.451  3.853   -6.935  1.00 19.06 ? 57  GLN A NE2 1 
ATOM   446  N N   . ILE A 1 58  ? -3.001  4.273   -1.960  1.00 16.71 ? 58  ILE A N   1 
ATOM   447  C CA  . ILE A 1 58  ? -3.783  4.886   -0.869  1.00 16.67 ? 58  ILE A CA  1 
ATOM   448  C C   . ILE A 1 58  ? -4.632  6.021   -1.437  1.00 17.36 ? 58  ILE A C   1 
ATOM   449  O O   . ILE A 1 58  ? -4.230  6.915   -2.192  1.00 15.75 ? 58  ILE A O   1 
ATOM   450  C CB  . ILE A 1 58  ? -2.839  5.297   0.312   1.00 15.29 ? 58  ILE A CB  1 
ATOM   451  C CG1 . ILE A 1 58  ? -2.240  4.007   0.955   1.00 16.75 ? 58  ILE A CG1 1 
ATOM   452  C CG2 . ILE A 1 58  ? -3.586  6.236   1.292   1.00 17.90 ? 58  ILE A CG2 1 
ATOM   453  C CD1 . ILE A 1 58  ? -1.063  4.318   1.957   1.00 21.22 ? 58  ILE A CD1 1 
ATOM   454  N N   . ASN A 1 59  ? -5.916  6.009   -1.080  1.00 18.61 ? 59  ASN A N   1 
ATOM   455  C CA  . ASN A 1 59  ? -6.944  6.931   -1.624  1.00 16.62 ? 59  ASN A CA  1 
ATOM   456  C C   . ASN A 1 59  ? -7.048  8.259   -0.935  1.00 16.77 ? 59  ASN A C   1 
ATOM   457  O O   . ASN A 1 59  ? -7.005  8.363   0.314   1.00 20.14 ? 59  ASN A O   1 
ATOM   458  C CB  . ASN A 1 59  ? -8.283  6.157   -1.610  1.00 21.18 ? 59  ASN A CB  1 
ATOM   459  C CG  . ASN A 1 59  ? -9.404  6.965   -2.242  1.00 21.06 ? 59  ASN A CG  1 
ATOM   460  O OD1 . ASN A 1 59  ? -10.192 7.643   -1.533  1.00 26.47 ? 59  ASN A OD1 1 
ATOM   461  N ND2 . ASN A 1 59  ? -9.387  6.886   -3.575  1.00 21.28 ? 59  ASN A ND2 1 
ATOM   462  N N   . SER A 1 60  ? -7.179  9.288   -1.766  1.00 15.61 ? 60  SER A N   1 
ATOM   463  C CA  . SER A 1 60  ? -7.238  10.692  -1.305  1.00 18.74 ? 60  SER A CA  1 
ATOM   464  C C   . SER A 1 60  ? -8.550  11.103  -0.643  1.00 24.97 ? 60  SER A C   1 
ATOM   465  O O   . SER A 1 60  ? -8.551  12.242  -0.099  1.00 18.80 ? 60  SER A O   1 
ATOM   466  C CB  . SER A 1 60  ? -6.978  11.675  -2.450  1.00 15.63 ? 60  SER A CB  1 
ATOM   467  O OG  . SER A 1 60  ? -7.919  11.520  -3.497  1.00 17.55 ? 60  SER A OG  1 
ATOM   468  N N   . ARG A 1 61  ? -9.581  10.270  -0.656  1.00 25.89 ? 61  ARG A N   1 
ATOM   469  C CA  . ARG A 1 61  ? -10.792 10.709  0.058   1.00 21.90 ? 61  ARG A CA  1 
ATOM   470  C C   . ARG A 1 61  ? -10.635 10.585  1.579   1.00 17.75 ? 61  ARG A C   1 
ATOM   471  O O   . ARG A 1 61  ? -11.206 11.417  2.325   1.00 24.70 ? 61  ARG A O   1 
ATOM   472  C CB  . ARG A 1 61  ? -12.029 9.940   -0.416  1.00 26.87 ? 61  ARG A CB  1 
ATOM   473  C CG  . ARG A 1 61  ? -13.186 10.727  0.254   1.00 31.42 ? 61  ARG A CG  1 
ATOM   474  C CD  . ARG A 1 61  ? -14.368 10.470  -0.600  1.00 43.84 ? 61  ARG A CD  1 
ATOM   475  N NE  . ARG A 1 61  ? -15.076 9.346   0.031   1.00 65.75 ? 61  ARG A NE  1 
ATOM   476  C CZ  . ARG A 1 61  ? -16.254 9.625   0.628   1.00 73.41 ? 61  ARG A CZ  1 
ATOM   477  N NH1 . ARG A 1 61  ? -16.384 10.686  1.430   1.00 73.06 ? 61  ARG A NH1 1 
ATOM   478  N NH2 . ARG A 1 61  ? -17.274 8.808   0.328   1.00 73.41 ? 61  ARG A NH2 1 
ATOM   479  N N   . TYR A 1 62  ? -9.876  9.567   2.049   1.00 20.76 ? 62  TYR A N   1 
ATOM   480  C CA  . TYR A 1 62  ? -9.755  9.467   3.506   1.00 20.92 ? 62  TYR A CA  1 
ATOM   481  C C   . TYR A 1 62  ? -8.387  9.620   4.105   1.00 17.40 ? 62  TYR A C   1 
ATOM   482  O O   . TYR A 1 62  ? -8.374  10.018  5.280   1.00 23.89 ? 62  TYR A O   1 
ATOM   483  C CB  . TYR A 1 62  ? -10.208 8.068   4.008   1.00 24.28 ? 62  TYR A CB  1 
ATOM   484  C CG  . TYR A 1 62  ? -11.475 7.622   3.316   1.00 37.80 ? 62  TYR A CG  1 
ATOM   485  C CD1 . TYR A 1 62  ? -12.752 7.936   3.801   1.00 34.87 ? 62  TYR A CD1 1 
ATOM   486  C CD2 . TYR A 1 62  ? -11.387 6.893   2.118   1.00 40.58 ? 62  TYR A CD2 1 
ATOM   487  C CE1 . TYR A 1 62  ? -13.903 7.518   3.110   1.00 40.97 ? 62  TYR A CE1 1 
ATOM   488  C CE2 . TYR A 1 62  ? -12.533 6.479   1.426   1.00 46.42 ? 62  TYR A CE2 1 
ATOM   489  C CZ  . TYR A 1 62  ? -13.798 6.787   1.933   1.00 64.55 ? 62  TYR A CZ  1 
ATOM   490  O OH  . TYR A 1 62  ? -14.956 6.393   1.302   1.00 61.23 ? 62  TYR A OH  1 
ATOM   491  N N   . TRP A 1 63  ? -7.343  9.274   3.376   1.00 17.57 ? 63  TRP A N   1 
ATOM   492  C CA  . TRP A 1 63  ? -6.033  9.280   4.010   1.00 12.68 ? 63  TRP A CA  1 
ATOM   493  C C   . TRP A 1 63  ? -5.037  10.373  3.736   1.00 16.73 ? 63  TRP A C   1 
ATOM   494  O O   . TRP A 1 63  ? -4.198  10.515  4.668   1.00 17.43 ? 63  TRP A O   1 
ATOM   495  C CB  . TRP A 1 63  ? -5.384  7.915   3.562   1.00 14.61 ? 63  TRP A CB  1 
ATOM   496  C CG  . TRP A 1 63  ? -6.341  6.795   3.837   1.00 26.43 ? 63  TRP A CG  1 
ATOM   497  C CD1 . TRP A 1 63  ? -7.056  6.078   2.925   1.00 16.79 ? 63  TRP A CD1 1 
ATOM   498  C CD2 . TRP A 1 63  ? -6.685  6.245   5.125   1.00 19.25 ? 63  TRP A CD2 1 
ATOM   499  N NE1 . TRP A 1 63  ? -7.837  5.114   3.530   1.00 19.74 ? 63  TRP A NE1 1 
ATOM   500  C CE2 . TRP A 1 63  ? -7.622  5.215   4.883   1.00 31.43 ? 63  TRP A CE2 1 
ATOM   501  C CE3 . TRP A 1 63  ? -6.273  6.573   6.432   1.00 15.71 ? 63  TRP A CE3 1 
ATOM   502  C CZ2 . TRP A 1 63  ? -8.209  4.466   5.905   1.00 15.98 ? 63  TRP A CZ2 1 
ATOM   503  C CZ3 . TRP A 1 63  ? -6.852  5.820   7.449   1.00 19.82 ? 63  TRP A CZ3 1 
ATOM   504  C CH2 . TRP A 1 63  ? -7.757  4.788   7.198   1.00 18.10 ? 63  TRP A CH2 1 
ATOM   505  N N   . CYS A 1 64  ? -5.017  11.029  2.593   1.00 22.86 ? 64  CYS A N   1 
ATOM   506  C CA  . CYS A 1 64  ? -3.950  12.038  2.359   1.00 17.28 ? 64  CYS A CA  1 
ATOM   507  C C   . CYS A 1 64  ? -4.566  13.260  1.704   1.00 17.61 ? 64  CYS A C   1 
ATOM   508  O O   . CYS A 1 64  ? -5.666  13.092  1.120   1.00 19.60 ? 64  CYS A O   1 
ATOM   509  C CB  . CYS A 1 64  ? -2.824  11.438  1.513   1.00 13.15 ? 64  CYS A CB  1 
ATOM   510  S SG  . CYS A 1 64  ? -3.346  10.775  -0.105  1.00 19.24 ? 64  CYS A SG  1 
ATOM   511  N N   . ASP A 1 65  ? -3.958  14.351  1.710   1.00 14.20 ? 65  ASP A N   1 
ATOM   512  C CA  . ASP A 1 65  ? -4.514  15.562  1.101   1.00 17.13 ? 65  ASP A CA  1 
ATOM   513  C C   . ASP A 1 65  ? -3.883  15.823  -0.274  1.00 21.18 ? 65  ASP A C   1 
ATOM   514  O O   . ASP A 1 65  ? -2.673  16.019  -0.392  1.00 22.17 ? 65  ASP A O   1 
ATOM   515  C CB  . ASP A 1 65  ? -4.216  16.755  2.000   1.00 16.12 ? 65  ASP A CB  1 
ATOM   516  C CG  . ASP A 1 65  ? -4.588  18.071  1.342   1.00 24.03 ? 65  ASP A CG  1 
ATOM   517  O OD1 . ASP A 1 65  ? -5.684  18.158  0.671   1.00 20.00 ? 65  ASP A OD1 1 
ATOM   518  O OD2 . ASP A 1 65  ? -3.812  19.088  1.456   1.00 41.23 ? 65  ASP A OD2 1 
ATOM   519  N N   . ASP A 1 66  ? -4.735  15.819  -1.353  1.00 17.59 ? 66  ASP A N   1 
ATOM   520  C CA  . ASP A 1 66  ? -4.141  16.118  -2.693  1.00 19.64 ? 66  ASP A CA  1 
ATOM   521  C C   . ASP A 1 66  ? -4.656  17.474  -3.215  1.00 25.24 ? 66  ASP A C   1 
ATOM   522  O O   . ASP A 1 66  ? -4.349  17.892  -4.339  1.00 28.22 ? 66  ASP A O   1 
ATOM   523  C CB  . ASP A 1 66  ? -4.374  14.997  -3.684  1.00 17.32 ? 66  ASP A CB  1 
ATOM   524  C CG  . ASP A 1 66  ? -5.805  14.786  -4.139  1.00 14.19 ? 66  ASP A CG  1 
ATOM   525  O OD1 . ASP A 1 66  ? -6.714  15.465  -3.636  1.00 23.56 ? 66  ASP A OD1 1 
ATOM   526  O OD2 . ASP A 1 66  ? -5.994  13.904  -5.015  1.00 21.09 ? 66  ASP A OD2 1 
ATOM   527  N N   . GLY A 1 67  ? -5.472  18.131  -2.404  1.00 22.37 ? 67  GLY A N   1 
ATOM   528  C CA  . GLY A 1 67  ? -6.061  19.418  -2.637  1.00 23.51 ? 67  GLY A CA  1 
ATOM   529  C C   . GLY A 1 67  ? -7.093  19.527  -3.716  1.00 19.55 ? 67  GLY A C   1 
ATOM   530  O O   . GLY A 1 67  ? -7.500  20.662  -4.056  1.00 28.98 ? 67  GLY A O   1 
ATOM   531  N N   . ARG A 1 68  ? -7.552  18.426  -4.257  1.00 18.12 ? 68  ARG A N   1 
ATOM   532  C CA  . ARG A 1 68  ? -8.562  18.444  -5.341  1.00 24.78 ? 68  ARG A CA  1 
ATOM   533  C C   . ARG A 1 68  ? -9.650  17.389  -5.186  1.00 29.05 ? 68  ARG A C   1 
ATOM   534  O O   . ARG A 1 68  ? -10.399 17.065  -6.137  1.00 47.52 ? 68  ARG A O   1 
ATOM   535  C CB  . ARG A 1 68  ? -7.876  18.261  -6.702  1.00 18.83 ? 68  ARG A CB  1 
ATOM   536  C CG  . ARG A 1 68  ? -7.318  16.861  -6.900  1.00 20.37 ? 68  ARG A CG  1 
ATOM   537  C CD  . ARG A 1 68  ? -7.258  16.669  -8.388  1.00 22.07 ? 68  ARG A CD  1 
ATOM   538  N NE  . ARG A 1 68  ? -6.888  15.301  -8.717  1.00 30.23 ? 68  ARG A NE  1 
ATOM   539  C CZ  . ARG A 1 68  ? -6.201  14.901  -9.798  1.00 63.94 ? 68  ARG A CZ  1 
ATOM   540  N NH1 . ARG A 1 68  ? -5.796  15.802  -10.699 1.00 28.66 ? 68  ARG A NH1 1 
ATOM   541  N NH2 . ARG A 1 68  ? -5.893  13.621  -10.081 1.00 26.58 ? 68  ARG A NH2 1 
ATOM   542  N N   . THR A 1 69  ? -9.684  16.842  -3.969  1.00 26.09 ? 69  THR A N   1 
ATOM   543  C CA  . THR A 1 69  ? -10.648 15.808  -3.623  1.00 21.92 ? 69  THR A CA  1 
ATOM   544  C C   . THR A 1 69  ? -11.704 16.407  -2.679  1.00 23.06 ? 69  THR A C   1 
ATOM   545  O O   . THR A 1 69  ? -11.396 16.934  -1.596  1.00 35.13 ? 69  THR A O   1 
ATOM   546  C CB  . THR A 1 69  ? -10.071 14.500  -2.958  1.00 21.30 ? 69  THR A CB  1 
ATOM   547  O OG1 . THR A 1 69  ? -8.924  14.160  -3.767  1.00 19.19 ? 69  THR A OG1 1 
ATOM   548  C CG2 . THR A 1 69  ? -11.128 13.381  -2.868  1.00 20.87 ? 69  THR A CG2 1 
ATOM   549  N N   . PRO A 1 70  ? -12.931 16.256  -3.133  1.00 38.33 ? 70  PRO A N   1 
ATOM   550  C CA  . PRO A 1 70  ? -14.096 16.689  -2.360  1.00 50.58 ? 70  PRO A CA  1 
ATOM   551  C C   . PRO A 1 70  ? -14.401 15.755  -1.189  1.00 26.18 ? 70  PRO A C   1 
ATOM   552  O O   . PRO A 1 70  ? -14.414 14.502  -1.274  1.00 37.94 ? 70  PRO A O   1 
ATOM   553  C CB  . PRO A 1 70  ? -15.182 16.791  -3.425  1.00 46.30 ? 70  PRO A CB  1 
ATOM   554  C CG  . PRO A 1 70  ? -14.789 15.879  -4.549  1.00 65.12 ? 70  PRO A CG  1 
ATOM   555  C CD  . PRO A 1 70  ? -13.301 15.621  -4.412  1.00 41.74 ? 70  PRO A CD  1 
ATOM   556  N N   . GLY A 1 71  ? -14.640 16.369  -0.037  1.00 41.05 ? 71  GLY A N   1 
ATOM   557  C CA  . GLY A 1 71  ? -14.971 15.741  1.245   1.00 38.93 ? 71  GLY A CA  1 
ATOM   558  C C   . GLY A 1 71  ? -13.827 14.853  1.713   1.00 39.88 ? 71  GLY A C   1 
ATOM   559  O O   . GLY A 1 71  ? -14.069 13.689  2.042   1.00 50.43 ? 71  GLY A O   1 
ATOM   560  N N   . ALA A 1 72  ? -12.639 15.442  1.718   1.00 25.87 ? 72  ALA A N   1 
ATOM   561  C CA  . ALA A 1 72  ? -11.454 14.642  2.057   1.00 27.89 ? 72  ALA A CA  1 
ATOM   562  C C   . ALA A 1 72  ? -11.150 14.823  3.532   1.00 35.60 ? 72  ALA A C   1 
ATOM   563  O O   . ALA A 1 72  ? -11.307 15.953  4.035   1.00 32.67 ? 72  ALA A O   1 
ATOM   564  C CB  . ALA A 1 72  ? -10.267 15.029  1.190   1.00 25.33 ? 72  ALA A CB  1 
ATOM   565  N N   . LYS A 1 73  ? -10.672 13.711  4.105   1.00 31.77 ? 73  LYS A N   1 
ATOM   566  C CA  . LYS A 1 73  ? -10.357 13.744  5.550   1.00 22.35 ? 73  LYS A CA  1 
ATOM   567  C C   . LYS A 1 73  ? -8.886  13.648  5.921   1.00 31.32 ? 73  LYS A C   1 
ATOM   568  O O   . LYS A 1 73  ? -8.654  13.985  7.119   1.00 45.53 ? 73  LYS A O   1 
ATOM   569  C CB  . LYS A 1 73  ? -11.142 12.619  6.287   1.00 28.25 ? 73  LYS A CB  1 
ATOM   570  C CG  . LYS A 1 73  ? -12.623 13.064  6.392   1.00 45.46 ? 73  LYS A CG  1 
ATOM   571  C CD  . LYS A 1 73  ? -13.641 12.023  5.988   1.00 73.41 ? 73  LYS A CD  1 
ATOM   572  C CE  . LYS A 1 73  ? -13.336 11.321  4.680   1.00 73.41 ? 73  LYS A CE  1 
ATOM   573  N NZ  . LYS A 1 73  ? -13.984 11.947  3.498   1.00 50.36 ? 73  LYS A NZ  1 
ATOM   574  N N   . ASN A 1 74  ? -7.963  13.273  5.070   1.00 29.49 ? 74  ASN A N   1 
ATOM   575  C CA  . ASN A 1 74  ? -6.530  13.266  5.509   1.00 19.76 ? 74  ASN A CA  1 
ATOM   576  C C   . ASN A 1 74  ? -6.238  12.689  6.895   1.00 13.81 ? 74  ASN A C   1 
ATOM   577  O O   . ASN A 1 74  ? -5.706  13.381  7.796   1.00 20.33 ? 74  ASN A O   1 
ATOM   578  C CB  . ASN A 1 74  ? -5.968  14.712  5.399   1.00 16.77 ? 74  ASN A CB  1 
ATOM   579  C CG  . ASN A 1 74  ? -4.468  14.687  5.352   1.00 15.98 ? 74  ASN A CG  1 
ATOM   580  O OD1 . ASN A 1 74  ? -3.902  13.584  5.178   1.00 24.86 ? 74  ASN A OD1 1 
ATOM   581  N ND2 . ASN A 1 74  ? -3.747  15.790  5.540   1.00 22.18 ? 74  ASN A ND2 1 
ATOM   582  N N   . VAL A 1 75  ? -6.553  11.411  7.042   1.00 18.75 ? 75  VAL A N   1 
ATOM   583  C CA  . VAL A 1 75  ? -6.290  10.737  8.342   1.00 22.25 ? 75  VAL A CA  1 
ATOM   584  C C   . VAL A 1 75  ? -4.802  10.467  8.552   1.00 28.32 ? 75  VAL A C   1 
ATOM   585  O O   . VAL A 1 75  ? -4.357  10.529  9.731   1.00 23.54 ? 75  VAL A O   1 
ATOM   586  C CB  . VAL A 1 75  ? -7.209  9.501   8.419   1.00 23.33 ? 75  VAL A CB  1 
ATOM   587  C CG1 . VAL A 1 75  ? -6.764  8.455   9.418   1.00 24.02 ? 75  VAL A CG1 1 
ATOM   588  C CG2 . VAL A 1 75  ? -8.626  9.993   8.702   1.00 23.98 ? 75  VAL A CG2 1 
ATOM   589  N N   . CYS A 1 76  ? -4.012  10.217  7.522   1.00 19.56 ? 76  CYS A N   1 
ATOM   590  C CA  . CYS A 1 76  ? -2.578  9.991   7.714   1.00 19.77 ? 76  CYS A CA  1 
ATOM   591  C C   . CYS A 1 76  ? -1.866  11.323  7.957   1.00 17.87 ? 76  CYS A C   1 
ATOM   592  O O   . CYS A 1 76  ? -0.696  11.276  8.406   1.00 22.54 ? 76  CYS A O   1 
ATOM   593  C CB  . CYS A 1 76  ? -1.942  9.284   6.555   1.00 20.52 ? 76  CYS A CB  1 
ATOM   594  S SG  . CYS A 1 76  ? -2.429  7.530   6.554   1.00 22.76 ? 76  CYS A SG  1 
ATOM   595  N N   . GLY A 1 77  ? -2.553  12.403  7.683   1.00 16.78 ? 77  GLY A N   1 
ATOM   596  C CA  . GLY A 1 77  ? -1.980  13.740  7.973   1.00 17.41 ? 77  GLY A CA  1 
ATOM   597  C C   . GLY A 1 77  ? -0.824  14.078  7.070   1.00 20.20 ? 77  GLY A C   1 
ATOM   598  O O   . GLY A 1 77  ? 0.128   14.698  7.583   1.00 23.15 ? 77  GLY A O   1 
ATOM   599  N N   . ILE A 1 78  ? -0.941  13.689  5.796   1.00 25.91 ? 78  ILE A N   1 
ATOM   600  C CA  . ILE A 1 78  ? 0.160   13.976  4.871   1.00 16.52 ? 78  ILE A CA  1 
ATOM   601  C C   . ILE A 1 78  ? -0.400  14.559  3.588   1.00 18.40 ? 78  ILE A C   1 
ATOM   602  O O   . ILE A 1 78  ? -1.619  14.513  3.355   1.00 24.23 ? 78  ILE A O   1 
ATOM   603  C CB  . ILE A 1 78  ? 0.999   12.671  4.601   1.00 18.01 ? 78  ILE A CB  1 
ATOM   604  C CG1 . ILE A 1 78  ? -0.032  11.583  4.236   1.00 13.96 ? 78  ILE A CG1 1 
ATOM   605  C CG2 . ILE A 1 78  ? 1.946   12.277  5.763   1.00 15.78 ? 78  ILE A CG2 1 
ATOM   606  C CD1 . ILE A 1 78  ? 0.535   10.360  3.488   1.00 17.21 ? 78  ILE A CD1 1 
ATOM   607  N N   . ARG A 1 79  ? 0.498   15.016  2.756   1.00 19.71 ? 79  ARG A N   1 
ATOM   608  C CA  . ARG A 1 79  ? 0.208   15.434  1.390   1.00 20.98 ? 79  ARG A CA  1 
ATOM   609  C C   . ARG A 1 79  ? 0.246   14.122  0.589   1.00 17.53 ? 79  ARG A C   1 
ATOM   610  O O   . ARG A 1 79  ? 1.182   13.328  0.890   1.00 16.96 ? 79  ARG A O   1 
ATOM   611  C CB  . ARG A 1 79  ? 1.191   16.395  0.784   1.00 27.41 ? 79  ARG A CB  1 
ATOM   612  C CG  . ARG A 1 79  ? 1.417   17.717  1.507   1.00 27.81 ? 79  ARG A CG  1 
ATOM   613  C CD  . ARG A 1 79  ? 0.239   18.538  1.070   1.00 20.78 ? 79  ARG A CD  1 
ATOM   614  N NE  . ARG A 1 79  ? 0.710   19.927  1.202   1.00 30.09 ? 79  ARG A NE  1 
ATOM   615  C CZ  . ARG A 1 79  ? -0.181  20.894  1.485   1.00 47.25 ? 79  ARG A CZ  1 
ATOM   616  N NH1 . ARG A 1 79  ? -1.509  20.752  1.443   1.00 49.38 ? 79  ARG A NH1 1 
ATOM   617  N NH2 . ARG A 1 79  ? 0.343   22.079  1.847   1.00 45.80 ? 79  ARG A NH2 1 
ATOM   618  N N   . CYS A 1 80  ? -0.594  13.826  -0.379  1.00 15.70 ? 80  CYS A N   1 
ATOM   619  C CA  . CYS A 1 80  ? -0.501  12.592  -1.143  1.00 9.57  ? 80  CYS A CA  1 
ATOM   620  C C   . CYS A 1 80  ? 0.793   12.468  -1.958  1.00 15.85 ? 80  CYS A C   1 
ATOM   621  O O   . CYS A 1 80  ? 1.155   11.300  -2.220  1.00 16.82 ? 80  CYS A O   1 
ATOM   622  C CB  . CYS A 1 80  ? -1.710  12.459  -2.062  1.00 12.10 ? 80  CYS A CB  1 
ATOM   623  S SG  . CYS A 1 80  ? -3.342  12.405  -1.285  1.00 19.30 ? 80  CYS A SG  1 
ATOM   624  N N   . SER A 1 81  ? 1.450   13.564  -2.290  1.00 17.96 ? 81  SER A N   1 
ATOM   625  C CA  . SER A 1 81  ? 2.728   13.528  -3.025  1.00 21.90 ? 81  SER A CA  1 
ATOM   626  C C   . SER A 1 81  ? 3.833   12.840  -2.237  1.00 20.05 ? 81  SER A C   1 
ATOM   627  O O   . SER A 1 81  ? 4.758   12.272  -2.860  1.00 17.56 ? 81  SER A O   1 
ATOM   628  C CB  . SER A 1 81  ? 3.084   14.958  -3.406  1.00 18.11 ? 81  SER A CB  1 
ATOM   629  O OG  . SER A 1 81  ? 3.199   15.731  -2.201  1.00 23.71 ? 81  SER A OG  1 
ATOM   630  N N   . GLN A 1 82  ? 3.757   12.781  -0.909  1.00 16.49 ? 82  GLN A N   1 
ATOM   631  C CA  . GLN A 1 82  ? 4.721   12.073  -0.069  1.00 14.63 ? 82  GLN A CA  1 
ATOM   632  C C   . GLN A 1 82  ? 4.598   10.553  -0.191  1.00 17.49 ? 82  GLN A C   1 
ATOM   633  O O   . GLN A 1 82  ? 5.509   9.868   0.314   1.00 20.06 ? 82  GLN A O   1 
ATOM   634  C CB  . GLN A 1 82  ? 4.580   12.400  1.409   1.00 19.77 ? 82  GLN A CB  1 
ATOM   635  C CG  . GLN A 1 82  ? 4.665   13.915  1.609   1.00 27.88 ? 82  GLN A CG  1 
ATOM   636  C CD  . GLN A 1 82  ? 4.550   14.265  3.078   1.00 38.13 ? 82  GLN A CD  1 
ATOM   637  O OE1 . GLN A 1 82  ? 3.639   14.904  3.608   1.00 35.05 ? 82  GLN A OE1 1 
ATOM   638  N NE2 . GLN A 1 82  ? 5.576   13.786  3.791   1.00 32.98 ? 82  GLN A NE2 1 
ATOM   639  N N   . LEU A 1 83  ? 3.542   10.066  -0.808  1.00 14.23 ? 83  LEU A N   1 
ATOM   640  C CA  . LEU A 1 83  ? 3.287   8.661   -1.044  1.00 15.83 ? 83  LEU A CA  1 
ATOM   641  C C   . LEU A 1 83  ? 3.923   8.200   -2.356  1.00 24.09 ? 83  LEU A C   1 
ATOM   642  O O   . LEU A 1 83  ? 3.815   7.001   -2.695  1.00 21.96 ? 83  LEU A O   1 
ATOM   643  C CB  . LEU A 1 83  ? 1.762   8.398   -1.051  1.00 19.60 ? 83  LEU A CB  1 
ATOM   644  C CG  . LEU A 1 83  ? 1.045   8.643   0.272   1.00 22.53 ? 83  LEU A CG  1 
ATOM   645  C CD1 . LEU A 1 83  ? -0.457  8.443   0.110   1.00 18.56 ? 83  LEU A CD1 1 
ATOM   646  C CD2 . LEU A 1 83  ? 1.584   7.683   1.329   1.00 14.00 ? 83  LEU A CD2 1 
ATOM   647  N N   . LEU A 1 84  ? 4.544   9.144   -3.078  1.00 23.04 ? 84  LEU A N   1 
ATOM   648  C CA  . LEU A 1 84  ? 5.130   8.751   -4.380  1.00 22.29 ? 84  LEU A CA  1 
ATOM   649  C C   . LEU A 1 84  ? 6.658   8.733   -4.385  1.00 20.66 ? 84  LEU A C   1 
ATOM   650  O O   . LEU A 1 84  ? 7.194   8.506   -5.480  1.00 24.58 ? 84  LEU A O   1 
ATOM   651  C CB  . LEU A 1 84  ? 4.543   9.689   -5.446  1.00 15.41 ? 84  LEU A CB  1 
ATOM   652  C CG  . LEU A 1 84  ? 3.039   9.782   -5.574  1.00 17.33 ? 84  LEU A CG  1 
ATOM   653  C CD1 . LEU A 1 84  ? 2.808   10.932  -6.572  1.00 26.02 ? 84  LEU A CD1 1 
ATOM   654  C CD2 . LEU A 1 84  ? 2.364   8.521   -6.081  1.00 14.87 ? 84  LEU A CD2 1 
ATOM   655  N N   . THR A 1 85  ? 7.290   8.933   -3.258  1.00 19.86 ? 85  THR A N   1 
ATOM   656  C CA  . THR A 1 85  ? 8.771   8.943   -3.217  1.00 19.56 ? 85  THR A CA  1 
ATOM   657  C C   . THR A 1 85  ? 9.376   7.564   -3.289  1.00 26.17 ? 85  THR A C   1 
ATOM   658  O O   . THR A 1 85  ? 8.703   6.540   -3.059  1.00 20.75 ? 85  THR A O   1 
ATOM   659  C CB  . THR A 1 85  ? 9.129   9.795   -1.955  1.00 16.83 ? 85  THR A CB  1 
ATOM   660  O OG1 . THR A 1 85  ? 8.630   9.106   -0.775  1.00 21.59 ? 85  THR A OG1 1 
ATOM   661  C CG2 . THR A 1 85  ? 8.548   11.210  -2.085  1.00 19.53 ? 85  THR A CG2 1 
ATOM   662  N N   . ASP A 1 86  ? 10.668  7.542   -3.655  1.00 22.52 ? 86  ASP A N   1 
ATOM   663  C CA  . ASP A 1 86  ? 11.369  6.227   -3.815  1.00 21.46 ? 86  ASP A CA  1 
ATOM   664  C C   . ASP A 1 86  ? 11.493  5.645   -2.410  1.00 18.29 ? 86  ASP A C   1 
ATOM   665  O O   . ASP A 1 86  ? 11.388  4.422   -2.218  1.00 22.85 ? 86  ASP A O   1 
ATOM   666  C CB  . ASP A 1 86  ? 12.627  6.413   -4.640  1.00 22.60 ? 86  ASP A CB  1 
ATOM   667  C CG  . ASP A 1 86  ? 12.497  7.079   -6.006  1.00 73.41 ? 86  ASP A CG  1 
ATOM   668  O OD1 . ASP A 1 86  ? 11.501  6.957   -6.769  1.00 49.29 ? 86  ASP A OD1 1 
ATOM   669  O OD2 . ASP A 1 86  ? 13.415  7.802   -6.476  1.00 52.37 ? 86  ASP A OD2 1 
ATOM   670  N N   . ASP A 1 87  ? 11.678  6.531   -1.451  1.00 22.12 ? 87  ASP A N   1 
ATOM   671  C CA  . ASP A 1 87  ? 11.760  6.202   -0.015  1.00 20.90 ? 87  ASP A CA  1 
ATOM   672  C C   . ASP A 1 87  ? 10.311  5.899   0.451   1.00 22.28 ? 87  ASP A C   1 
ATOM   673  O O   . ASP A 1 87  ? 9.373   6.731   0.355   1.00 19.33 ? 87  ASP A O   1 
ATOM   674  C CB  . ASP A 1 87  ? 12.463  7.306   0.755   1.00 18.95 ? 87  ASP A CB  1 
ATOM   675  C CG  . ASP A 1 87  ? 12.253  7.213   2.264   1.00 24.06 ? 87  ASP A CG  1 
ATOM   676  O OD1 . ASP A 1 87  ? 12.533  6.163   2.828   1.00 37.86 ? 87  ASP A OD1 1 
ATOM   677  O OD2 . ASP A 1 87  ? 11.782  8.229   2.815   1.00 43.70 ? 87  ASP A OD2 1 
ATOM   678  N N   . LEU A 1 88  ? 10.165  4.700   0.978   1.00 20.68 ? 88  LEU A N   1 
ATOM   679  C CA  . LEU A 1 88  ? 8.853   4.158   1.388   1.00 17.76 ? 88  LEU A CA  1 
ATOM   680  C C   . LEU A 1 88  ? 8.391   4.564   2.810   1.00 22.55 ? 88  LEU A C   1 
ATOM   681  O O   . LEU A 1 88  ? 7.280   4.243   3.227   1.00 20.03 ? 88  LEU A O   1 
ATOM   682  C CB  . LEU A 1 88  ? 8.898   2.622   1.441   1.00 23.33 ? 88  LEU A CB  1 
ATOM   683  C CG  . LEU A 1 88  ? 8.641   1.925   0.097   1.00 35.04 ? 88  LEU A CG  1 
ATOM   684  C CD1 . LEU A 1 88  ? 9.708   2.235   -0.953  1.00 20.00 ? 88  LEU A CD1 1 
ATOM   685  C CD2 . LEU A 1 88  ? 8.619   0.393   0.219   1.00 20.00 ? 88  LEU A CD2 1 
ATOM   686  N N   . THR A 1 89  ? 9.286   5.283   3.625   1.00 15.56 ? 89  THR A N   1 
ATOM   687  C CA  . THR A 1 89  ? 8.873   5.570   4.993   1.00 17.13 ? 89  THR A CA  1 
ATOM   688  C C   . THR A 1 89  ? 7.491   6.137   5.253   1.00 16.51 ? 89  THR A C   1 
ATOM   689  O O   . THR A 1 89  ? 6.848   5.618   6.189   1.00 21.59 ? 89  THR A O   1 
ATOM   690  C CB  . THR A 1 89  ? 9.925   6.563   5.662   1.00 25.21 ? 89  THR A CB  1 
ATOM   691  O OG1 . THR A 1 89  ? 11.199  5.898   5.461   1.00 23.08 ? 89  THR A OG1 1 
ATOM   692  C CG2 . THR A 1 89  ? 9.558   6.856   7.111   1.00 27.19 ? 89  THR A CG2 1 
ATOM   693  N N   . VAL A 1 90  ? 7.085   7.158   4.540   1.00 16.33 ? 90  VAL A N   1 
ATOM   694  C CA  . VAL A 1 90  ? 5.782   7.780   4.786   1.00 18.01 ? 90  VAL A CA  1 
ATOM   695  C C   . VAL A 1 90  ? 4.690   6.839   4.243   1.00 19.61 ? 90  VAL A C   1 
ATOM   696  O O   . VAL A 1 90  ? 3.630   6.735   4.924   1.00 19.13 ? 90  VAL A O   1 
ATOM   697  C CB  . VAL A 1 90  ? 5.709   9.215   4.227   1.00 15.76 ? 90  VAL A CB  1 
ATOM   698  C CG1 . VAL A 1 90  ? 4.309   9.809   4.228   1.00 17.57 ? 90  VAL A CG1 1 
ATOM   699  C CG2 . VAL A 1 90  ? 6.697   10.112  4.968   1.00 18.77 ? 90  VAL A CG2 1 
ATOM   700  N N   . ALA A 1 91  ? 4.852   6.191   3.118   1.00 14.58 ? 91  ALA A N   1 
ATOM   701  C CA  . ALA A 1 91  ? 3.837   5.256   2.606   1.00 12.25 ? 91  ALA A CA  1 
ATOM   702  C C   . ALA A 1 91  ? 3.589   4.143   3.622   1.00 14.39 ? 91  ALA A C   1 
ATOM   703  O O   . ALA A 1 91  ? 2.442   3.746   3.836   1.00 17.68 ? 91  ALA A O   1 
ATOM   704  C CB  . ALA A 1 91  ? 4.235   4.644   1.268   1.00 12.15 ? 91  ALA A CB  1 
ATOM   705  N N   . ILE A 1 92  ? 4.663   3.643   4.222   1.00 15.37 ? 92  ILE A N   1 
ATOM   706  C CA  . ILE A 1 92  ? 4.579   2.520   5.191   1.00 23.16 ? 92  ILE A CA  1 
ATOM   707  C C   . ILE A 1 92  ? 3.873   3.007   6.460   1.00 18.42 ? 92  ILE A C   1 
ATOM   708  O O   . ILE A 1 92  ? 2.975   2.294   6.965   1.00 15.68 ? 92  ILE A O   1 
ATOM   709  C CB  . ILE A 1 92  ? 5.959   1.849   5.456   1.00 15.95 ? 92  ILE A CB  1 
ATOM   710  C CG1 . ILE A 1 92  ? 6.332   0.988   4.204   1.00 11.84 ? 92  ILE A CG1 1 
ATOM   711  C CG2 . ILE A 1 92  ? 6.012   1.004   6.751   1.00 15.11 ? 92  ILE A CG2 1 
ATOM   712  C CD1 . ILE A 1 92  ? 7.852   0.634   4.248   1.00 15.26 ? 92  ILE A CD1 1 
ATOM   713  N N   . ARG A 1 93  ? 4.234   4.183   6.912   1.00 13.44 ? 93  ARG A N   1 
ATOM   714  C CA  . ARG A 1 93  ? 3.563   4.689   8.097   1.00 20.90 ? 93  ARG A CA  1 
ATOM   715  C C   . ARG A 1 93  ? 2.080   4.847   7.861   1.00 21.96 ? 93  ARG A C   1 
ATOM   716  O O   . ARG A 1 93  ? 1.252   4.537   8.746   1.00 17.32 ? 93  ARG A O   1 
ATOM   717  C CB  . ARG A 1 93  ? 4.272   5.983   8.404   1.00 19.62 ? 93  ARG A CB  1 
ATOM   718  C CG  . ARG A 1 93  ? 3.588   6.870   9.441   1.00 54.80 ? 93  ARG A CG  1 
ATOM   719  C CD  . ARG A 1 93  ? 4.562   7.976   9.767   1.00 56.81 ? 93  ARG A CD  1 
ATOM   720  N NE  . ARG A 1 93  ? 5.875   7.432   9.447   1.00 53.23 ? 93  ARG A NE  1 
ATOM   721  C CZ  . ARG A 1 93  ? 7.085   7.879   9.757   1.00 73.41 ? 93  ARG A CZ  1 
ATOM   722  N NH1 . ARG A 1 93  ? 7.461   9.128   9.452   1.00 54.65 ? 93  ARG A NH1 1 
ATOM   723  N NH2 . ARG A 1 93  ? 7.915   7.025   10.393  1.00 50.03 ? 93  ARG A NH2 1 
ATOM   724  N N   . CYS A 1 94  ? 1.666   5.326   6.705   1.00 21.31 ? 94  CYS A N   1 
ATOM   725  C CA  . CYS A 1 94  ? 0.228   5.546   6.391   1.00 22.16 ? 94  CYS A CA  1 
ATOM   726  C C   . CYS A 1 94  ? -0.468  4.196   6.175   1.00 15.97 ? 94  CYS A C   1 
ATOM   727  O O   . CYS A 1 94  ? -1.585  4.037   6.743   1.00 17.60 ? 94  CYS A O   1 
ATOM   728  C CB  . CYS A 1 94  ? 0.096   6.568   5.243   1.00 17.32 ? 94  CYS A CB  1 
ATOM   729  S SG  . CYS A 1 94  ? -1.642  6.876   4.831   1.00 18.51 ? 94  CYS A SG  1 
ATOM   730  N N   . ALA A 1 95  ? 0.089   3.248   5.445   1.00 16.18 ? 95  ALA A N   1 
ATOM   731  C CA  . ALA A 1 95  ? -0.456  1.903   5.242   1.00 17.51 ? 95  ALA A CA  1 
ATOM   732  C C   . ALA A 1 95  ? -0.704  1.215   6.586   1.00 21.28 ? 95  ALA A C   1 
ATOM   733  O O   . ALA A 1 95  ? -1.690  0.530   6.867   1.00 14.93 ? 95  ALA A O   1 
ATOM   734  C CB  . ALA A 1 95  ? 0.496   1.066   4.392   1.00 13.67 ? 95  ALA A CB  1 
ATOM   735  N N   . LYS A 1 96  ? 0.222   1.375   7.543   1.00 18.01 ? 96  LYS A N   1 
ATOM   736  C CA  . LYS A 1 96  ? 0.108   0.859   8.914   1.00 20.73 ? 96  LYS A CA  1 
ATOM   737  C C   . LYS A 1 96  ? -1.131  1.472   9.591   1.00 27.05 ? 96  LYS A C   1 
ATOM   738  O O   . LYS A 1 96  ? -1.848  0.745   10.306  1.00 21.23 ? 96  LYS A O   1 
ATOM   739  C CB  . LYS A 1 96  ? 1.297   1.123   9.833   1.00 12.24 ? 96  LYS A CB  1 
ATOM   740  C CG  . LYS A 1 96  ? 2.487   0.244   9.480   1.00 24.59 ? 96  LYS A CG  1 
ATOM   741  C CD  . LYS A 1 96  ? 3.707   0.620   10.352  1.00 22.80 ? 96  LYS A CD  1 
ATOM   742  C CE  . LYS A 1 96  ? 4.902   -0.264  10.027  1.00 25.69 ? 96  LYS A CE  1 
ATOM   743  N NZ  . LYS A 1 96  ? 6.146   0.196   10.718  1.00 28.01 ? 96  LYS A NZ  1 
ATOM   744  N N   . ARG A 1 97  ? -1.391  2.748   9.381   1.00 16.41 ? 97  ARG A N   1 
ATOM   745  C CA  . ARG A 1 97  ? -2.553  3.439   9.942   1.00 17.37 ? 97  ARG A CA  1 
ATOM   746  C C   . ARG A 1 97  ? -3.830  2.925   9.242   1.00 23.97 ? 97  ARG A C   1 
ATOM   747  O O   . ARG A 1 97  ? -4.877  2.689   9.909   1.00 17.01 ? 97  ARG A O   1 
ATOM   748  C CB  . ARG A 1 97  ? -2.439  4.963   9.851   1.00 11.85 ? 97  ARG A CB  1 
ATOM   749  C CG  . ARG A 1 97  ? -3.818  5.632   10.120  1.00 18.24 ? 97  ARG A CG  1 
ATOM   750  C CD  . ARG A 1 97  ? -4.194  5.401   11.553  1.00 24.43 ? 97  ARG A CD  1 
ATOM   751  N NE  . ARG A 1 97  ? -5.501  5.904   11.924  1.00 20.99 ? 97  ARG A NE  1 
ATOM   752  C CZ  . ARG A 1 97  ? -6.673  5.312   11.629  1.00 20.34 ? 97  ARG A CZ  1 
ATOM   753  N NH1 . ARG A 1 97  ? -6.860  4.120   11.050  1.00 17.24 ? 97  ARG A NH1 1 
ATOM   754  N NH2 . ARG A 1 97  ? -7.793  5.996   11.936  1.00 23.16 ? 97  ARG A NH2 1 
ATOM   755  N N   . VAL A 1 98  ? -3.796  2.679   7.928   1.00 19.42 ? 98  VAL A N   1 
ATOM   756  C CA  . VAL A 1 98  ? -4.972  2.186   7.210   1.00 19.62 ? 98  VAL A CA  1 
ATOM   757  C C   . VAL A 1 98  ? -5.427  0.815   7.747   1.00 28.44 ? 98  VAL A C   1 
ATOM   758  O O   . VAL A 1 98  ? -6.665  0.691   7.909   1.00 18.79 ? 98  VAL A O   1 
ATOM   759  C CB  . VAL A 1 98  ? -4.761  2.104   5.683   1.00 16.62 ? 98  VAL A CB  1 
ATOM   760  C CG1 . VAL A 1 98  ? -5.930  1.413   4.940   1.00 18.93 ? 98  VAL A CG1 1 
ATOM   761  C CG2 . VAL A 1 98  ? -4.452  3.474   5.097   1.00 12.97 ? 98  VAL A CG2 1 
ATOM   762  N N   . VAL A 1 99  ? -4.500  -0.113  7.974   1.00 17.04 ? 99  VAL A N   1 
ATOM   763  C CA  . VAL A 1 99  ? -4.914  -1.436  8.438   1.00 16.90 ? 99  VAL A CA  1 
ATOM   764  C C   . VAL A 1 99  ? -5.376  -1.520  9.912   1.00 17.14 ? 99  VAL A C   1 
ATOM   765  O O   . VAL A 1 99  ? -5.837  -2.649  10.206  1.00 23.02 ? 99  VAL A O   1 
ATOM   766  C CB  . VAL A 1 99  ? -3.853  -2.565  8.248   1.00 18.01 ? 99  VAL A CB  1 
ATOM   767  C CG1 . VAL A 1 99  ? -3.807  -2.921  6.782   1.00 27.15 ? 99  VAL A CG1 1 
ATOM   768  C CG2 . VAL A 1 99  ? -2.536  -2.195  8.928   1.00 24.64 ? 99  VAL A CG2 1 
ATOM   769  N N   . LEU A 1 100 ? -5.295  -0.469  10.686  1.00 21.74 ? 100 LEU A N   1 
ATOM   770  C CA  . LEU A 1 100 ? -5.802  -0.463  12.056  1.00 29.31 ? 100 LEU A CA  1 
ATOM   771  C C   . LEU A 1 100 ? -7.328  -0.225  12.024  1.00 22.26 ? 100 LEU A C   1 
ATOM   772  O O   . LEU A 1 100 ? -7.913  -0.442  13.082  1.00 32.90 ? 100 LEU A O   1 
ATOM   773  C CB  . LEU A 1 100 ? -5.107  0.573   12.943  1.00 18.72 ? 100 LEU A CB  1 
ATOM   774  C CG  . LEU A 1 100 ? -3.617  0.470   13.091  1.00 17.22 ? 100 LEU A CG  1 
ATOM   775  C CD1 . LEU A 1 100 ? -3.148  1.678   13.916  1.00 20.60 ? 100 LEU A CD1 1 
ATOM   776  C CD2 . LEU A 1 100 ? -3.315  -0.870  13.739  1.00 22.51 ? 100 LEU A CD2 1 
ATOM   777  N N   . ASP A 1 101 ? -7.860  0.225   10.911  1.00 23.20 ? 101 ASP A N   1 
ATOM   778  C CA  . ASP A 1 101 ? -9.322  0.419   10.851  1.00 24.21 ? 101 ASP A CA  1 
ATOM   779  C C   . ASP A 1 101 ? -9.923  -0.993  10.832  1.00 23.14 ? 101 ASP A C   1 
ATOM   780  O O   . ASP A 1 101 ? -9.318  -2.038  10.542  1.00 24.21 ? 101 ASP A O   1 
ATOM   781  C CB  . ASP A 1 101 ? -9.704  1.342   9.699   1.00 23.94 ? 101 ASP A CB  1 
ATOM   782  C CG  . ASP A 1 101 ? -9.866  2.790   10.152  1.00 24.48 ? 101 ASP A CG  1 
ATOM   783  O OD1 . ASP A 1 101 ? -9.393  3.192   11.229  1.00 29.51 ? 101 ASP A OD1 1 
ATOM   784  O OD2 . ASP A 1 101 ? -10.500 3.555   9.396   1.00 30.29 ? 101 ASP A OD2 1 
ATOM   785  N N   . PRO A 1 102 ? -11.213 -1.035  11.161  1.00 22.60 ? 102 PRO A N   1 
ATOM   786  C CA  . PRO A 1 102 ? -11.979 -2.285  11.233  1.00 23.27 ? 102 PRO A CA  1 
ATOM   787  C C   . PRO A 1 102 ? -11.896 -3.162  9.999   1.00 23.26 ? 102 PRO A C   1 
ATOM   788  O O   . PRO A 1 102 ? -11.801 -4.404  10.184  1.00 26.06 ? 102 PRO A O   1 
ATOM   789  C CB  . PRO A 1 102 ? -13.384 -1.776  11.548  1.00 25.67 ? 102 PRO A CB  1 
ATOM   790  C CG  . PRO A 1 102 ? -13.091 -0.536  12.374  1.00 30.65 ? 102 PRO A CG  1 
ATOM   791  C CD  . PRO A 1 102 ? -12.036 0.146   11.510  1.00 23.65 ? 102 PRO A CD  1 
ATOM   792  N N   . ASN A 1 103 ? -11.777 -2.638  8.847   1.00 21.93 ? 103 ASN A N   1 
ATOM   793  C CA  . ASN A 1 103 ? -11.741 -3.524  7.673   1.00 21.32 ? 103 ASN A CA  1 
ATOM   794  C C   . ASN A 1 103 ? -10.360 -4.173  7.464   1.00 24.26 ? 103 ASN A C   1 
ATOM   795  O O   . ASN A 1 103 ? -10.194 -5.055  6.617   1.00 24.22 ? 103 ASN A O   1 
ATOM   796  C CB  . ASN A 1 103 ? -12.177 -2.774  6.435   1.00 25.27 ? 103 ASN A CB  1 
ATOM   797  C CG  . ASN A 1 103 ? -13.695 -2.691  6.379   1.00 34.38 ? 103 ASN A CG  1 
ATOM   798  O OD1 . ASN A 1 103 ? -14.362 -3.324  7.203   1.00 40.32 ? 103 ASN A OD1 1 
ATOM   799  N ND2 . ASN A 1 103 ? -14.284 -1.947  5.472   1.00 20.00 ? 103 ASN A ND2 1 
ATOM   800  N N   . GLY A 1 104 ? -9.334  -3.711  8.269   1.00 20.57 ? 104 GLY A N   1 
ATOM   801  C CA  . GLY A 1 104 ? -8.002  -4.339  8.101   1.00 17.79 ? 104 GLY A CA  1 
ATOM   802  C C   . GLY A 1 104 ? -7.542  -4.241  6.644   1.00 23.08 ? 104 GLY A C   1 
ATOM   803  O O   . GLY A 1 104 ? -7.826  -3.278  5.920   1.00 19.42 ? 104 GLY A O   1 
ATOM   804  N N   . ILE A 1 105 ? -6.759  -5.218  6.223   1.00 18.08 ? 105 ILE A N   1 
ATOM   805  C CA  . ILE A 1 105 ? -6.209  -5.198  4.850   1.00 21.56 ? 105 ILE A CA  1 
ATOM   806  C C   . ILE A 1 105 ? -7.313  -5.391  3.803   1.00 29.92 ? 105 ILE A C   1 
ATOM   807  O O   . ILE A 1 105 ? -6.934  -5.212  2.621   1.00 18.97 ? 105 ILE A O   1 
ATOM   808  C CB  . ILE A 1 105 ? -5.016  -6.220  4.762   1.00 17.03 ? 105 ILE A CB  1 
ATOM   809  C CG1 . ILE A 1 105 ? -4.106  -5.999  3.534   1.00 20.99 ? 105 ILE A CG1 1 
ATOM   810  C CG2 . ILE A 1 105 ? -5.594  -7.668  4.806   1.00 18.91 ? 105 ILE A CG2 1 
ATOM   811  C CD1 . ILE A 1 105 ? -2.748  -6.725  3.606   1.00 21.61 ? 105 ILE A CD1 1 
ATOM   812  N N   . GLY A 1 106 ? -8.550  -5.683  4.173   1.00 22.02 ? 106 GLY A N   1 
ATOM   813  C CA  . GLY A 1 106 ? -9.710  -5.876  3.307   1.00 13.65 ? 106 GLY A CA  1 
ATOM   814  C C   . GLY A 1 106 ? -10.070 -4.526  2.727   1.00 17.89 ? 106 GLY A C   1 
ATOM   815  O O   . GLY A 1 106 ? -10.854 -4.382  1.796   1.00 29.87 ? 106 GLY A O   1 
ATOM   816  N N   . ALA A 1 107 ? -9.452  -3.473  3.258   1.00 18.86 ? 107 ALA A N   1 
ATOM   817  C CA  . ALA A 1 107 ? -9.645  -2.117  2.733   1.00 15.93 ? 107 ALA A CA  1 
ATOM   818  C C   . ALA A 1 107 ? -9.168  -2.024  1.281   1.00 35.77 ? 107 ALA A C   1 
ATOM   819  O O   . ALA A 1 107 ? -9.659  -1.165  0.549   1.00 27.92 ? 107 ALA A O   1 
ATOM   820  C CB  . ALA A 1 107 ? -8.910  -1.085  3.577   1.00 20.05 ? 107 ALA A CB  1 
ATOM   821  N N   . TRP A 1 108 ? -8.185  -2.794  0.854   1.00 20.16 ? 108 TRP A N   1 
ATOM   822  C CA  . TRP A 1 108 ? -7.591  -2.813  -0.486  1.00 12.53 ? 108 TRP A CA  1 
ATOM   823  C C   . TRP A 1 108 ? -8.343  -3.790  -1.373  1.00 18.33 ? 108 TRP A C   1 
ATOM   824  O O   . TRP A 1 108 ? -8.360  -5.002  -1.102  1.00 22.56 ? 108 TRP A O   1 
ATOM   825  C CB  . TRP A 1 108 ? -6.112  -3.191  -0.431  1.00 21.88 ? 108 TRP A CB  1 
ATOM   826  C CG  . TRP A 1 108 ? -5.197  -2.096  -0.008  1.00 21.66 ? 108 TRP A CG  1 
ATOM   827  C CD1 . TRP A 1 108 ? -4.651  -1.127  -0.807  1.00 24.28 ? 108 TRP A CD1 1 
ATOM   828  C CD2 . TRP A 1 108 ? -4.735  -1.823  1.323   1.00 13.93 ? 108 TRP A CD2 1 
ATOM   829  N NE1 . TRP A 1 108 ? -3.859  -0.292  -0.044  1.00 25.78 ? 108 TRP A NE1 1 
ATOM   830  C CE2 . TRP A 1 108 ? -3.869  -0.686  1.266   1.00 17.91 ? 108 TRP A CE2 1 
ATOM   831  C CE3 . TRP A 1 108 ? -4.908  -2.439  2.561   1.00 24.95 ? 108 TRP A CE3 1 
ATOM   832  C CZ2 . TRP A 1 108 ? -3.239  -0.162  2.384   1.00 18.55 ? 108 TRP A CZ2 1 
ATOM   833  C CZ3 . TRP A 1 108 ? -4.272  -1.923  3.678   1.00 24.77 ? 108 TRP A CZ3 1 
ATOM   834  C CH2 . TRP A 1 108 ? -3.444  -0.788  3.602   1.00 22.65 ? 108 TRP A CH2 1 
ATOM   835  N N   . VAL A 1 109 ? -8.946  -3.290  -2.431  1.00 22.59 ? 109 VAL A N   1 
ATOM   836  C CA  . VAL A 1 109 ? -9.713  -4.130  -3.364  1.00 21.50 ? 109 VAL A CA  1 
ATOM   837  C C   . VAL A 1 109 ? -8.781  -5.155  -3.989  1.00 20.89 ? 109 VAL A C   1 
ATOM   838  O O   . VAL A 1 109 ? -9.279  -6.295  -4.121  1.00 22.04 ? 109 VAL A O   1 
ATOM   839  C CB  . VAL A 1 109 ? -10.423 -3.343  -4.470  1.00 23.19 ? 109 VAL A CB  1 
ATOM   840  C CG1 . VAL A 1 109 ? -11.262 -4.280  -5.349  1.00 29.32 ? 109 VAL A CG1 1 
ATOM   841  C CG2 . VAL A 1 109 ? -11.273 -2.218  -3.937  1.00 30.02 ? 109 VAL A CG2 1 
ATOM   842  N N   . ALA A 1 110 ? -7.559  -4.770  -4.341  1.00 24.42 ? 110 ALA A N   1 
ATOM   843  C CA  . ALA A 1 110 ? -6.664  -5.748  -4.994  1.00 28.66 ? 110 ALA A CA  1 
ATOM   844  C C   . ALA A 1 110 ? -6.369  -6.930  -4.079  1.00 19.46 ? 110 ALA A C   1 
ATOM   845  O O   . ALA A 1 110 ? -6.187  -8.020  -4.681  1.00 17.76 ? 110 ALA A O   1 
ATOM   846  C CB  . ALA A 1 110 ? -5.358  -5.139  -5.454  1.00 22.14 ? 110 ALA A CB  1 
ATOM   847  N N   . TRP A 1 111 ? -6.311  -6.671  -2.775  1.00 24.40 ? 111 TRP A N   1 
ATOM   848  C CA  . TRP A 1 111 ? -6.038  -7.785  -1.827  1.00 17.21 ? 111 TRP A CA  1 
ATOM   849  C C   . TRP A 1 111 ? -7.262  -8.738  -1.826  1.00 17.78 ? 111 TRP A C   1 
ATOM   850  O O   . TRP A 1 111 ? -7.112  -9.979  -1.901  1.00 21.32 ? 111 TRP A O   1 
ATOM   851  C CB  . TRP A 1 111 ? -5.605  -7.215  -0.463  1.00 18.58 ? 111 TRP A CB  1 
ATOM   852  C CG  . TRP A 1 111 ? -5.295  -8.322  0.489   1.00 17.62 ? 111 TRP A CG  1 
ATOM   853  C CD1 . TRP A 1 111 ? -4.109  -8.976  0.753   1.00 13.23 ? 111 TRP A CD1 1 
ATOM   854  C CD2 . TRP A 1 111 ? -6.278  -8.964  1.321   1.00 19.77 ? 111 TRP A CD2 1 
ATOM   855  N NE1 . TRP A 1 111 ? -4.282  -9.957  1.707   1.00 18.94 ? 111 TRP A NE1 1 
ATOM   856  C CE2 . TRP A 1 111 ? -5.609  -9.963  2.060   1.00 24.23 ? 111 TRP A CE2 1 
ATOM   857  C CE3 . TRP A 1 111 ? -7.637  -8.718  1.514   1.00 21.05 ? 111 TRP A CE3 1 
ATOM   858  C CZ2 . TRP A 1 111 ? -6.286  -10.775 2.961   1.00 19.45 ? 111 TRP A CZ2 1 
ATOM   859  C CZ3 . TRP A 1 111 ? -8.320  -9.519  2.408   1.00 19.34 ? 111 TRP A CZ3 1 
ATOM   860  C CH2 . TRP A 1 111 ? -7.652  -10.516 3.110   1.00 17.61 ? 111 TRP A CH2 1 
ATOM   861  N N   . ARG A 1 112 ? -8.454  -8.182  -1.682  1.00 21.59 ? 112 ARG A N   1 
ATOM   862  C CA  . ARG A 1 112 ? -9.724  -8.954  -1.664  1.00 20.52 ? 112 ARG A CA  1 
ATOM   863  C C   . ARG A 1 112 ? -9.821  -9.854  -2.878  1.00 18.94 ? 112 ARG A C   1 
ATOM   864  O O   . ARG A 1 112 ? -10.123 -11.044 -2.762  1.00 21.49 ? 112 ARG A O   1 
ATOM   865  C CB  . ARG A 1 112 ? -10.936 -8.016  -1.560  1.00 15.00 ? 112 ARG A CB  1 
ATOM   866  C CG  . ARG A 1 112 ? -11.018 -7.440  -0.134  1.00 17.17 ? 112 ARG A CG  1 
ATOM   867  C CD  . ARG A 1 112 ? -12.393 -6.970  0.212   1.00 21.82 ? 112 ARG A CD  1 
ATOM   868  N NE  . ARG A 1 112 ? -13.170 -6.304  -0.833  1.00 27.74 ? 112 ARG A NE  1 
ATOM   869  C CZ  . ARG A 1 112 ? -13.124 -4.979  -1.064  1.00 28.13 ? 112 ARG A CZ  1 
ATOM   870  N NH1 . ARG A 1 112 ? -12.394 -4.139  -0.317  1.00 28.25 ? 112 ARG A NH1 1 
ATOM   871  N NH2 . ARG A 1 112 ? -13.838 -4.458  -2.075  1.00 28.08 ? 112 ARG A NH2 1 
ATOM   872  N N   . LEU A 1 113 ? -9.408  -9.290  -4.001  1.00 21.66 ? 113 LEU A N   1 
ATOM   873  C CA  . LEU A 1 113 ? -9.502  -9.913  -5.327  1.00 26.46 ? 113 LEU A CA  1 
ATOM   874  C C   . LEU A 1 113 ? -8.420  -10.975 -5.630  1.00 29.88 ? 113 LEU A C   1 
ATOM   875  O O   . LEU A 1 113 ? -8.731  -12.117 -5.998  1.00 23.21 ? 113 LEU A O   1 
ATOM   876  C CB  . LEU A 1 113 ? -9.374  -8.840  -6.399  1.00 27.23 ? 113 LEU A CB  1 
ATOM   877  C CG  . LEU A 1 113 ? -10.551 -8.852  -7.359  1.00 54.83 ? 113 LEU A CG  1 
ATOM   878  C CD1 . LEU A 1 113 ? -11.903 -8.743  -6.648  1.00 20.00 ? 113 LEU A CD1 1 
ATOM   879  C CD2 . LEU A 1 113 ? -10.513 -7.707  -8.366  1.00 20.00 ? 113 LEU A CD2 1 
ATOM   880  N N   . HIS A 1 114 ? -7.140  -10.597 -5.579  1.00 25.54 ? 114 HIS A N   1 
ATOM   881  C CA  . HIS A 1 114 ? -6.047  -11.516 -5.902  1.00 20.05 ? 114 HIS A CA  1 
ATOM   882  C C   . HIS A 1 114 ? -5.233  -12.153 -4.794  1.00 20.16 ? 114 HIS A C   1 
ATOM   883  O O   . HIS A 1 114 ? -4.476  -13.052 -5.181  1.00 23.15 ? 114 HIS A O   1 
ATOM   884  C CB  . HIS A 1 114 ? -4.953  -10.785 -6.745  1.00 24.98 ? 114 HIS A CB  1 
ATOM   885  C CG  . HIS A 1 114 ? -5.590  -10.136 -7.918  1.00 27.41 ? 114 HIS A CG  1 
ATOM   886  N ND1 . HIS A 1 114 ? -5.797  -8.786  -7.971  1.00 32.95 ? 114 HIS A ND1 1 
ATOM   887  C CD2 . HIS A 1 114 ? -6.045  -10.688 -9.065  1.00 24.82 ? 114 HIS A CD2 1 
ATOM   888  C CE1 . HIS A 1 114 ? -6.378  -8.484  -9.128  1.00 23.86 ? 114 HIS A CE1 1 
ATOM   889  N NE2 . HIS A 1 114 ? -6.517  -9.622  -9.782  1.00 31.87 ? 114 HIS A NE2 1 
ATOM   890  N N   . CYS A 1 115 ? -5.337  -11.777 -3.551  1.00 18.71 ? 115 CYS A N   1 
ATOM   891  C CA  . CYS A 1 115 ? -4.518  -12.316 -2.490  1.00 15.59 ? 115 CYS A CA  1 
ATOM   892  C C   . CYS A 1 115 ? -5.265  -13.058 -1.402  1.00 16.38 ? 115 CYS A C   1 
ATOM   893  O O   . CYS A 1 115 ? -4.653  -13.978 -0.842  1.00 27.06 ? 115 CYS A O   1 
ATOM   894  C CB  . CYS A 1 115 ? -3.772  -11.156 -1.775  1.00 12.06 ? 115 CYS A CB  1 
ATOM   895  S SG  . CYS A 1 115 ? -2.947  -10.007 -2.935  1.00 20.88 ? 115 CYS A SG  1 
ATOM   896  N N   . GLN A 1 116 ? -6.478  -12.563 -1.142  1.00 21.30 ? 116 GLN A N   1 
ATOM   897  C CA  . GLN A 1 116 ? -7.298  -13.206 -0.077  1.00 19.64 ? 116 GLN A CA  1 
ATOM   898  C C   . GLN A 1 116 ? -7.539  -14.684 -0.401  1.00 24.56 ? 116 GLN A C   1 
ATOM   899  O O   . GLN A 1 116 ? -7.931  -14.962 -1.565  1.00 25.67 ? 116 GLN A O   1 
ATOM   900  C CB  . GLN A 1 116 ? -8.611  -12.474 0.117   1.00 14.62 ? 116 GLN A CB  1 
ATOM   901  C CG  . GLN A 1 116 ? -9.493  -13.020 1.210   1.00 15.42 ? 116 GLN A CG  1 
ATOM   902  C CD  . GLN A 1 116 ? -10.738 -12.229 1.500   1.00 24.79 ? 116 GLN A CD  1 
ATOM   903  O OE1 . GLN A 1 116 ? -11.296 -12.304 2.613   1.00 28.89 ? 116 GLN A OE1 1 
ATOM   904  N NE2 . GLN A 1 116 ? -11.228 -11.424 0.568   1.00 22.61 ? 116 GLN A NE2 1 
ATOM   905  N N   . ASN A 1 117 ? -7.242  -15.556 0.566   1.00 33.86 ? 117 ASN A N   1 
ATOM   906  C CA  . ASN A 1 117 ? -7.450  -17.018 0.397   1.00 32.72 ? 117 ASN A CA  1 
ATOM   907  C C   . ASN A 1 117 ? -6.534  -17.729 -0.596  1.00 37.42 ? 117 ASN A C   1 
ATOM   908  O O   . ASN A 1 117 ? -6.812  -18.905 -0.973  1.00 37.79 ? 117 ASN A O   1 
ATOM   909  C CB  . ASN A 1 117 ? -8.908  -17.329 -0.043  1.00 24.43 ? 117 ASN A CB  1 
ATOM   910  C CG  . ASN A 1 117 ? -9.990  -17.028 0.969   1.00 28.31 ? 117 ASN A CG  1 
ATOM   911  O OD1 . ASN A 1 117 ? -9.775  -17.147 2.201   1.00 34.78 ? 117 ASN A OD1 1 
ATOM   912  N ND2 . ASN A 1 117 ? -11.177 -16.594 0.502   1.00 36.04 ? 117 ASN A ND2 1 
ATOM   913  N N   . GLN A 1 118 ? -5.503  -17.055 -1.057  1.00 30.76 ? 118 GLN A N   1 
ATOM   914  C CA  . GLN A 1 118 ? -4.589  -17.660 -2.052  1.00 26.34 ? 118 GLN A CA  1 
ATOM   915  C C   . GLN A 1 118 ? -3.288  -18.145 -1.447  1.00 30.66 ? 118 GLN A C   1 
ATOM   916  O O   . GLN A 1 118 ? -3.080  -17.819 -0.247  1.00 28.93 ? 118 GLN A O   1 
ATOM   917  C CB  . GLN A 1 118 ? -4.325  -16.641 -3.177  1.00 30.85 ? 118 GLN A CB  1 
ATOM   918  C CG  . GLN A 1 118 ? -4.729  -17.277 -4.517  1.00 57.91 ? 118 GLN A CG  1 
ATOM   919  C CD  . GLN A 1 118 ? -5.739  -16.412 -5.245  1.00 73.41 ? 118 GLN A CD  1 
ATOM   920  O OE1 . GLN A 1 118 ? -6.815  -16.135 -4.697  1.00 67.43 ? 118 GLN A OE1 1 
ATOM   921  N NE2 . GLN A 1 118 ? -5.348  -16.004 -6.461  1.00 73.41 ? 118 GLN A NE2 1 
ATOM   922  N N   . ASP A 1 119 ? -2.499  -18.884 -2.223  1.00 40.62 ? 119 ASP A N   1 
ATOM   923  C CA  . ASP A 1 119 ? -1.184  -19.323 -1.692  1.00 50.58 ? 119 ASP A CA  1 
ATOM   924  C C   . ASP A 1 119 ? -0.262  -18.129 -2.056  1.00 27.50 ? 119 ASP A C   1 
ATOM   925  O O   . ASP A 1 119 ? -0.096  -17.880 -3.271  1.00 37.86 ? 119 ASP A O   1 
ATOM   926  C CB  . ASP A 1 119 ? -0.545  -20.607 -2.174  1.00 59.65 ? 119 ASP A CB  1 
ATOM   927  C CG  . ASP A 1 119 ? 0.305   -21.302 -1.110  1.00 73.41 ? 119 ASP A CG  1 
ATOM   928  O OD1 . ASP A 1 119 ? 1.162   -20.626 -0.469  1.00 48.82 ? 119 ASP A OD1 1 
ATOM   929  O OD2 . ASP A 1 119 ? 0.100   -22.523 -0.894  1.00 66.59 ? 119 ASP A OD2 1 
ATOM   930  N N   . LEU A 1 120 ? 0.261   -17.488 -1.026  1.00 29.30 ? 120 LEU A N   1 
ATOM   931  C CA  . LEU A 1 120 ? 1.098   -16.295 -1.360  1.00 17.18 ? 120 LEU A CA  1 
ATOM   932  C C   . LEU A 1 120 ? 2.584   -16.560 -1.210  1.00 33.44 ? 120 LEU A C   1 
ATOM   933  O O   . LEU A 1 120 ? 3.395   -15.621 -1.286  1.00 29.95 ? 120 LEU A O   1 
ATOM   934  C CB  . LEU A 1 120 ? 0.499   -15.184 -0.506  1.00 20.64 ? 120 LEU A CB  1 
ATOM   935  C CG  . LEU A 1 120 ? -0.926  -14.710 -0.557  1.00 26.61 ? 120 LEU A CG  1 
ATOM   936  C CD1 . LEU A 1 120 ? -1.048  -13.400 0.212   1.00 29.32 ? 120 LEU A CD1 1 
ATOM   937  C CD2 . LEU A 1 120 ? -1.418  -14.396 -1.962  1.00 24.51 ? 120 LEU A CD2 1 
ATOM   938  N N   . ARG A 1 121 ? 2.950   -17.821 -1.087  1.00 36.08 ? 121 ARG A N   1 
ATOM   939  C CA  . ARG A 1 121 ? 4.386   -18.162 -0.910  1.00 24.70 ? 121 ARG A CA  1 
ATOM   940  C C   . ARG A 1 121 ? 5.240   -17.708 -2.076  1.00 28.22 ? 121 ARG A C   1 
ATOM   941  O O   . ARG A 1 121 ? 6.368   -17.216 -1.846  1.00 27.99 ? 121 ARG A O   1 
ATOM   942  C CB  . ARG A 1 121 ? 4.518   -19.667 -0.610  1.00 38.71 ? 121 ARG A CB  1 
ATOM   943  C CG  . ARG A 1 121 ? 5.422   -19.820 0.637   1.00 70.92 ? 121 ARG A CG  1 
ATOM   944  C CD  . ARG A 1 121 ? 5.233   -18.818 1.725   1.00 73.41 ? 121 ARG A CD  1 
ATOM   945  N NE  . ARG A 1 121 ? 6.427   -18.350 2.454   1.00 68.02 ? 121 ARG A NE  1 
ATOM   946  C CZ  . ARG A 1 121 ? 6.362   -17.572 3.561   1.00 68.43 ? 121 ARG A CZ  1 
ATOM   947  N NH1 . ARG A 1 121 ? 5.225   -16.939 3.906   1.00 65.93 ? 121 ARG A NH1 1 
ATOM   948  N NH2 . ARG A 1 121 ? 7.440   -17.432 4.354   1.00 69.79 ? 121 ARG A NH2 1 
ATOM   949  N N   . SER A 1 122 ? 4.713   -17.816 -3.287  1.00 18.87 ? 122 SER A N   1 
ATOM   950  C CA  . SER A 1 122 ? 5.486   -17.342 -4.422  1.00 26.09 ? 122 SER A CA  1 
ATOM   951  C C   . SER A 1 122 ? 5.922   -15.885 -4.334  1.00 35.96 ? 122 SER A C   1 
ATOM   952  O O   . SER A 1 122 ? 6.938   -15.520 -4.978  1.00 29.33 ? 122 SER A O   1 
ATOM   953  C CB  . SER A 1 122 ? 4.611   -17.502 -5.663  1.00 35.67 ? 122 SER A CB  1 
ATOM   954  O OG  . SER A 1 122 ? 3.296   -17.119 -5.285  1.00 39.53 ? 122 SER A OG  1 
ATOM   955  N N   . TYR A 1 123 ? 5.161   -15.065 -3.618  1.00 29.07 ? 123 TYR A N   1 
ATOM   956  C CA  . TYR A 1 123 ? 5.491   -13.620 -3.549  1.00 27.79 ? 123 TYR A CA  1 
ATOM   957  C C   . TYR A 1 123 ? 6.787   -13.324 -2.803  1.00 28.78 ? 123 TYR A C   1 
ATOM   958  O O   . TYR A 1 123 ? 7.377   -12.274 -3.121  1.00 27.48 ? 123 TYR A O   1 
ATOM   959  C CB  . TYR A 1 123 ? 4.331   -12.751 -2.948  1.00 17.23 ? 123 TYR A CB  1 
ATOM   960  C CG  . TYR A 1 123 ? 3.170   -12.702 -3.899  1.00 20.01 ? 123 TYR A CG  1 
ATOM   961  C CD1 . TYR A 1 123 ? 3.170   -11.791 -4.954  1.00 20.01 ? 123 TYR A CD1 1 
ATOM   962  C CD2 . TYR A 1 123 ? 2.095   -13.603 -3.782  1.00 20.01 ? 123 TYR A CD2 1 
ATOM   963  C CE1 . TYR A 1 123 ? 2.109   -11.736 -5.861  1.00 20.01 ? 123 TYR A CE1 1 
ATOM   964  C CE2 . TYR A 1 123 ? 1.032   -13.565 -4.688  1.00 20.01 ? 123 TYR A CE2 1 
ATOM   965  C CZ  . TYR A 1 123 ? 1.058   -12.640 -5.728  1.00 20.01 ? 123 TYR A CZ  1 
ATOM   966  O OH  . TYR A 1 123 ? -0.009  -12.600 -6.620  1.00 20.01 ? 123 TYR A OH  1 
ATOM   967  N N   . VAL A 1 124 ? 7.149   -14.201 -1.896  1.00 18.30 ? 124 VAL A N   1 
ATOM   968  C CA  . VAL A 1 124 ? 8.407   -14.019 -1.106  1.00 18.51 ? 124 VAL A CA  1 
ATOM   969  C C   . VAL A 1 124 ? 9.475   -15.056 -1.476  1.00 33.87 ? 124 VAL A C   1 
ATOM   970  O O   . VAL A 1 124 ? 10.594  -15.040 -0.912  1.00 23.88 ? 124 VAL A O   1 
ATOM   971  C CB  . VAL A 1 124 ? 8.047   -14.000 0.392   1.00 28.55 ? 124 VAL A CB  1 
ATOM   972  C CG1 . VAL A 1 124 ? 7.326   -12.710 0.732   1.00 29.24 ? 124 VAL A CG1 1 
ATOM   973  C CG2 . VAL A 1 124 ? 7.263   -15.242 0.825   1.00 25.11 ? 124 VAL A CG2 1 
ATOM   974  N N   . ALA A 1 125 ? 9.147   -15.934 -2.411  1.00 35.85 ? 125 ALA A N   1 
ATOM   975  C CA  . ALA A 1 125 ? 10.047  -16.999 -2.866  1.00 33.81 ? 125 ALA A CA  1 
ATOM   976  C C   . ALA A 1 125 ? 11.279  -16.377 -3.543  1.00 22.25 ? 125 ALA A C   1 
ATOM   977  O O   . ALA A 1 125 ? 11.239  -15.505 -4.398  1.00 29.92 ? 125 ALA A O   1 
ATOM   978  C CB  . ALA A 1 125 ? 9.382   -17.984 -3.810  1.00 33.76 ? 125 ALA A CB  1 
ATOM   979  N N   . GLY A 1 126 ? 12.388  -16.914 -3.043  1.00 21.92 ? 126 GLY A N   1 
ATOM   980  C CA  . GLY A 1 126 ? 13.765  -16.557 -3.387  1.00 23.17 ? 126 GLY A CA  1 
ATOM   981  C C   . GLY A 1 126 ? 14.313  -15.257 -2.766  1.00 25.76 ? 126 GLY A C   1 
ATOM   982  O O   . GLY A 1 126 ? 15.426  -14.847 -3.182  1.00 27.38 ? 126 GLY A O   1 
ATOM   983  N N   . CYS A 1 127 ? 13.583  -14.619 -1.855  1.00 25.13 ? 127 CYS A N   1 
ATOM   984  C CA  . CYS A 1 127 ? 14.002  -13.344 -1.267  1.00 14.60 ? 127 CYS A CA  1 
ATOM   985  C C   . CYS A 1 127 ? 14.928  -13.510 -0.072  1.00 17.61 ? 127 CYS A C   1 
ATOM   986  O O   . CYS A 1 127 ? 15.507  -12.486 0.336   1.00 25.20 ? 127 CYS A O   1 
ATOM   987  C CB  . CYS A 1 127 ? 12.734  -12.567 -0.897  1.00 15.98 ? 127 CYS A CB  1 
ATOM   988  S SG  . CYS A 1 127 ? 11.734  -12.250 -2.366  1.00 23.09 ? 127 CYS A SG  1 
ATOM   989  N N   . GLY A 1 128 ? 15.019  -14.705 0.490   1.00 25.00 ? 128 GLY A N   1 
ATOM   990  C CA  . GLY A 1 128 ? 15.872  -15.013 1.638   1.00 16.07 ? 128 GLY A CA  1 
ATOM   991  C C   . GLY A 1 128 ? 15.564  -14.163 2.873   1.00 31.54 ? 128 GLY A C   1 
ATOM   992  O O   . GLY A 1 128 ? 16.424  -13.669 3.617   1.00 34.55 ? 128 GLY A O   1 
ATOM   993  N N   . VAL A 1 129 ? 14.258  -13.976 3.063   1.00 28.69 ? 129 VAL A N   1 
ATOM   994  C CA  . VAL A 1 129 ? 13.592  -13.236 4.140   1.00 29.16 ? 129 VAL A CA  1 
ATOM   995  C C   . VAL A 1 129 ? 12.310  -14.034 4.565   1.00 43.17 ? 129 VAL A C   1 
ATOM   996  O O   . VAL A 1 129 ? 12.280  -14.035 5.841   1.00 44.01 ? 129 VAL A O   1 
ATOM   997  C CB  . VAL A 1 129 ? 13.184  -11.775 3.858   1.00 30.80 ? 129 VAL A CB  1 
ATOM   998  C CG1 . VAL A 1 129 ? 14.380  -10.834 3.742   1.00 36.35 ? 129 VAL A CG1 1 
ATOM   999  C CG2 . VAL A 1 129 ? 12.267  -11.733 2.646   1.00 39.23 ? 129 VAL A CG2 1 
HETATM 1000 O O   . HOH B 2 .   ? 10.014  -7.872  -9.637  1.00 31.64 ? 130 HOH A O   1 
HETATM 1001 O O   . HOH B 2 .   ? 12.904  -10.426 -7.547  1.00 46.35 ? 131 HOH A O   1 
HETATM 1002 O O   . HOH B 2 .   ? 8.754   -7.093  9.603   1.00 20.89 ? 132 HOH A O   1 
HETATM 1003 O O   . HOH B 2 .   ? 10.105  2.673   7.406   1.00 43.62 ? 133 HOH A O   1 
HETATM 1004 O O   . HOH B 2 .   ? -1.521  -17.089 -5.657  1.00 55.87 ? 134 HOH A O   1 
HETATM 1005 O O   . HOH B 2 .   ? -2.045  -14.065 -6.286  1.00 35.90 ? 135 HOH A O   1 
HETATM 1006 O O   . HOH B 2 .   ? -1.687  -12.960 7.487   1.00 31.62 ? 136 HOH A O   1 
HETATM 1007 O O   . HOH B 2 .   ? -1.574  0.995   -10.973 1.00 43.22 ? 137 HOH A O   1 
HETATM 1008 O O   . HOH B 2 .   ? 9.621   -4.915  -10.405 1.00 32.02 ? 138 HOH A O   1 
HETATM 1009 O O   . HOH B 2 .   ? 7.169   -4.127  -11.816 1.00 29.58 ? 139 HOH A O   1 
HETATM 1010 O O   . HOH B 2 .   ? 13.033  9.416   -2.073  1.00 32.24 ? 140 HOH A O   1 
HETATM 1011 O O   . HOH B 2 .   ? -4.473  -0.471  -9.579  1.00 59.10 ? 141 HOH A O   1 
HETATM 1012 O O   . HOH B 2 .   ? -5.617  2.040   -7.885  1.00 37.82 ? 142 HOH A O   1 
HETATM 1013 O O   . HOH B 2 .   ? -3.430  9.848   -12.788 1.00 37.43 ? 143 HOH A O   1 
HETATM 1014 O O   . HOH B 2 .   ? 4.385   4.668   -2.314  1.00 21.78 ? 144 HOH A O   1 
HETATM 1015 O O   . HOH B 2 .   ? 6.679   5.656   -1.374  1.00 19.77 ? 145 HOH A O   1 
HETATM 1016 O O   . HOH B 2 .   ? 6.627   7.331   1.005   1.00 16.38 ? 146 HOH A O   1 
HETATM 1017 O O   . HOH B 2 .   ? 9.150   8.801   2.833   1.00 24.24 ? 147 HOH A O   1 
HETATM 1018 O O   . HOH B 2 .   ? 8.009   10.728  1.481   1.00 27.59 ? 148 HOH A O   1 
HETATM 1019 O O   . HOH B 2 .   ? -12.851 5.569   -5.411  1.00 45.37 ? 149 HOH A O   1 
HETATM 1020 O O   . HOH B 2 .   ? -12.817 7.070   -2.340  1.00 26.13 ? 150 HOH A O   1 
HETATM 1021 O O   . HOH B 2 .   ? -12.622 -0.307  3.906   1.00 37.72 ? 151 HOH A O   1 
HETATM 1022 O O   . HOH B 2 .   ? -10.637 0.919   6.007   1.00 25.02 ? 152 HOH A O   1 
HETATM 1023 O O   . HOH B 2 .   ? -12.497 -0.080  8.253   1.00 30.12 ? 153 HOH A O   1 
HETATM 1024 O O   . HOH B 2 .   ? -8.984  -0.695  6.806   1.00 22.86 ? 154 HOH A O   1 
HETATM 1025 O O   . HOH B 2 .   ? -14.657 12.307  -3.155  1.00 42.68 ? 155 HOH A O   1 
HETATM 1026 O O   . HOH B 2 .   ? -8.604  17.569  -1.087  1.00 29.00 ? 156 HOH A O   1 
HETATM 1027 O O   . HOH B 2 .   ? -7.394  15.091  -0.721  1.00 28.25 ? 157 HOH A O   1 
HETATM 1028 O O   . HOH B 2 .   ? -10.238 15.243  -9.050  1.00 44.46 ? 158 HOH A O   1 
HETATM 1029 O O   . HOH B 2 .   ? -9.541  18.185  -11.540 1.00 58.33 ? 159 HOH A O   1 
HETATM 1030 O O   . HOH B 2 .   ? -3.157  14.189  -8.297  1.00 21.81 ? 160 HOH A O   1 
HETATM 1031 O O   . HOH B 2 .   ? -7.903  13.540  -6.777  1.00 16.03 ? 161 HOH A O   1 
HETATM 1032 O O   . HOH B 2 .   ? -6.991  3.230   0.492   1.00 22.09 ? 162 HOH A O   1 
HETATM 1033 O O   . HOH B 2 .   ? -10.132 2.810   2.332   1.00 31.99 ? 163 HOH A O   1 
HETATM 1034 O O   . HOH B 2 .   ? 16.753  -10.790 -1.137  1.00 31.58 ? 164 HOH A O   1 
HETATM 1035 O O   . HOH B 2 .   ? 6.239   -14.206 6.610   1.00 44.36 ? 165 HOH A O   1 
HETATM 1036 O O   . HOH B 2 .   ? -19.764 9.069   -4.437  1.00 67.37 ? 166 HOH A O   1 
HETATM 1037 O O   . HOH B 2 .   ? 1.313   4.169   -1.236  1.00 19.16 ? 167 HOH A O   1 
HETATM 1038 O O   . HOH B 2 .   ? -2.152  20.347  -2.866  1.00 23.89 ? 168 HOH A O   1 
HETATM 1039 O O   . HOH B 2 .   ? -6.226  18.802  -11.116 1.00 34.01 ? 169 HOH A O   1 
HETATM 1040 O O   . HOH B 2 .   ? -12.918 8.364   7.912   1.00 61.00 ? 170 HOH A O   1 
HETATM 1041 O O   . HOH B 2 .   ? -11.094 6.603   9.451   1.00 50.33 ? 171 HOH A O   1 
HETATM 1042 O O   . HOH B 2 .   ? 2.774   18.527  -2.140  1.00 23.01 ? 172 HOH A O   1 
HETATM 1043 O O   . HOH B 2 .   ? -0.877  17.409  5.373   1.00 39.40 ? 173 HOH A O   1 
HETATM 1044 O O   . HOH B 2 .   ? 5.733   18.556  0.109   1.00 31.96 ? 174 HOH A O   1 
HETATM 1045 O O   . HOH B 2 .   ? 5.774   16.466  -0.919  1.00 33.24 ? 175 HOH A O   1 
HETATM 1046 O O   . HOH B 2 .   ? 6.364   14.096  -3.775  1.00 44.00 ? 176 HOH A O   1 
HETATM 1047 O O   . HOH B 2 .   ? 1.122   9.076   8.612   1.00 35.17 ? 177 HOH A O   1 
HETATM 1048 O O   . HOH B 2 .   ? -0.384  7.707   10.602  1.00 39.80 ? 178 HOH A O   1 
HETATM 1049 O O   . HOH B 2 .   ? 2.905   8.842   7.065   1.00 38.59 ? 179 HOH A O   1 
HETATM 1050 O O   . HOH B 2 .   ? 1.284   4.658   11.520  1.00 34.06 ? 180 HOH A O   1 
HETATM 1051 O O   . HOH B 2 .   ? 0.037   2.970   13.039  1.00 36.30 ? 181 HOH A O   1 
HETATM 1052 O O   . HOH B 2 .   ? -2.791  23.956  0.051   1.00 30.43 ? 182 HOH A O   1 
HETATM 1053 O O   . HOH B 2 .   ? -3.590  20.948  -0.678  1.00 31.68 ? 183 HOH A O   1 
HETATM 1054 O O   . HOH B 2 .   ? 7.894   4.001   8.120   1.00 26.82 ? 184 HOH A O   1 
HETATM 1055 O O   . HOH B 2 .   ? 6.331   2.743   10.295  1.00 30.00 ? 185 HOH A O   1 
HETATM 1056 O O   . HOH B 2 .   ? 14.119  4.055   4.109   1.00 46.22 ? 186 HOH A O   1 
HETATM 1057 O O   . HOH B 2 .   ? 14.594  1.583   0.152   1.00 56.92 ? 187 HOH A O   1 
HETATM 1058 O O   . HOH B 2 .   ? 15.295  -0.720  -0.920  1.00 48.61 ? 188 HOH A O   1 
HETATM 1059 O O   . HOH B 2 .   ? 19.786  -6.080  1.310   1.00 30.56 ? 189 HOH A O   1 
HETATM 1060 O O   . HOH B 2 .   ? 11.553  2.734   4.327   1.00 45.82 ? 190 HOH A O   1 
HETATM 1061 O O   . HOH B 2 .   ? 12.323  2.926   1.629   1.00 30.08 ? 191 HOH A O   1 
HETATM 1062 O O   . HOH B 2 .   ? 11.952  0.248   4.438   1.00 45.33 ? 192 HOH A O   1 
HETATM 1063 O O   . HOH B 2 .   ? 15.014  -0.008  4.291   1.00 40.12 ? 193 HOH A O   1 
HETATM 1064 O O   . HOH B 2 .   ? 4.508   10.536  8.264   1.00 37.53 ? 194 HOH A O   1 
HETATM 1065 O O   . HOH B 2 .   ? -6.205  -7.286  8.313   1.00 26.17 ? 196 HOH A O   1 
HETATM 1066 O O   . HOH B 2 .   ? -10.244 -2.214  16.222  1.00 30.54 ? 197 HOH A O   1 
HETATM 1067 O O   . HOH B 2 .   ? -5.991  -5.963  10.704  1.00 48.05 ? 198 HOH A O   1 
HETATM 1068 O O   . HOH B 2 .   ? -11.776 4.016   6.535   1.00 39.38 ? 199 HOH A O   1 
HETATM 1069 O O   . HOH B 2 .   ? -11.847 -5.233  13.831  1.00 48.97 ? 200 HOH A O   1 
HETATM 1070 O O   . HOH B 2 .   ? -7.575  -0.587  -3.186  1.00 40.21 ? 201 HOH A O   1 
HETATM 1071 O O   . HOH B 2 .   ? -7.373  1.775   -4.412  1.00 49.44 ? 202 HOH A O   1 
HETATM 1072 O O   . HOH B 2 .   ? -13.693 -3.924  2.780   1.00 42.68 ? 203 HOH A O   1 
HETATM 1073 O O   . HOH B 2 .   ? -15.929 -3.144  -5.305  1.00 43.76 ? 204 HOH A O   1 
HETATM 1074 O O   . HOH B 2 .   ? -4.164  -14.273 2.671   1.00 40.66 ? 205 HOH A O   1 
HETATM 1075 O O   . HOH B 2 .   ? -13.528 -15.016 3.145   1.00 59.02 ? 206 HOH A O   1 
HETATM 1076 O O   . HOH B 2 .   ? -11.660 -11.780 7.309   1.00 53.61 ? 207 HOH A O   1 
HETATM 1077 O O   . HOH B 2 .   ? 13.642  -18.297 0.029   1.00 54.56 ? 208 HOH A O   1 
HETATM 1078 O O   . HOH B 2 .   ? 17.989  -16.670 -0.591  1.00 50.22 ? 209 HOH A O   1 
HETATM 1079 O O   . HOH B 2 .   ? 17.795  -14.182 -2.264  1.00 41.41 ? 210 HOH A O   1 
HETATM 1080 O O   . HOH B 2 .   ? 19.969  -15.140 -3.503  1.00 64.32 ? 211 HOH A O   1 
HETATM 1081 O O   . HOH B 2 .   ? 15.590  -12.130 -5.640  1.00 57.28 ? 212 HOH A O   1 
HETATM 1082 O O   . HOH B 2 .   ? 12.590  -17.827 -6.782  1.00 53.58 ? 213 HOH A O   1 
HETATM 1083 O O   . HOH B 2 .   ? 10.905  -20.502 -7.125  1.00 56.64 ? 214 HOH A O   1 
HETATM 1084 O O   . HOH B 2 .   ? 10.767  -16.628 -8.620  1.00 53.74 ? 215 HOH A O   1 
HETATM 1085 O O   . HOH B 2 .   ? 11.669  -15.094 1.217   1.00 38.54 ? 216 HOH A O   1 
HETATM 1086 O O   . HOH B 2 .   ? -9.716  -13.952 4.751   1.00 43.05 ? 217 HOH A O   1 
HETATM 1087 O O   . HOH B 2 .   ? 7.727   -16.118 -7.230  1.00 46.68 ? 218 HOH A O   1 
HETATM 1088 O O   . HOH B 2 .   ? 6.661   -21.263 -3.979  1.00 59.34 ? 219 HOH A O   1 
HETATM 1089 O O   . HOH B 2 .   ? 12.961  -1.859  -11.303 1.00 40.20 ? 220 HOH A O   1 
HETATM 1090 O O   . HOH B 2 .   ? 6.450   -2.470  -13.845 1.00 57.40 ? 221 HOH A O   1 
HETATM 1091 O O   . HOH B 2 .   ? -0.402  -2.115  -12.223 1.00 56.18 ? 222 HOH A O   1 
HETATM 1092 O O   . HOH B 2 .   ? -5.666  7.783   -13.622 1.00 48.11 ? 223 HOH A O   1 
HETATM 1093 O O   . HOH B 2 .   ? -7.672  21.886  -7.428  1.00 44.39 ? 224 HOH A O   1 
HETATM 1094 O O   . HOH B 2 .   ? -5.985  20.839  -9.345  1.00 31.04 ? 225 HOH A O   1 
HETATM 1095 O O   . HOH B 2 .   ? -19.804 10.409  -10.469 1.00 61.70 ? 226 HOH A O   1 
HETATM 1096 O O   . HOH B 2 .   ? 2.247   18.074  4.798   1.00 54.10 ? 227 HOH A O   1 
HETATM 1097 O O   . HOH B 2 .   ? -9.740  0.452   14.784  1.00 29.47 ? 228 HOH A O   1 
HETATM 1098 O O   . HOH B 2 .   ? -5.166  -13.310 -9.077  1.00 51.24 ? 229 HOH A O   1 
HETATM 1099 O O   . HOH B 2 .   ? -11.585 -13.469 -11.394 1.00 49.89 ? 230 HOH A O   1 
HETATM 1100 O O   . HOH B 2 .   ? -17.303 10.754  -1.996  1.00 55.29 ? 231 HOH A O   1 
HETATM 1101 O O   . HOH B 2 .   ? 7.658   12.688  2.503   1.00 40.77 ? 232 HOH A O   1 
HETATM 1102 O O   . HOH B 2 .   ? -8.952  -24.253 -1.291  1.00 42.98 ? 233 HOH A O   1 
HETATM 1103 O O   . HOH B 2 .   ? 4.234   -7.146  -11.554 1.00 53.28 ? 234 HOH A O   1 
HETATM 1104 O O   . HOH B 2 .   ? 11.761  10.736  1.209   1.00 62.14 ? 235 HOH A O   1 
HETATM 1105 O O   . HOH B 2 .   ? -11.475 20.301  -2.922  1.00 48.58 ? 236 HOH A O   1 
HETATM 1106 O O   . HOH B 2 .   ? -12.667 2.618   2.324   1.00 34.15 ? 237 HOH A O   1 
HETATM 1107 O O   . HOH B 2 .   ? -10.204 2.400   -1.189  1.00 39.58 ? 238 HOH A O   1 
HETATM 1108 O O   . HOH B 2 .   ? -14.127 4.314   6.363   1.00 43.10 ? 239 HOH A O   1 
HETATM 1109 O O   . HOH B 2 .   ? -12.333 15.539  -12.545 1.00 63.51 ? 240 HOH A O   1 
HETATM 1110 O O   . HOH B 2 .   ? 8.532   -13.801 5.034   1.00 43.87 ? 241 HOH A O   1 
HETATM 1111 O O   . HOH B 2 .   ? -2.094  19.349  3.977   1.00 41.91 ? 242 HOH A O   1 
HETATM 1112 O O   . HOH B 2 .   ? -1.354  5.844   14.468  1.00 48.81 ? 243 HOH A O   1 
HETATM 1113 O O   . HOH B 2 .   ? -9.062  -3.293  14.038  1.00 39.89 ? 244 HOH A O   1 
HETATM 1114 O O   . HOH B 2 .   ? -9.566  2.347   -5.523  1.00 44.09 ? 245 HOH A O   1 
HETATM 1115 O O   . HOH B 2 .   ? 2.620   -5.849  -13.128 1.00 58.53 ? 246 HOH A O   1 
HETATM 1116 O O   . HOH B 2 .   ? -12.656 3.749   4.420   1.00 32.22 ? 247 HOH A O   1 
HETATM 1117 O O   . HOH B 2 .   ? 16.778  -8.743  -5.170  1.00 48.40 ? 248 HOH A O   1 
HETATM 1118 O O   . HOH B 2 .   ? -4.020  3.551   -12.659 1.00 43.08 ? 249 HOH A O   1 
HETATM 1119 O O   . HOH B 2 .   ? -8.390  16.615  2.516   1.00 50.80 ? 250 HOH A O   1 
HETATM 1120 O O   . HOH B 2 .   ? 9.989   -16.614 4.021   1.00 51.51 ? 251 HOH A O   1 
HETATM 1121 O O   . HOH B 2 .   ? -14.319 4.372   9.565   1.00 54.30 ? 252 HOH A O   1 
HETATM 1122 O O   . HOH B 2 .   ? 13.719  2.235   7.574   1.00 55.91 ? 253 HOH A O   1 
HETATM 1123 O O   . HOH B 2 .   ? 7.321   -19.242 -7.209  1.00 50.94 ? 254 HOH A O   1 
HETATM 1124 O O   . HOH B 2 .   ? -5.505  18.659  5.599   1.00 51.00 ? 255 HOH A O   1 
HETATM 1125 O O   . HOH B 2 .   ? 8.928   4.576   12.532  1.00 60.02 ? 256 HOH A O   1 
HETATM 1126 O O   . HOH B 2 .   ? 5.223   13.215  7.103   1.00 38.02 ? 295 HOH A O   1 
# 
